data_2MEW
#
_entry.id   2MEW
#
_entity_poly.entity_id   1
_entity_poly.type   'polypeptide(L)'
_entity_poly.pdbx_seq_one_letter_code
;SMGGQKIRIKLKAYDHELLDESAKKIVEVAKSTNSKVSGPIPLPTESRVHKRLIDIIDPSPKTIDALMRINLPAGVDVEI
KL
;
_entity_poly.pdbx_strand_id   A
#
# COMPACT_ATOMS: atom_id res chain seq x y z
N SER A 1 -9.18 -18.92 5.70
CA SER A 1 -8.13 -19.97 5.59
C SER A 1 -7.01 -19.68 6.59
N MET A 2 -6.10 -20.60 6.76
CA MET A 2 -4.99 -20.38 7.73
C MET A 2 -4.18 -19.14 7.30
N GLY A 3 -4.05 -18.92 6.02
CA GLY A 3 -3.29 -17.73 5.55
C GLY A 3 -1.82 -17.87 5.97
N GLY A 4 -1.29 -16.87 6.60
CA GLY A 4 0.14 -16.94 7.04
C GLY A 4 1.03 -16.33 5.96
N GLN A 5 0.45 -15.69 4.98
CA GLN A 5 1.27 -15.08 3.89
C GLN A 5 1.26 -13.56 4.04
N LYS A 6 2.31 -12.91 3.65
CA LYS A 6 2.35 -11.42 3.77
C LYS A 6 2.37 -10.80 2.37
N ILE A 7 1.70 -9.68 2.19
CA ILE A 7 1.69 -9.04 0.85
C ILE A 7 2.35 -7.66 0.95
N ARG A 8 3.16 -7.32 -0.02
CA ARG A 8 3.84 -5.99 0.02
C ARG A 8 3.41 -5.17 -1.21
N ILE A 9 3.11 -3.91 -1.01
CA ILE A 9 2.67 -3.06 -2.16
C ILE A 9 3.65 -1.89 -2.30
N LYS A 10 4.14 -1.65 -3.49
CA LYS A 10 5.08 -0.52 -3.70
C LYS A 10 4.33 0.67 -4.28
N LEU A 11 4.52 1.84 -3.73
CA LEU A 11 3.82 3.04 -4.25
C LEU A 11 4.83 3.98 -4.92
N LYS A 12 4.52 4.49 -6.07
CA LYS A 12 5.47 5.41 -6.76
C LYS A 12 4.76 6.71 -7.12
N ALA A 13 5.43 7.82 -7.00
CA ALA A 13 4.79 9.12 -7.34
C ALA A 13 5.84 10.23 -7.30
N TYR A 14 5.70 11.22 -8.14
CA TYR A 14 6.70 12.34 -8.15
C TYR A 14 6.60 13.12 -6.84
N ASP A 15 5.41 13.35 -6.37
CA ASP A 15 5.25 14.12 -5.09
C ASP A 15 5.14 13.14 -3.92
N HIS A 16 6.11 13.13 -3.05
CA HIS A 16 6.06 12.19 -1.88
C HIS A 16 4.79 12.46 -1.07
N GLU A 17 4.42 13.71 -0.94
CA GLU A 17 3.20 14.04 -0.16
C GLU A 17 2.02 13.21 -0.69
N LEU A 18 1.76 13.29 -1.96
CA LEU A 18 0.63 12.51 -2.53
C LEU A 18 0.81 11.03 -2.21
N LEU A 19 1.98 10.50 -2.45
CA LEU A 19 2.23 9.06 -2.14
C LEU A 19 2.04 8.83 -0.64
N ASP A 20 2.35 9.80 0.16
CA ASP A 20 2.20 9.64 1.63
C ASP A 20 0.72 9.50 1.98
N GLU A 21 -0.12 10.25 1.32
CA GLU A 21 -1.58 10.16 1.61
C GLU A 21 -2.12 8.81 1.12
N SER A 22 -1.66 8.35 -0.01
CA SER A 22 -2.13 7.05 -0.53
C SER A 22 -1.70 5.92 0.41
N ALA A 23 -0.47 5.94 0.84
CA ALA A 23 0.02 4.87 1.76
C ALA A 23 -0.72 4.98 3.09
N LYS A 24 -0.81 6.16 3.64
CA LYS A 24 -1.53 6.32 4.94
C LYS A 24 -3.01 5.99 4.74
N LYS A 25 -3.60 6.47 3.69
CA LYS A 25 -5.04 6.17 3.44
C LYS A 25 -5.25 4.67 3.33
N ILE A 26 -4.46 4.00 2.53
CA ILE A 26 -4.61 2.53 2.38
C ILE A 26 -4.38 1.86 3.74
N VAL A 27 -3.40 2.31 4.48
CA VAL A 27 -3.13 1.70 5.81
C VAL A 27 -4.38 1.79 6.68
N GLU A 28 -5.04 2.90 6.69
CA GLU A 28 -6.27 3.05 7.52
C GLU A 28 -7.33 2.07 7.02
N VAL A 29 -7.49 1.96 5.73
CA VAL A 29 -8.51 1.01 5.20
C VAL A 29 -8.04 -0.42 5.41
N ALA A 30 -6.78 -0.68 5.19
CA ALA A 30 -6.26 -2.07 5.37
C ALA A 30 -6.36 -2.45 6.85
N LYS A 31 -5.91 -1.59 7.73
CA LYS A 31 -5.97 -1.90 9.19
C LYS A 31 -7.42 -2.21 9.56
N SER A 32 -8.36 -1.49 9.02
CA SER A 32 -9.79 -1.74 9.36
C SER A 32 -10.14 -3.20 9.05
N THR A 33 -9.50 -3.77 8.07
CA THR A 33 -9.80 -5.20 7.73
C THR A 33 -9.16 -6.11 8.77
N ASN A 34 -9.62 -7.34 8.86
CA ASN A 34 -9.03 -8.27 9.86
C ASN A 34 -7.53 -8.39 9.62
N SER A 35 -7.10 -8.34 8.38
CA SER A 35 -5.65 -8.45 8.09
C SER A 35 -4.91 -7.27 8.73
N LYS A 36 -3.64 -7.41 8.97
CA LYS A 36 -2.86 -6.31 9.60
C LYS A 36 -1.87 -5.75 8.58
N VAL A 37 -1.57 -4.48 8.64
CA VAL A 37 -0.61 -3.88 7.68
C VAL A 37 0.55 -3.24 8.45
N SER A 38 1.76 -3.39 7.96
CA SER A 38 2.92 -2.78 8.67
C SER A 38 3.51 -1.68 7.79
N GLY A 39 3.93 -0.59 8.40
CA GLY A 39 4.53 0.52 7.60
C GLY A 39 3.73 1.80 7.83
N PRO A 40 3.68 2.68 6.82
CA PRO A 40 4.35 2.44 5.53
C PRO A 40 5.87 2.55 5.66
N ILE A 41 6.60 1.77 4.90
CA ILE A 41 8.08 1.83 4.98
C ILE A 41 8.61 2.72 3.86
N PRO A 42 9.32 3.80 4.23
CA PRO A 42 9.88 4.75 3.27
C PRO A 42 11.07 4.14 2.51
N LEU A 43 11.22 4.48 1.26
CA LEU A 43 12.35 3.91 0.46
C LEU A 43 13.18 5.05 -0.12
N PRO A 44 14.32 4.72 -0.76
CA PRO A 44 15.21 5.73 -1.36
C PRO A 44 14.59 6.36 -2.60
N THR A 45 14.70 7.66 -2.73
CA THR A 45 14.11 8.34 -3.91
C THR A 45 15.03 8.17 -5.12
N GLU A 46 14.48 7.92 -6.27
CA GLU A 46 15.33 7.74 -7.48
C GLU A 46 14.78 8.59 -8.62
N SER A 47 15.65 9.14 -9.43
CA SER A 47 15.17 9.99 -10.56
C SER A 47 14.15 11.00 -10.04
N ARG A 48 14.37 11.54 -8.87
CA ARG A 48 13.40 12.52 -8.31
C ARG A 48 12.05 11.85 -8.10
N VAL A 49 12.05 10.59 -7.74
CA VAL A 49 10.76 9.88 -7.52
C VAL A 49 10.75 9.25 -6.13
N HIS A 50 9.68 9.42 -5.40
CA HIS A 50 9.62 8.84 -4.03
C HIS A 50 8.84 7.52 -4.08
N LYS A 51 9.22 6.56 -3.27
CA LYS A 51 8.51 5.26 -3.28
C LYS A 51 8.38 4.73 -1.85
N ARG A 52 7.28 4.09 -1.53
CA ARG A 52 7.11 3.55 -0.16
C ARG A 52 6.65 2.09 -0.25
N LEU A 53 6.95 1.31 0.74
CA LEU A 53 6.54 -0.13 0.71
C LEU A 53 5.71 -0.46 1.95
N ILE A 54 4.53 -0.99 1.78
CA ILE A 54 3.68 -1.33 2.95
C ILE A 54 3.55 -2.86 3.05
N ASP A 55 3.97 -3.42 4.15
CA ASP A 55 3.87 -4.90 4.30
C ASP A 55 2.49 -5.28 4.85
N ILE A 56 1.94 -6.37 4.41
CA ILE A 56 0.60 -6.79 4.91
C ILE A 56 0.72 -8.17 5.58
N ILE A 57 0.16 -8.33 6.75
CA ILE A 57 0.25 -9.64 7.45
C ILE A 57 -1.14 -10.28 7.50
N ASP A 58 -1.22 -11.56 7.28
CA ASP A 58 -2.54 -12.24 7.31
C ASP A 58 -3.56 -11.44 6.50
N PRO A 59 -3.32 -11.31 5.19
CA PRO A 59 -4.22 -10.56 4.29
C PRO A 59 -5.54 -11.29 4.08
N SER A 60 -6.63 -10.56 3.98
CA SER A 60 -7.95 -11.21 3.78
C SER A 60 -8.58 -10.71 2.48
N PRO A 61 -9.65 -11.36 2.03
CA PRO A 61 -10.34 -10.99 0.79
C PRO A 61 -11.05 -9.65 0.92
N LYS A 62 -11.40 -9.26 2.12
CA LYS A 62 -12.08 -7.96 2.32
C LYS A 62 -11.11 -6.82 2.00
N THR A 63 -9.84 -7.08 2.05
CA THR A 63 -8.85 -6.01 1.74
C THR A 63 -8.84 -5.75 0.24
N ILE A 64 -8.92 -6.79 -0.55
CA ILE A 64 -8.92 -6.60 -2.04
C ILE A 64 -10.20 -5.88 -2.45
N ASP A 65 -11.31 -6.24 -1.87
CA ASP A 65 -12.60 -5.58 -2.23
C ASP A 65 -12.50 -4.09 -1.92
N ALA A 66 -11.90 -3.74 -0.82
CA ALA A 66 -11.78 -2.30 -0.45
C ALA A 66 -10.88 -1.59 -1.48
N LEU A 67 -9.83 -2.24 -1.90
CA LEU A 67 -8.92 -1.60 -2.90
C LEU A 67 -9.69 -1.37 -4.20
N MET A 68 -10.54 -2.28 -4.58
CA MET A 68 -11.31 -2.11 -5.84
C MET A 68 -12.33 -0.99 -5.66
N ARG A 69 -12.87 -0.84 -4.48
CA ARG A 69 -13.87 0.24 -4.25
C ARG A 69 -13.15 1.59 -4.22
N ILE A 70 -11.91 1.60 -3.84
CA ILE A 70 -11.17 2.89 -3.79
C ILE A 70 -10.16 2.95 -4.95
N ASN A 71 -10.11 4.07 -5.64
CA ASN A 71 -9.15 4.18 -6.77
C ASN A 71 -8.02 5.13 -6.41
N LEU A 72 -6.79 4.69 -6.54
CA LEU A 72 -5.65 5.58 -6.18
C LEU A 72 -5.74 6.88 -6.97
N PRO A 73 -5.33 8.00 -6.36
CA PRO A 73 -5.36 9.32 -7.01
C PRO A 73 -4.32 9.43 -8.13
N ALA A 74 -4.59 10.23 -9.12
CA ALA A 74 -3.62 10.38 -10.23
C ALA A 74 -2.26 10.80 -9.67
N GLY A 75 -1.20 10.39 -10.31
CA GLY A 75 0.15 10.76 -9.82
C GLY A 75 0.68 9.65 -8.90
N VAL A 76 -0.04 8.57 -8.78
CA VAL A 76 0.42 7.47 -7.90
C VAL A 76 0.44 6.16 -8.69
N ASP A 77 1.34 5.26 -8.37
CA ASP A 77 1.40 3.97 -9.11
C ASP A 77 1.59 2.83 -8.11
N VAL A 78 1.22 1.64 -8.48
CA VAL A 78 1.39 0.48 -7.55
C VAL A 78 1.97 -0.70 -8.32
N GLU A 79 2.75 -1.53 -7.66
CA GLU A 79 3.34 -2.71 -8.36
C GLU A 79 2.74 -4.00 -7.81
N ILE A 80 2.31 -4.87 -8.67
CA ILE A 80 1.70 -6.15 -8.18
C ILE A 80 2.38 -7.33 -8.87
N LYS A 81 2.69 -8.37 -8.14
CA LYS A 81 3.35 -9.55 -8.76
C LYS A 81 4.77 -9.16 -9.21
N LEU A 82 5.49 -8.45 -8.40
CA LEU A 82 6.87 -8.04 -8.78
C LEU A 82 6.81 -7.13 -10.01
N SER A 1 -2.65 -21.72 9.95
CA SER A 1 -2.53 -22.46 8.67
C SER A 1 -2.86 -21.52 7.51
N MET A 2 -4.09 -21.12 7.38
CA MET A 2 -4.45 -20.20 6.26
C MET A 2 -3.63 -18.92 6.36
N GLY A 3 -3.32 -18.49 7.55
CA GLY A 3 -2.52 -17.25 7.70
C GLY A 3 -1.03 -17.59 7.56
N GLY A 4 -0.17 -16.65 7.85
CA GLY A 4 1.30 -16.92 7.73
C GLY A 4 1.82 -16.32 6.43
N GLN A 5 0.97 -15.70 5.66
CA GLN A 5 1.43 -15.09 4.38
C GLN A 5 1.40 -13.56 4.51
N LYS A 6 2.25 -12.88 3.79
CA LYS A 6 2.29 -11.40 3.87
C LYS A 6 2.36 -10.81 2.46
N ILE A 7 1.74 -9.68 2.24
CA ILE A 7 1.77 -9.05 0.89
C ILE A 7 2.48 -7.70 0.98
N ARG A 8 3.21 -7.34 -0.04
CA ARG A 8 3.92 -6.03 -0.02
C ARG A 8 3.39 -5.14 -1.14
N ILE A 9 3.14 -3.89 -0.86
CA ILE A 9 2.63 -2.98 -1.91
C ILE A 9 3.60 -1.80 -2.09
N LYS A 10 3.98 -1.52 -3.30
CA LYS A 10 4.94 -0.39 -3.53
C LYS A 10 4.17 0.81 -4.08
N LEU A 11 4.41 1.98 -3.54
CA LEU A 11 3.70 3.19 -4.04
C LEU A 11 4.69 4.07 -4.80
N LYS A 12 4.28 4.61 -5.92
CA LYS A 12 5.19 5.47 -6.71
C LYS A 12 4.53 6.83 -6.97
N ALA A 13 5.26 7.89 -6.83
CA ALA A 13 4.66 9.25 -7.07
C ALA A 13 5.78 10.29 -7.13
N TYR A 14 5.67 11.24 -8.01
CA TYR A 14 6.71 12.29 -8.12
C TYR A 14 6.89 12.97 -6.76
N ASP A 15 5.83 13.37 -6.14
CA ASP A 15 5.95 14.05 -4.81
C ASP A 15 5.71 13.03 -3.70
N HIS A 16 6.56 13.02 -2.70
CA HIS A 16 6.38 12.05 -1.58
C HIS A 16 5.15 12.46 -0.76
N GLU A 17 4.84 13.72 -0.72
CA GLU A 17 3.67 14.18 0.06
C GLU A 17 2.41 13.46 -0.44
N LEU A 18 2.23 13.38 -1.73
CA LEU A 18 1.04 12.69 -2.28
C LEU A 18 1.15 11.18 -2.01
N LEU A 19 2.30 10.62 -2.24
CA LEU A 19 2.47 9.16 -1.98
C LEU A 19 2.25 8.87 -0.50
N ASP A 20 2.85 9.66 0.36
CA ASP A 20 2.67 9.43 1.82
C ASP A 20 1.18 9.46 2.16
N GLU A 21 0.46 10.41 1.62
CA GLU A 21 -1.00 10.49 1.93
C GLU A 21 -1.70 9.25 1.37
N SER A 22 -1.34 8.83 0.19
CA SER A 22 -1.98 7.63 -0.40
C SER A 22 -1.68 6.41 0.46
N ALA A 23 -0.46 6.24 0.87
CA ALA A 23 -0.11 5.08 1.73
C ALA A 23 -0.92 5.13 3.02
N LYS A 24 -1.07 6.28 3.59
CA LYS A 24 -1.86 6.40 4.86
C LYS A 24 -3.30 5.96 4.60
N LYS A 25 -3.88 6.41 3.52
CA LYS A 25 -5.28 6.02 3.21
C LYS A 25 -5.37 4.49 3.06
N ILE A 26 -4.40 3.90 2.41
CA ILE A 26 -4.44 2.42 2.24
C ILE A 26 -4.24 1.74 3.59
N VAL A 27 -3.38 2.28 4.41
CA VAL A 27 -3.15 1.66 5.76
C VAL A 27 -4.46 1.69 6.56
N GLU A 28 -5.17 2.78 6.51
CA GLU A 28 -6.45 2.87 7.27
C GLU A 28 -7.45 1.87 6.72
N VAL A 29 -7.46 1.69 5.42
CA VAL A 29 -8.42 0.72 4.82
C VAL A 29 -7.95 -0.71 5.11
N ALA A 30 -6.67 -0.95 5.01
CA ALA A 30 -6.15 -2.32 5.29
C ALA A 30 -6.34 -2.65 6.76
N LYS A 31 -6.02 -1.75 7.64
CA LYS A 31 -6.19 -2.02 9.09
C LYS A 31 -7.66 -2.31 9.40
N SER A 32 -8.55 -1.61 8.74
CA SER A 32 -9.99 -1.84 8.99
C SER A 32 -10.35 -3.30 8.69
N THR A 33 -9.66 -3.90 7.76
CA THR A 33 -9.95 -5.32 7.41
C THR A 33 -9.35 -6.23 8.48
N ASN A 34 -9.80 -7.46 8.53
CA ASN A 34 -9.26 -8.41 9.55
C ASN A 34 -7.74 -8.48 9.41
N SER A 35 -7.24 -8.43 8.21
CA SER A 35 -5.77 -8.50 8.00
C SER A 35 -5.10 -7.29 8.64
N LYS A 36 -3.84 -7.39 8.94
CA LYS A 36 -3.12 -6.23 9.56
C LYS A 36 -2.10 -5.66 8.56
N VAL A 37 -1.88 -4.39 8.59
CA VAL A 37 -0.89 -3.78 7.64
C VAL A 37 0.23 -3.12 8.43
N SER A 38 1.42 -3.13 7.90
CA SER A 38 2.56 -2.51 8.62
C SER A 38 3.24 -1.47 7.72
N GLY A 39 3.67 -0.37 8.27
CA GLY A 39 4.33 0.67 7.44
C GLY A 39 3.65 2.02 7.67
N PRO A 40 3.68 2.89 6.65
CA PRO A 40 4.32 2.59 5.36
C PRO A 40 5.85 2.54 5.49
N ILE A 41 6.48 1.71 4.72
CA ILE A 41 7.96 1.62 4.80
C ILE A 41 8.58 2.51 3.72
N PRO A 42 9.50 3.40 4.12
CA PRO A 42 10.17 4.33 3.20
C PRO A 42 11.15 3.60 2.28
N LEU A 43 11.22 3.99 1.05
CA LEU A 43 12.16 3.32 0.10
C LEU A 43 13.05 4.37 -0.57
N PRO A 44 14.03 3.92 -1.36
CA PRO A 44 14.96 4.81 -2.07
C PRO A 44 14.25 5.59 -3.18
N THR A 45 14.58 6.84 -3.34
CA THR A 45 13.93 7.65 -4.41
C THR A 45 14.70 7.49 -5.72
N GLU A 46 14.07 7.75 -6.83
CA GLU A 46 14.77 7.62 -8.14
C GLU A 46 14.32 8.73 -9.08
N SER A 47 15.24 9.37 -9.74
CA SER A 47 14.86 10.48 -10.67
C SER A 47 13.87 11.42 -9.97
N ARG A 48 14.19 11.84 -8.77
CA ARG A 48 13.27 12.76 -8.04
C ARG A 48 11.93 12.04 -7.80
N VAL A 49 11.95 10.75 -7.70
CA VAL A 49 10.68 10.00 -7.47
C VAL A 49 10.74 9.32 -6.10
N HIS A 50 9.68 9.39 -5.34
CA HIS A 50 9.67 8.73 -4.00
C HIS A 50 8.85 7.44 -4.06
N LYS A 51 9.26 6.44 -3.33
CA LYS A 51 8.49 5.16 -3.34
C LYS A 51 8.38 4.61 -1.92
N ARG A 52 7.26 4.03 -1.59
CA ARG A 52 7.09 3.48 -0.21
C ARG A 52 6.62 2.02 -0.30
N LEU A 53 6.92 1.24 0.70
CA LEU A 53 6.49 -0.19 0.67
C LEU A 53 5.65 -0.50 1.92
N ILE A 54 4.49 -1.06 1.74
CA ILE A 54 3.63 -1.38 2.92
C ILE A 54 3.55 -2.90 3.08
N ASP A 55 3.82 -3.40 4.25
CA ASP A 55 3.75 -4.87 4.47
C ASP A 55 2.36 -5.25 4.98
N ILE A 56 1.84 -6.36 4.56
CA ILE A 56 0.49 -6.79 5.02
C ILE A 56 0.59 -8.14 5.74
N ILE A 57 0.01 -8.26 6.89
CA ILE A 57 0.07 -9.55 7.63
C ILE A 57 -1.30 -10.21 7.62
N ASP A 58 -1.35 -11.50 7.44
CA ASP A 58 -2.66 -12.21 7.42
C ASP A 58 -3.64 -11.45 6.52
N PRO A 59 -3.29 -11.33 5.23
CA PRO A 59 -4.13 -10.62 4.24
C PRO A 59 -5.41 -11.41 3.93
N SER A 60 -6.50 -10.72 3.72
CA SER A 60 -7.78 -11.42 3.41
C SER A 60 -8.35 -10.87 2.10
N PRO A 61 -9.39 -11.53 1.57
CA PRO A 61 -10.05 -11.12 0.32
C PRO A 61 -10.80 -9.80 0.50
N LYS A 62 -11.21 -9.49 1.69
CA LYS A 62 -11.94 -8.22 1.92
C LYS A 62 -11.01 -7.04 1.66
N THR A 63 -9.72 -7.26 1.73
CA THR A 63 -8.77 -6.15 1.49
C THR A 63 -8.76 -5.81 0.00
N ILE A 64 -8.79 -6.81 -0.85
CA ILE A 64 -8.79 -6.55 -2.31
C ILE A 64 -10.09 -5.85 -2.70
N ASP A 65 -11.20 -6.28 -2.16
CA ASP A 65 -12.50 -5.65 -2.48
C ASP A 65 -12.45 -4.16 -2.13
N ALA A 66 -11.84 -3.83 -1.03
CA ALA A 66 -11.75 -2.40 -0.62
C ALA A 66 -10.88 -1.64 -1.61
N LEU A 67 -9.80 -2.23 -2.05
CA LEU A 67 -8.90 -1.55 -3.02
C LEU A 67 -9.68 -1.26 -4.31
N MET A 68 -10.49 -2.18 -4.74
CA MET A 68 -11.27 -1.96 -5.99
C MET A 68 -12.32 -0.86 -5.75
N ARG A 69 -12.83 -0.77 -4.55
CA ARG A 69 -13.84 0.28 -4.26
C ARG A 69 -13.16 1.65 -4.17
N ILE A 70 -11.91 1.67 -3.77
CA ILE A 70 -11.19 2.95 -3.65
C ILE A 70 -10.15 3.06 -4.79
N ASN A 71 -10.09 4.19 -5.43
CA ASN A 71 -9.11 4.35 -6.55
C ASN A 71 -8.05 5.38 -6.13
N LEU A 72 -6.80 5.00 -6.20
CA LEU A 72 -5.71 5.96 -5.82
C LEU A 72 -5.80 7.21 -6.69
N PRO A 73 -5.36 8.35 -6.16
CA PRO A 73 -5.39 9.63 -6.89
C PRO A 73 -4.38 9.65 -8.04
N ALA A 74 -4.64 10.40 -9.07
CA ALA A 74 -3.69 10.47 -10.21
C ALA A 74 -2.32 10.91 -9.71
N GLY A 75 -1.27 10.47 -10.36
CA GLY A 75 0.09 10.86 -9.92
C GLY A 75 0.68 9.78 -9.03
N VAL A 76 -0.08 8.77 -8.73
CA VAL A 76 0.44 7.66 -7.86
C VAL A 76 0.26 6.32 -8.58
N ASP A 77 1.14 5.39 -8.33
CA ASP A 77 1.03 4.06 -9.00
C ASP A 77 1.22 2.95 -7.96
N VAL A 78 0.66 1.80 -8.20
CA VAL A 78 0.81 0.69 -7.22
C VAL A 78 1.13 -0.61 -7.98
N GLU A 79 1.90 -1.48 -7.38
CA GLU A 79 2.25 -2.76 -8.07
C GLU A 79 1.39 -3.89 -7.50
N ILE A 80 0.99 -4.81 -8.33
CA ILE A 80 0.16 -5.94 -7.84
C ILE A 80 0.86 -7.27 -8.12
N LYS A 81 0.67 -8.24 -7.28
CA LYS A 81 1.34 -9.55 -7.50
C LYS A 81 2.85 -9.40 -7.36
N LEU A 82 3.29 -8.75 -6.31
CA LEU A 82 4.76 -8.55 -6.11
C LEU A 82 5.11 -8.79 -4.64
N SER A 1 0.35 -22.37 10.43
CA SER A 1 0.97 -21.09 10.89
C SER A 1 0.12 -19.92 10.40
N MET A 2 -0.08 -18.93 11.24
CA MET A 2 -0.89 -17.75 10.82
C MET A 2 0.04 -16.63 10.35
N GLY A 3 -0.29 -15.99 9.27
CA GLY A 3 0.57 -14.88 8.76
C GLY A 3 1.69 -15.47 7.91
N GLY A 4 1.62 -16.72 7.58
CA GLY A 4 2.68 -17.35 6.75
C GLY A 4 2.77 -16.62 5.41
N GLN A 5 1.67 -16.13 4.92
CA GLN A 5 1.69 -15.42 3.61
C GLN A 5 1.55 -13.91 3.84
N LYS A 6 2.47 -13.13 3.35
CA LYS A 6 2.40 -11.66 3.56
C LYS A 6 2.37 -10.96 2.20
N ILE A 7 1.67 -9.87 2.09
CA ILE A 7 1.59 -9.14 0.80
C ILE A 7 2.22 -7.75 0.96
N ARG A 8 2.98 -7.32 0.00
CA ARG A 8 3.63 -5.98 0.10
C ARG A 8 3.14 -5.09 -1.06
N ILE A 9 2.86 -3.85 -0.78
CA ILE A 9 2.38 -2.94 -1.86
C ILE A 9 3.43 -1.84 -2.09
N LYS A 10 3.72 -1.53 -3.32
CA LYS A 10 4.72 -0.47 -3.61
C LYS A 10 4.02 0.74 -4.23
N LEU A 11 4.18 1.89 -3.64
CA LEU A 11 3.54 3.11 -4.19
C LEU A 11 4.58 3.95 -4.94
N LYS A 12 4.31 4.27 -6.17
CA LYS A 12 5.28 5.09 -6.95
C LYS A 12 4.64 6.43 -7.32
N ALA A 13 5.34 7.51 -7.09
CA ALA A 13 4.77 8.85 -7.42
C ALA A 13 5.87 9.90 -7.37
N TYR A 14 5.84 10.85 -8.27
CA TYR A 14 6.90 11.91 -8.27
C TYR A 14 6.85 12.69 -6.95
N ASP A 15 5.67 12.94 -6.46
CA ASP A 15 5.55 13.70 -5.17
C ASP A 15 5.51 12.72 -3.99
N HIS A 16 6.47 12.81 -3.12
CA HIS A 16 6.50 11.89 -1.95
C HIS A 16 5.28 12.15 -1.07
N GLU A 17 4.83 13.37 -1.01
CA GLU A 17 3.65 13.69 -0.17
C GLU A 17 2.43 12.90 -0.66
N LEU A 18 2.29 12.77 -1.95
CA LEU A 18 1.13 12.01 -2.49
C LEU A 18 1.23 10.54 -2.05
N LEU A 19 2.40 10.00 -2.04
CA LEU A 19 2.57 8.58 -1.61
C LEU A 19 2.18 8.44 -0.14
N ASP A 20 2.50 9.41 0.67
CA ASP A 20 2.15 9.33 2.11
C ASP A 20 0.64 9.24 2.26
N GLU A 21 -0.10 9.99 1.50
CA GLU A 21 -1.59 9.94 1.60
C GLU A 21 -2.08 8.57 1.12
N SER A 22 -1.47 8.04 0.09
CA SER A 22 -1.91 6.72 -0.42
C SER A 22 -1.71 5.65 0.66
N ALA A 23 -0.64 5.72 1.38
CA ALA A 23 -0.39 4.72 2.46
C ALA A 23 -1.40 4.92 3.59
N LYS A 24 -1.63 6.14 3.98
CA LYS A 24 -2.60 6.40 5.08
C LYS A 24 -3.99 5.91 4.66
N LYS A 25 -4.41 6.22 3.46
CA LYS A 25 -5.75 5.78 2.98
C LYS A 25 -5.78 4.25 2.91
N ILE A 26 -4.77 3.66 2.33
CA ILE A 26 -4.74 2.17 2.22
C ILE A 26 -4.52 1.57 3.62
N VAL A 27 -3.67 2.16 4.40
CA VAL A 27 -3.41 1.62 5.77
C VAL A 27 -4.69 1.70 6.59
N GLU A 28 -5.37 2.81 6.54
CA GLU A 28 -6.62 2.95 7.33
C GLU A 28 -7.66 1.93 6.84
N VAL A 29 -7.76 1.76 5.55
CA VAL A 29 -8.75 0.79 5.00
C VAL A 29 -8.25 -0.63 5.25
N ALA A 30 -6.98 -0.87 5.05
CA ALA A 30 -6.43 -2.24 5.28
C ALA A 30 -6.52 -2.58 6.76
N LYS A 31 -6.08 -1.69 7.62
CA LYS A 31 -6.15 -1.98 9.08
C LYS A 31 -7.58 -2.28 9.48
N SER A 32 -8.53 -1.54 8.94
CA SER A 32 -9.96 -1.79 9.30
C SER A 32 -10.32 -3.24 8.98
N THR A 33 -9.68 -3.82 7.99
CA THR A 33 -9.99 -5.24 7.64
C THR A 33 -9.34 -6.17 8.66
N ASN A 34 -9.80 -7.39 8.73
CA ASN A 34 -9.20 -8.36 9.70
C ASN A 34 -7.70 -8.47 9.45
N SER A 35 -7.28 -8.31 8.23
CA SER A 35 -5.83 -8.42 7.91
C SER A 35 -5.08 -7.26 8.58
N LYS A 36 -3.82 -7.43 8.85
CA LYS A 36 -3.03 -6.35 9.49
C LYS A 36 -2.06 -5.75 8.48
N VAL A 37 -1.74 -4.49 8.61
CA VAL A 37 -0.79 -3.85 7.65
C VAL A 37 0.37 -3.21 8.42
N SER A 38 1.56 -3.31 7.91
CA SER A 38 2.72 -2.71 8.61
C SER A 38 3.37 -1.65 7.71
N GLY A 39 3.78 -0.55 8.28
CA GLY A 39 4.41 0.52 7.45
C GLY A 39 3.76 1.87 7.79
N PRO A 40 3.75 2.78 6.82
CA PRO A 40 4.33 2.55 5.48
C PRO A 40 5.85 2.50 5.54
N ILE A 41 6.46 1.61 4.80
CA ILE A 41 7.95 1.50 4.81
C ILE A 41 8.52 2.41 3.71
N PRO A 42 9.39 3.35 4.10
CA PRO A 42 10.01 4.30 3.16
C PRO A 42 11.02 3.60 2.23
N LEU A 43 10.89 3.82 0.95
CA LEU A 43 11.84 3.18 -0.01
C LEU A 43 12.83 4.22 -0.53
N PRO A 44 13.85 3.78 -1.26
CA PRO A 44 14.88 4.67 -1.82
C PRO A 44 14.31 5.54 -2.94
N THR A 45 14.51 6.83 -2.85
CA THR A 45 13.99 7.75 -3.90
C THR A 45 14.96 7.78 -5.09
N GLU A 46 14.46 8.06 -6.26
CA GLU A 46 15.35 8.12 -7.46
C GLU A 46 15.19 9.46 -8.16
N SER A 47 16.25 10.20 -8.32
CA SER A 47 16.15 11.52 -9.00
C SER A 47 15.05 12.36 -8.33
N ARG A 48 13.83 12.23 -8.81
CA ARG A 48 12.72 13.02 -8.20
C ARG A 48 11.51 12.10 -7.99
N VAL A 49 11.73 10.81 -7.93
CA VAL A 49 10.59 9.88 -7.73
C VAL A 49 10.73 9.18 -6.38
N HIS A 50 9.70 9.21 -5.58
CA HIS A 50 9.77 8.54 -4.25
C HIS A 50 8.93 7.26 -4.27
N LYS A 51 9.33 6.25 -3.55
CA LYS A 51 8.57 4.98 -3.53
C LYS A 51 8.26 4.58 -2.09
N ARG A 52 7.18 3.88 -1.87
CA ARG A 52 6.84 3.46 -0.48
C ARG A 52 6.44 1.98 -0.50
N LEU A 53 6.76 1.27 0.54
CA LEU A 53 6.40 -0.18 0.58
C LEU A 53 5.54 -0.46 1.81
N ILE A 54 4.45 -1.17 1.64
CA ILE A 54 3.57 -1.47 2.80
C ILE A 54 3.46 -2.99 2.98
N ASP A 55 3.84 -3.49 4.12
CA ASP A 55 3.76 -4.96 4.34
C ASP A 55 2.38 -5.32 4.89
N ILE A 56 1.79 -6.37 4.40
CA ILE A 56 0.45 -6.79 4.89
C ILE A 56 0.53 -8.18 5.51
N ILE A 57 0.05 -8.34 6.71
CA ILE A 57 0.11 -9.68 7.37
C ILE A 57 -1.31 -10.28 7.41
N ASP A 58 -1.42 -11.55 7.16
CA ASP A 58 -2.76 -12.19 7.19
C ASP A 58 -3.74 -11.36 6.35
N PRO A 59 -3.46 -11.24 5.04
CA PRO A 59 -4.31 -10.47 4.13
C PRO A 59 -5.65 -11.17 3.87
N SER A 60 -6.70 -10.42 3.72
CA SER A 60 -8.03 -11.05 3.47
C SER A 60 -8.62 -10.48 2.17
N PRO A 61 -9.67 -11.15 1.64
CA PRO A 61 -10.33 -10.72 0.40
C PRO A 61 -11.08 -9.40 0.59
N LYS A 62 -11.49 -9.10 1.79
CA LYS A 62 -12.22 -7.82 2.03
C LYS A 62 -11.26 -6.65 1.81
N THR A 63 -9.98 -6.88 1.91
CA THR A 63 -9.01 -5.78 1.69
C THR A 63 -8.96 -5.41 0.22
N ILE A 64 -9.00 -6.39 -0.65
CA ILE A 64 -8.96 -6.09 -2.11
C ILE A 64 -10.26 -5.39 -2.51
N ASP A 65 -11.37 -5.83 -2.00
CA ASP A 65 -12.67 -5.18 -2.35
C ASP A 65 -12.61 -3.70 -1.96
N ALA A 66 -12.04 -3.39 -0.84
CA ALA A 66 -11.95 -1.97 -0.41
C ALA A 66 -11.08 -1.19 -1.41
N LEU A 67 -10.01 -1.78 -1.87
CA LEU A 67 -9.13 -1.07 -2.85
C LEU A 67 -9.93 -0.78 -4.12
N MET A 68 -10.75 -1.71 -4.55
CA MET A 68 -11.54 -1.48 -5.79
C MET A 68 -12.56 -0.36 -5.54
N ARG A 69 -13.04 -0.24 -4.34
CA ARG A 69 -14.04 0.83 -4.04
C ARG A 69 -13.35 2.19 -4.08
N ILE A 70 -12.09 2.24 -3.74
CA ILE A 70 -11.36 3.54 -3.76
C ILE A 70 -10.34 3.54 -4.91
N ASN A 71 -10.27 4.62 -5.65
CA ASN A 71 -9.30 4.68 -6.77
C ASN A 71 -8.07 5.48 -6.35
N LEU A 72 -6.90 4.95 -6.56
CA LEU A 72 -5.66 5.69 -6.17
C LEU A 72 -5.65 7.06 -6.85
N PRO A 73 -5.05 8.06 -6.18
CA PRO A 73 -4.98 9.42 -6.71
C PRO A 73 -4.02 9.52 -7.90
N ALA A 74 -4.28 10.41 -8.81
CA ALA A 74 -3.40 10.54 -10.01
C ALA A 74 -1.97 10.86 -9.54
N GLY A 75 -0.99 10.42 -10.27
CA GLY A 75 0.41 10.69 -9.88
C GLY A 75 0.95 9.53 -9.04
N VAL A 76 0.16 8.50 -8.86
CA VAL A 76 0.63 7.34 -8.05
C VAL A 76 0.47 6.05 -8.86
N ASP A 77 1.34 5.10 -8.64
CA ASP A 77 1.24 3.82 -9.40
C ASP A 77 1.44 2.64 -8.45
N VAL A 78 0.93 1.50 -8.79
CA VAL A 78 1.09 0.31 -7.90
C VAL A 78 1.37 -0.93 -8.75
N GLU A 79 2.43 -1.65 -8.46
CA GLU A 79 2.75 -2.87 -9.24
C GLU A 79 2.59 -4.10 -8.36
N ILE A 80 1.97 -5.13 -8.87
CA ILE A 80 1.78 -6.37 -8.05
C ILE A 80 3.13 -7.02 -7.81
N LYS A 81 4.05 -6.89 -8.73
CA LYS A 81 5.39 -7.50 -8.53
C LYS A 81 6.04 -6.94 -7.27
N LEU A 82 5.80 -5.69 -6.97
CA LEU A 82 6.41 -5.09 -5.76
C LEU A 82 5.29 -4.59 -4.82
N SER A 1 1.22 -20.71 11.80
CA SER A 1 1.21 -19.22 11.88
C SER A 1 -0.05 -18.68 11.19
N MET A 2 -0.96 -18.15 11.94
CA MET A 2 -2.21 -17.61 11.33
C MET A 2 -1.86 -16.53 10.30
N GLY A 3 -0.81 -15.80 10.52
CA GLY A 3 -0.41 -14.74 9.55
C GLY A 3 -0.29 -15.36 8.15
N GLY A 4 0.14 -16.59 8.07
CA GLY A 4 0.27 -17.23 6.73
C GLY A 4 1.29 -16.46 5.89
N GLN A 5 0.89 -15.96 4.77
CA GLN A 5 1.84 -15.21 3.90
C GLN A 5 1.56 -13.70 4.03
N LYS A 6 2.52 -12.88 3.72
CA LYS A 6 2.30 -11.41 3.82
C LYS A 6 2.32 -10.79 2.42
N ILE A 7 1.59 -9.73 2.22
CA ILE A 7 1.55 -9.09 0.88
C ILE A 7 2.27 -7.74 0.95
N ARG A 8 2.98 -7.38 -0.08
CA ARG A 8 3.69 -6.07 -0.08
C ARG A 8 3.18 -5.20 -1.23
N ILE A 9 2.95 -3.94 -0.97
CA ILE A 9 2.44 -3.05 -2.04
C ILE A 9 3.43 -1.91 -2.27
N LYS A 10 3.77 -1.63 -3.50
CA LYS A 10 4.73 -0.53 -3.78
C LYS A 10 3.99 0.65 -4.41
N LEU A 11 4.22 1.84 -3.92
CA LEU A 11 3.52 3.03 -4.49
C LEU A 11 4.56 3.99 -5.07
N LYS A 12 4.36 4.41 -6.29
CA LYS A 12 5.34 5.35 -6.92
C LYS A 12 4.64 6.68 -7.20
N ALA A 13 5.30 7.78 -6.93
CA ALA A 13 4.69 9.11 -7.19
C ALA A 13 5.78 10.18 -7.26
N TYR A 14 5.60 11.17 -8.09
CA TYR A 14 6.62 12.24 -8.21
C TYR A 14 6.71 13.02 -6.89
N ASP A 15 5.58 13.27 -6.27
CA ASP A 15 5.60 14.03 -4.98
C ASP A 15 5.54 13.04 -3.81
N HIS A 16 6.48 13.13 -2.91
CA HIS A 16 6.48 12.19 -1.75
C HIS A 16 5.34 12.57 -0.80
N GLU A 17 4.97 13.82 -0.75
CA GLU A 17 3.85 14.24 0.15
C GLU A 17 2.58 13.51 -0.26
N LEU A 18 2.35 13.35 -1.54
CA LEU A 18 1.12 12.65 -2.01
C LEU A 18 1.26 11.15 -1.73
N LEU A 19 2.39 10.59 -2.02
CA LEU A 19 2.59 9.13 -1.78
C LEU A 19 2.37 8.83 -0.30
N ASP A 20 2.88 9.66 0.58
CA ASP A 20 2.70 9.41 2.04
C ASP A 20 1.21 9.39 2.36
N GLU A 21 0.46 10.34 1.86
CA GLU A 21 -1.00 10.38 2.14
C GLU A 21 -1.68 9.19 1.47
N SER A 22 -1.27 8.86 0.27
CA SER A 22 -1.90 7.71 -0.43
C SER A 22 -1.67 6.44 0.37
N ALA A 23 -0.48 6.24 0.86
CA ALA A 23 -0.20 5.01 1.66
C ALA A 23 -1.07 5.01 2.92
N LYS A 24 -1.20 6.13 3.56
CA LYS A 24 -2.05 6.19 4.79
C LYS A 24 -3.48 5.79 4.45
N LYS A 25 -4.02 6.32 3.40
CA LYS A 25 -5.42 5.97 3.01
C LYS A 25 -5.52 4.45 2.83
N ILE A 26 -4.60 3.87 2.10
CA ILE A 26 -4.64 2.40 1.89
C ILE A 26 -4.42 1.68 3.22
N VAL A 27 -3.50 2.16 4.02
CA VAL A 27 -3.24 1.51 5.33
C VAL A 27 -4.49 1.60 6.20
N GLU A 28 -5.11 2.75 6.26
CA GLU A 28 -6.33 2.90 7.09
C GLU A 28 -7.40 1.92 6.60
N VAL A 29 -7.53 1.77 5.32
CA VAL A 29 -8.57 0.84 4.78
C VAL A 29 -8.13 -0.60 5.06
N ALA A 30 -6.88 -0.90 4.87
CA ALA A 30 -6.40 -2.29 5.13
C ALA A 30 -6.52 -2.60 6.62
N LYS A 31 -6.08 -1.70 7.46
CA LYS A 31 -6.16 -1.94 8.93
C LYS A 31 -7.62 -2.19 9.32
N SER A 32 -8.54 -1.50 8.70
CA SER A 32 -9.97 -1.70 9.03
C SER A 32 -10.35 -3.17 8.83
N THR A 33 -9.76 -3.81 7.85
CA THR A 33 -10.07 -5.24 7.60
C THR A 33 -9.42 -6.12 8.67
N ASN A 34 -9.96 -7.27 8.94
CA ASN A 34 -9.37 -8.16 9.97
C ASN A 34 -7.87 -8.31 9.71
N SER A 35 -7.46 -8.21 8.48
CA SER A 35 -6.01 -8.36 8.16
C SER A 35 -5.24 -7.20 8.79
N LYS A 36 -3.96 -7.36 8.99
CA LYS A 36 -3.15 -6.27 9.60
C LYS A 36 -2.15 -5.74 8.57
N VAL A 37 -1.77 -4.50 8.68
CA VAL A 37 -0.79 -3.93 7.71
C VAL A 37 0.43 -3.39 8.46
N SER A 38 1.60 -3.57 7.92
CA SER A 38 2.82 -3.06 8.60
C SER A 38 3.47 -1.98 7.74
N GLY A 39 4.13 -1.03 8.36
CA GLY A 39 4.78 0.06 7.58
C GLY A 39 4.09 1.38 7.87
N PRO A 40 4.04 2.28 6.87
CA PRO A 40 4.61 2.02 5.54
C PRO A 40 6.14 2.01 5.58
N ILE A 41 6.77 1.23 4.75
CA ILE A 41 8.26 1.18 4.74
C ILE A 41 8.78 2.08 3.62
N PRO A 42 9.63 3.05 3.96
CA PRO A 42 10.22 3.98 2.99
C PRO A 42 11.25 3.30 2.09
N LEU A 43 11.28 3.63 0.83
CA LEU A 43 12.26 3.01 -0.09
C LEU A 43 13.15 4.09 -0.71
N PRO A 44 14.14 3.68 -1.50
CA PRO A 44 15.07 4.62 -2.16
C PRO A 44 14.37 5.42 -3.26
N THR A 45 14.71 6.68 -3.38
CA THR A 45 14.06 7.52 -4.43
C THR A 45 15.03 7.72 -5.60
N GLU A 46 14.53 8.13 -6.74
CA GLU A 46 15.42 8.34 -7.91
C GLU A 46 15.16 9.74 -8.50
N SER A 47 16.19 10.52 -8.66
CA SER A 47 16.00 11.89 -9.22
C SER A 47 15.00 12.67 -8.36
N ARG A 48 13.73 12.52 -8.64
CA ARG A 48 12.70 13.25 -7.85
C ARG A 48 11.47 12.36 -7.67
N VAL A 49 11.65 11.08 -7.69
CA VAL A 49 10.49 10.16 -7.51
C VAL A 49 10.64 9.37 -6.22
N HIS A 50 9.65 9.39 -5.37
CA HIS A 50 9.75 8.64 -4.09
C HIS A 50 8.87 7.38 -4.17
N LYS A 51 9.25 6.34 -3.48
CA LYS A 51 8.44 5.09 -3.51
C LYS A 51 8.29 4.54 -2.09
N ARG A 52 7.13 4.03 -1.76
CA ARG A 52 6.91 3.49 -0.40
C ARG A 52 6.48 2.02 -0.49
N LEU A 53 6.80 1.23 0.49
CA LEU A 53 6.41 -0.21 0.45
C LEU A 53 5.56 -0.54 1.68
N ILE A 54 4.39 -1.11 1.47
CA ILE A 54 3.52 -1.44 2.62
C ILE A 54 3.40 -2.97 2.74
N ASP A 55 3.64 -3.50 3.90
CA ASP A 55 3.53 -4.98 4.07
C ASP A 55 2.17 -5.34 4.67
N ILE A 56 1.63 -6.46 4.29
CA ILE A 56 0.30 -6.86 4.84
C ILE A 56 0.43 -8.19 5.58
N ILE A 57 -0.13 -8.28 6.75
CA ILE A 57 -0.04 -9.56 7.52
C ILE A 57 -1.42 -10.21 7.60
N ASP A 58 -1.48 -11.50 7.41
CA ASP A 58 -2.80 -12.20 7.47
C ASP A 58 -3.83 -11.43 6.64
N PRO A 59 -3.56 -11.26 5.34
CA PRO A 59 -4.45 -10.54 4.42
C PRO A 59 -5.74 -11.32 4.15
N SER A 60 -6.84 -10.63 4.01
CA SER A 60 -8.13 -11.33 3.75
C SER A 60 -8.73 -10.81 2.44
N PRO A 61 -9.76 -11.51 1.93
CA PRO A 61 -10.42 -11.13 0.68
C PRO A 61 -11.19 -9.81 0.82
N LYS A 62 -11.59 -9.48 2.02
CA LYS A 62 -12.33 -8.20 2.22
C LYS A 62 -11.39 -7.02 1.95
N THR A 63 -10.11 -7.24 2.10
CA THR A 63 -9.14 -6.14 1.85
C THR A 63 -9.09 -5.85 0.35
N ILE A 64 -9.13 -6.87 -0.46
CA ILE A 64 -9.09 -6.66 -1.94
C ILE A 64 -10.36 -5.93 -2.38
N ASP A 65 -11.49 -6.33 -1.86
CA ASP A 65 -12.76 -5.66 -2.26
C ASP A 65 -12.65 -4.15 -1.97
N ALA A 66 -12.14 -3.80 -0.83
CA ALA A 66 -12.00 -2.35 -0.50
C ALA A 66 -11.07 -1.68 -1.51
N LEU A 67 -10.04 -2.36 -1.93
CA LEU A 67 -9.09 -1.76 -2.91
C LEU A 67 -9.82 -1.53 -4.24
N MET A 68 -10.64 -2.46 -4.64
CA MET A 68 -11.38 -2.29 -5.92
C MET A 68 -12.40 -1.15 -5.78
N ARG A 69 -12.90 -0.93 -4.60
CA ARG A 69 -13.89 0.16 -4.40
C ARG A 69 -13.18 1.50 -4.40
N ILE A 70 -11.94 1.53 -3.98
CA ILE A 70 -11.18 2.81 -3.96
C ILE A 70 -10.08 2.77 -5.02
N ASN A 71 -9.91 3.83 -5.77
CA ASN A 71 -8.86 3.85 -6.82
C ASN A 71 -7.70 4.75 -6.36
N LEU A 72 -6.53 4.53 -6.88
CA LEU A 72 -5.36 5.36 -6.47
C LEU A 72 -5.53 6.78 -7.04
N PRO A 73 -5.17 7.79 -6.26
CA PRO A 73 -5.28 9.20 -6.67
C PRO A 73 -4.25 9.55 -7.75
N ALA A 74 -4.53 10.54 -8.55
CA ALA A 74 -3.57 10.92 -9.62
C ALA A 74 -2.20 11.23 -9.00
N GLY A 75 -1.15 11.00 -9.73
CA GLY A 75 0.22 11.28 -9.18
C GLY A 75 0.73 10.04 -8.44
N VAL A 76 0.02 8.95 -8.53
CA VAL A 76 0.47 7.70 -7.84
C VAL A 76 0.43 6.53 -8.82
N ASP A 77 1.32 5.58 -8.67
CA ASP A 77 1.33 4.41 -9.58
C ASP A 77 1.38 3.12 -8.77
N VAL A 78 0.95 2.03 -9.34
CA VAL A 78 0.98 0.74 -8.59
C VAL A 78 1.57 -0.36 -9.47
N GLU A 79 2.23 -1.31 -8.89
CA GLU A 79 2.84 -2.41 -9.70
C GLU A 79 1.87 -3.59 -9.77
N ILE A 80 1.96 -4.38 -10.80
CA ILE A 80 1.02 -5.55 -10.92
C ILE A 80 1.24 -6.49 -9.74
N LYS A 81 2.39 -6.44 -9.13
CA LYS A 81 2.65 -7.34 -7.96
C LYS A 81 1.55 -7.16 -6.91
N LEU A 82 1.06 -5.96 -6.77
CA LEU A 82 -0.03 -5.72 -5.77
C LEU A 82 0.45 -6.19 -4.39
N SER A 1 -5.95 -20.00 6.02
CA SER A 1 -6.69 -19.02 6.84
C SER A 1 -5.75 -18.41 7.89
N MET A 2 -4.66 -19.06 8.17
CA MET A 2 -3.71 -18.53 9.18
C MET A 2 -3.22 -17.14 8.74
N GLY A 3 -3.05 -16.95 7.46
CA GLY A 3 -2.58 -15.62 6.96
C GLY A 3 -1.06 -15.55 7.09
N GLY A 4 -0.40 -16.67 7.19
CA GLY A 4 1.08 -16.66 7.32
C GLY A 4 1.69 -15.91 6.13
N GLN A 5 1.03 -15.92 5.01
CA GLN A 5 1.57 -15.21 3.82
C GLN A 5 1.42 -13.70 4.02
N LYS A 6 2.33 -12.93 3.51
CA LYS A 6 2.24 -11.45 3.67
C LYS A 6 2.30 -10.78 2.29
N ILE A 7 1.60 -9.70 2.12
CA ILE A 7 1.62 -8.99 0.81
C ILE A 7 2.30 -7.63 0.96
N ARG A 8 3.07 -7.23 -0.01
CA ARG A 8 3.76 -5.92 0.08
C ARG A 8 3.35 -5.03 -1.10
N ILE A 9 3.08 -3.78 -0.85
CA ILE A 9 2.67 -2.88 -1.97
C ILE A 9 3.74 -1.79 -2.16
N LYS A 10 4.04 -1.45 -3.38
CA LYS A 10 5.07 -0.41 -3.63
C LYS A 10 4.39 0.88 -4.12
N LEU A 11 4.64 1.98 -3.46
CA LEU A 11 4.00 3.26 -3.90
C LEU A 11 5.02 4.06 -4.72
N LYS A 12 4.60 4.62 -5.82
CA LYS A 12 5.54 5.41 -6.65
C LYS A 12 4.91 6.76 -6.99
N ALA A 13 5.64 7.84 -6.83
CA ALA A 13 5.08 9.18 -7.15
C ALA A 13 6.19 10.22 -7.09
N TYR A 14 6.08 11.27 -7.85
CA TYR A 14 7.13 12.33 -7.83
C TYR A 14 7.04 13.13 -6.53
N ASP A 15 5.87 13.29 -6.01
CA ASP A 15 5.71 14.05 -4.74
C ASP A 15 5.81 13.10 -3.55
N HIS A 16 6.89 13.17 -2.82
CA HIS A 16 7.05 12.26 -1.64
C HIS A 16 5.90 12.51 -0.66
N GLU A 17 5.61 13.73 -0.36
CA GLU A 17 4.49 14.03 0.59
C GLU A 17 3.19 13.45 0.04
N LEU A 18 2.92 13.64 -1.22
CA LEU A 18 1.67 13.09 -1.82
C LEU A 18 1.68 11.57 -1.72
N LEU A 19 2.82 10.96 -1.94
CA LEU A 19 2.91 9.48 -1.86
C LEU A 19 2.44 9.00 -0.49
N ASP A 20 2.78 9.74 0.55
CA ASP A 20 2.35 9.33 1.91
C ASP A 20 0.83 9.40 2.02
N GLU A 21 0.23 10.41 1.45
CA GLU A 21 -1.25 10.54 1.53
C GLU A 21 -1.90 9.30 0.90
N SER A 22 -1.37 8.83 -0.20
CA SER A 22 -1.96 7.61 -0.84
C SER A 22 -1.74 6.40 0.06
N ALA A 23 -0.63 6.35 0.75
CA ALA A 23 -0.36 5.19 1.64
C ALA A 23 -1.30 5.24 2.85
N LYS A 24 -1.50 6.40 3.40
CA LYS A 24 -2.41 6.51 4.59
C LYS A 24 -3.81 6.06 4.20
N LYS A 25 -4.29 6.46 3.06
CA LYS A 25 -5.65 6.04 2.63
C LYS A 25 -5.72 4.51 2.56
N ILE A 26 -4.77 3.90 1.91
CA ILE A 26 -4.78 2.42 1.80
C ILE A 26 -4.57 1.80 3.19
N VAL A 27 -3.71 2.37 3.98
CA VAL A 27 -3.46 1.83 5.34
C VAL A 27 -4.76 1.85 6.15
N GLU A 28 -5.50 2.91 6.05
CA GLU A 28 -6.77 3.00 6.81
C GLU A 28 -7.74 1.92 6.34
N VAL A 29 -7.78 1.69 5.05
CA VAL A 29 -8.71 0.64 4.51
C VAL A 29 -8.17 -0.74 4.87
N ALA A 30 -6.88 -0.94 4.77
CA ALA A 30 -6.30 -2.27 5.11
C ALA A 30 -6.49 -2.55 6.60
N LYS A 31 -6.21 -1.59 7.44
CA LYS A 31 -6.39 -1.80 8.91
C LYS A 31 -7.86 -2.11 9.20
N SER A 32 -8.76 -1.46 8.52
CA SER A 32 -10.20 -1.71 8.78
C SER A 32 -10.50 -3.19 8.56
N THR A 33 -9.76 -3.85 7.70
CA THR A 33 -10.01 -5.29 7.45
C THR A 33 -9.34 -6.13 8.54
N ASN A 34 -9.75 -7.35 8.70
CA ASN A 34 -9.14 -8.22 9.75
C ASN A 34 -7.62 -8.27 9.55
N SER A 35 -7.18 -8.26 8.32
CA SER A 35 -5.72 -8.32 8.05
C SER A 35 -5.05 -7.05 8.59
N LYS A 36 -3.82 -7.14 9.00
CA LYS A 36 -3.12 -5.94 9.54
C LYS A 36 -2.11 -5.44 8.49
N VAL A 37 -1.85 -4.17 8.48
CA VAL A 37 -0.88 -3.62 7.49
C VAL A 37 0.30 -2.97 8.23
N SER A 38 1.47 -3.05 7.65
CA SER A 38 2.66 -2.44 8.31
C SER A 38 3.25 -1.34 7.42
N GLY A 39 3.76 -0.30 8.00
CA GLY A 39 4.35 0.79 7.18
C GLY A 39 3.63 2.12 7.50
N PRO A 40 3.66 3.07 6.55
CA PRO A 40 4.34 2.87 5.26
C PRO A 40 5.85 2.86 5.41
N ILE A 41 6.53 2.01 4.67
CA ILE A 41 8.01 1.94 4.77
C ILE A 41 8.63 2.83 3.70
N PRO A 42 9.43 3.82 4.11
CA PRO A 42 10.09 4.76 3.19
C PRO A 42 11.21 4.07 2.39
N LEU A 43 11.18 4.20 1.10
CA LEU A 43 12.24 3.56 0.26
C LEU A 43 13.17 4.64 -0.30
N PRO A 44 14.28 4.22 -0.92
CA PRO A 44 15.26 5.15 -1.51
C PRO A 44 14.70 5.86 -2.73
N THR A 45 14.94 7.14 -2.86
CA THR A 45 14.42 7.88 -4.04
C THR A 45 15.27 7.54 -5.27
N GLU A 46 14.65 7.45 -6.41
CA GLU A 46 15.41 7.13 -7.65
C GLU A 46 14.90 7.97 -8.81
N SER A 47 15.75 8.38 -9.70
CA SER A 47 15.30 9.21 -10.86
C SER A 47 14.42 10.36 -10.34
N ARG A 48 14.81 10.97 -9.26
CA ARG A 48 13.99 12.09 -8.71
C ARG A 48 12.57 11.60 -8.40
N VAL A 49 12.44 10.35 -8.06
CA VAL A 49 11.08 9.80 -7.75
C VAL A 49 11.11 9.13 -6.38
N HIS A 50 10.12 9.38 -5.56
CA HIS A 50 10.08 8.76 -4.21
C HIS A 50 9.24 7.48 -4.27
N LYS A 51 9.57 6.50 -3.47
CA LYS A 51 8.78 5.24 -3.48
C LYS A 51 8.58 4.75 -2.04
N ARG A 52 7.46 4.13 -1.77
CA ARG A 52 7.21 3.63 -0.39
C ARG A 52 6.80 2.15 -0.46
N LEU A 53 7.02 1.41 0.59
CA LEU A 53 6.65 -0.03 0.57
C LEU A 53 5.71 -0.33 1.75
N ILE A 54 4.60 -0.95 1.49
CA ILE A 54 3.65 -1.26 2.59
C ILE A 54 3.56 -2.78 2.76
N ASP A 55 3.84 -3.28 3.94
CA ASP A 55 3.78 -4.75 4.15
C ASP A 55 2.40 -5.13 4.69
N ILE A 56 1.87 -6.24 4.27
CA ILE A 56 0.53 -6.68 4.76
C ILE A 56 0.66 -8.02 5.47
N ILE A 57 0.14 -8.12 6.66
CA ILE A 57 0.24 -9.41 7.41
C ILE A 57 -1.14 -10.06 7.50
N ASP A 58 -1.21 -11.36 7.40
CA ASP A 58 -2.53 -12.05 7.48
C ASP A 58 -3.52 -11.38 6.52
N PRO A 59 -3.20 -11.40 5.22
CA PRO A 59 -4.05 -10.80 4.19
C PRO A 59 -5.34 -11.60 3.97
N SER A 60 -6.45 -10.93 3.79
CA SER A 60 -7.73 -11.65 3.57
C SER A 60 -8.40 -11.14 2.30
N PRO A 61 -9.43 -11.85 1.83
CA PRO A 61 -10.16 -11.48 0.61
C PRO A 61 -10.96 -10.18 0.80
N LYS A 62 -11.33 -9.88 2.02
CA LYS A 62 -12.11 -8.64 2.26
C LYS A 62 -11.24 -7.43 1.92
N THR A 63 -9.94 -7.60 1.92
CA THR A 63 -9.03 -6.46 1.60
C THR A 63 -9.11 -6.17 0.09
N ILE A 64 -9.15 -7.20 -0.71
CA ILE A 64 -9.21 -6.99 -2.18
C ILE A 64 -10.55 -6.34 -2.53
N ASP A 65 -11.61 -6.75 -1.90
CA ASP A 65 -12.94 -6.15 -2.20
C ASP A 65 -12.91 -4.65 -1.87
N ALA A 66 -12.31 -4.30 -0.77
CA ALA A 66 -12.25 -2.86 -0.39
C ALA A 66 -11.35 -2.12 -1.37
N LEU A 67 -10.28 -2.74 -1.80
CA LEU A 67 -9.36 -2.07 -2.76
C LEU A 67 -10.11 -1.79 -4.07
N MET A 68 -10.92 -2.70 -4.51
CA MET A 68 -11.69 -2.49 -5.77
C MET A 68 -12.74 -1.39 -5.55
N ARG A 69 -13.22 -1.26 -4.35
CA ARG A 69 -14.24 -0.21 -4.07
C ARG A 69 -13.56 1.16 -4.00
N ILE A 70 -12.32 1.20 -3.59
CA ILE A 70 -11.61 2.50 -3.50
C ILE A 70 -10.47 2.52 -4.52
N ASN A 71 -10.34 3.59 -5.26
CA ASN A 71 -9.25 3.67 -6.28
C ASN A 71 -8.12 4.54 -5.73
N LEU A 72 -6.89 4.18 -6.01
CA LEU A 72 -5.74 4.98 -5.53
C LEU A 72 -5.92 6.44 -5.92
N PRO A 73 -5.31 7.37 -5.17
CA PRO A 73 -5.41 8.81 -5.43
C PRO A 73 -4.65 9.20 -6.71
N ALA A 74 -5.16 10.15 -7.45
CA ALA A 74 -4.47 10.56 -8.69
C ALA A 74 -3.08 11.12 -8.35
N GLY A 75 -2.12 10.93 -9.21
CA GLY A 75 -0.76 11.45 -8.93
C GLY A 75 0.08 10.36 -8.27
N VAL A 76 -0.45 9.17 -8.17
CA VAL A 76 0.33 8.07 -7.54
C VAL A 76 0.31 6.84 -8.45
N ASP A 77 1.36 6.06 -8.44
CA ASP A 77 1.40 4.86 -9.31
C ASP A 77 1.49 3.60 -8.44
N VAL A 78 0.95 2.50 -8.91
CA VAL A 78 1.00 1.25 -8.11
C VAL A 78 1.69 0.16 -8.92
N GLU A 79 2.59 -0.57 -8.31
CA GLU A 79 3.30 -1.65 -9.06
C GLU A 79 2.76 -3.01 -8.61
N ILE A 80 2.53 -3.90 -9.55
CA ILE A 80 1.99 -5.24 -9.19
C ILE A 80 3.00 -6.31 -9.60
N LYS A 81 3.30 -7.23 -8.72
CA LYS A 81 4.27 -8.29 -9.06
C LYS A 81 3.77 -9.07 -10.28
N LEU A 82 2.49 -9.28 -10.38
CA LEU A 82 1.93 -10.02 -11.55
C LEU A 82 2.44 -11.46 -11.51
N SER A 1 0.17 -20.32 11.27
CA SER A 1 -0.15 -21.67 10.69
C SER A 1 -1.29 -21.52 9.66
N MET A 2 -2.43 -21.08 10.09
CA MET A 2 -3.57 -20.92 9.15
C MET A 2 -3.16 -19.97 8.02
N GLY A 3 -2.38 -18.98 8.32
CA GLY A 3 -1.95 -18.02 7.28
C GLY A 3 -0.42 -18.03 7.15
N GLY A 4 0.23 -16.98 7.55
CA GLY A 4 1.71 -16.94 7.46
C GLY A 4 2.12 -16.29 6.14
N GLN A 5 1.19 -15.68 5.45
CA GLN A 5 1.53 -15.03 4.15
C GLN A 5 1.40 -13.51 4.29
N LYS A 6 2.25 -12.77 3.64
CA LYS A 6 2.18 -11.29 3.74
C LYS A 6 2.22 -10.69 2.34
N ILE A 7 1.62 -9.53 2.16
CA ILE A 7 1.62 -8.89 0.81
C ILE A 7 2.32 -7.54 0.91
N ARG A 8 3.11 -7.20 -0.08
CA ARG A 8 3.82 -5.89 -0.06
C ARG A 8 3.38 -5.05 -1.26
N ILE A 9 3.10 -3.79 -1.05
CA ILE A 9 2.68 -2.93 -2.18
C ILE A 9 3.66 -1.76 -2.33
N LYS A 10 4.06 -1.45 -3.53
CA LYS A 10 5.01 -0.33 -3.74
C LYS A 10 4.29 0.82 -4.45
N LEU A 11 4.43 2.01 -3.94
CA LEU A 11 3.76 3.18 -4.58
C LEU A 11 4.82 4.12 -5.17
N LYS A 12 4.59 4.61 -6.36
CA LYS A 12 5.58 5.54 -6.98
C LYS A 12 4.89 6.87 -7.31
N ALA A 13 5.59 7.97 -7.15
CA ALA A 13 4.98 9.28 -7.45
C ALA A 13 6.04 10.38 -7.40
N TYR A 14 5.90 11.39 -8.20
CA TYR A 14 6.90 12.49 -8.21
C TYR A 14 7.02 13.08 -6.80
N ASP A 15 5.92 13.39 -6.19
CA ASP A 15 5.96 13.98 -4.82
C ASP A 15 5.94 12.86 -3.78
N HIS A 16 6.88 12.86 -2.87
CA HIS A 16 6.90 11.80 -1.82
C HIS A 16 5.80 12.06 -0.79
N GLU A 17 5.52 13.30 -0.52
CA GLU A 17 4.46 13.63 0.47
C GLU A 17 3.13 13.01 0.01
N LEU A 18 2.85 13.09 -1.27
CA LEU A 18 1.58 12.50 -1.78
C LEU A 18 1.59 10.99 -1.53
N LEU A 19 2.68 10.34 -1.80
CA LEU A 19 2.75 8.87 -1.59
C LEU A 19 2.35 8.55 -0.15
N ASP A 20 2.78 9.34 0.79
CA ASP A 20 2.42 9.08 2.21
C ASP A 20 0.91 9.23 2.40
N GLU A 21 0.32 10.16 1.71
CA GLU A 21 -1.15 10.36 1.83
C GLU A 21 -1.88 9.18 1.19
N SER A 22 -1.39 8.70 0.09
CA SER A 22 -2.05 7.55 -0.59
C SER A 22 -1.86 6.29 0.25
N ALA A 23 -0.69 6.08 0.78
CA ALA A 23 -0.44 4.87 1.61
C ALA A 23 -1.24 4.98 2.91
N LYS A 24 -1.33 6.15 3.48
CA LYS A 24 -2.09 6.33 4.75
C LYS A 24 -3.55 5.95 4.51
N LYS A 25 -4.15 6.43 3.45
CA LYS A 25 -5.57 6.10 3.17
C LYS A 25 -5.71 4.60 2.96
N ILE A 26 -4.81 4.01 2.21
CA ILE A 26 -4.89 2.55 1.95
C ILE A 26 -4.64 1.79 3.25
N VAL A 27 -3.70 2.24 4.04
CA VAL A 27 -3.40 1.55 5.33
C VAL A 27 -4.63 1.60 6.23
N GLU A 28 -5.28 2.73 6.31
CA GLU A 28 -6.48 2.85 7.18
C GLU A 28 -7.56 1.90 6.67
N VAL A 29 -7.71 1.77 5.37
CA VAL A 29 -8.75 0.86 4.83
C VAL A 29 -8.28 -0.59 4.99
N ALA A 30 -7.03 -0.85 4.80
CA ALA A 30 -6.51 -2.24 4.94
C ALA A 30 -6.59 -2.66 6.40
N LYS A 31 -6.11 -1.85 7.30
CA LYS A 31 -6.14 -2.21 8.75
C LYS A 31 -7.59 -2.45 9.16
N SER A 32 -8.50 -1.65 8.69
CA SER A 32 -9.93 -1.83 9.07
C SER A 32 -10.34 -3.29 8.85
N THR A 33 -9.70 -3.95 7.92
CA THR A 33 -10.06 -5.38 7.66
C THR A 33 -9.42 -6.26 8.73
N ASN A 34 -9.84 -7.50 8.83
CA ASN A 34 -9.24 -8.41 9.84
C ASN A 34 -7.74 -8.51 9.62
N SER A 35 -7.31 -8.42 8.40
CA SER A 35 -5.84 -8.51 8.12
C SER A 35 -5.13 -7.31 8.75
N LYS A 36 -3.86 -7.44 9.00
CA LYS A 36 -3.10 -6.30 9.61
C LYS A 36 -2.20 -5.66 8.56
N VAL A 37 -1.91 -4.39 8.70
CA VAL A 37 -1.04 -3.70 7.71
C VAL A 37 0.15 -3.06 8.44
N SER A 38 1.31 -3.07 7.83
CA SER A 38 2.49 -2.46 8.48
C SER A 38 3.10 -1.40 7.57
N GLY A 39 3.49 -0.27 8.11
CA GLY A 39 4.08 0.80 7.26
C GLY A 39 3.28 2.09 7.44
N PRO A 40 3.25 2.93 6.39
CA PRO A 40 3.95 2.66 5.14
C PRO A 40 5.48 2.76 5.31
N ILE A 41 6.21 1.87 4.70
CA ILE A 41 7.70 1.91 4.83
C ILE A 41 8.28 2.76 3.69
N PRO A 42 9.06 3.78 4.04
CA PRO A 42 9.68 4.68 3.06
C PRO A 42 10.80 3.98 2.29
N LEU A 43 10.92 4.23 1.02
CA LEU A 43 11.99 3.58 0.22
C LEU A 43 12.95 4.65 -0.32
N PRO A 44 14.03 4.21 -0.98
CA PRO A 44 15.03 5.13 -1.55
C PRO A 44 14.49 5.88 -2.77
N THR A 45 14.73 7.16 -2.84
CA THR A 45 14.23 7.95 -4.01
C THR A 45 15.21 7.81 -5.17
N GLU A 46 14.70 7.79 -6.38
CA GLU A 46 15.60 7.66 -7.56
C GLU A 46 15.51 8.92 -8.42
N SER A 47 16.61 9.60 -8.61
CA SER A 47 16.59 10.84 -9.44
C SER A 47 15.55 11.81 -8.87
N ARG A 48 14.32 11.69 -9.30
CA ARG A 48 13.27 12.61 -8.78
C ARG A 48 11.98 11.83 -8.53
N VAL A 49 12.09 10.52 -8.42
CA VAL A 49 10.87 9.70 -8.18
C VAL A 49 10.98 9.02 -6.81
N HIS A 50 9.96 9.15 -6.00
CA HIS A 50 10.01 8.52 -4.65
C HIS A 50 9.17 7.24 -4.66
N LYS A 51 9.47 6.31 -3.81
CA LYS A 51 8.69 5.04 -3.78
C LYS A 51 8.39 4.65 -2.32
N ARG A 52 7.21 4.13 -2.08
CA ARG A 52 6.87 3.72 -0.69
C ARG A 52 6.51 2.23 -0.68
N LEU A 53 6.76 1.56 0.42
CA LEU A 53 6.43 0.11 0.47
C LEU A 53 5.53 -0.16 1.68
N ILE A 54 4.42 -0.84 1.46
CA ILE A 54 3.50 -1.14 2.59
C ILE A 54 3.43 -2.65 2.79
N ASP A 55 3.77 -3.13 3.96
CA ASP A 55 3.72 -4.59 4.22
C ASP A 55 2.35 -4.97 4.78
N ILE A 56 1.86 -6.13 4.46
CA ILE A 56 0.53 -6.56 4.97
C ILE A 56 0.67 -7.93 5.65
N ILE A 57 0.15 -8.05 6.84
CA ILE A 57 0.24 -9.36 7.55
C ILE A 57 -1.13 -10.03 7.60
N ASP A 58 -1.18 -11.32 7.41
CA ASP A 58 -2.49 -12.03 7.44
C ASP A 58 -3.50 -11.29 6.57
N PRO A 59 -3.21 -11.18 5.26
CA PRO A 59 -4.09 -10.50 4.32
C PRO A 59 -5.38 -11.29 4.06
N SER A 60 -6.49 -10.62 3.93
CA SER A 60 -7.77 -11.33 3.67
C SER A 60 -8.41 -10.79 2.40
N PRO A 61 -9.44 -11.50 1.89
CA PRO A 61 -10.15 -11.09 0.68
C PRO A 61 -10.95 -9.80 0.89
N LYS A 62 -11.28 -9.50 2.12
CA LYS A 62 -12.06 -8.25 2.39
C LYS A 62 -11.18 -7.04 2.07
N THR A 63 -9.89 -7.20 2.13
CA THR A 63 -8.98 -6.06 1.84
C THR A 63 -9.03 -5.76 0.33
N ILE A 64 -9.04 -6.78 -0.48
CA ILE A 64 -9.09 -6.57 -1.96
C ILE A 64 -10.41 -5.88 -2.31
N ASP A 65 -11.50 -6.31 -1.72
CA ASP A 65 -12.81 -5.68 -2.03
C ASP A 65 -12.73 -4.18 -1.75
N ALA A 66 -12.18 -3.81 -0.62
CA ALA A 66 -12.07 -2.36 -0.28
C ALA A 66 -11.22 -1.66 -1.33
N LEU A 67 -10.22 -2.32 -1.85
CA LEU A 67 -9.36 -1.69 -2.88
C LEU A 67 -10.16 -1.46 -4.15
N MET A 68 -11.01 -2.39 -4.51
CA MET A 68 -11.83 -2.22 -5.74
C MET A 68 -12.86 -1.12 -5.52
N ARG A 69 -13.24 -0.90 -4.29
CA ARG A 69 -14.25 0.17 -4.01
C ARG A 69 -13.56 1.53 -4.00
N ILE A 70 -12.29 1.57 -3.68
CA ILE A 70 -11.57 2.87 -3.65
C ILE A 70 -10.52 2.87 -4.78
N ASN A 71 -10.40 3.96 -5.48
CA ASN A 71 -9.40 4.04 -6.58
C ASN A 71 -8.22 4.91 -6.15
N LEU A 72 -7.03 4.50 -6.48
CA LEU A 72 -5.84 5.30 -6.08
C LEU A 72 -5.94 6.71 -6.69
N PRO A 73 -5.47 7.72 -5.96
CA PRO A 73 -5.51 9.12 -6.41
C PRO A 73 -4.52 9.37 -7.54
N ALA A 74 -4.80 10.31 -8.40
CA ALA A 74 -3.87 10.61 -9.52
C ALA A 74 -2.51 11.02 -8.96
N GLY A 75 -1.45 10.74 -9.68
CA GLY A 75 -0.10 11.11 -9.19
C GLY A 75 0.51 9.94 -8.42
N VAL A 76 -0.16 8.82 -8.40
CA VAL A 76 0.38 7.65 -7.66
C VAL A 76 0.37 6.42 -8.58
N ASP A 77 1.32 5.54 -8.43
CA ASP A 77 1.37 4.33 -9.29
C ASP A 77 1.53 3.08 -8.41
N VAL A 78 1.16 1.94 -8.91
CA VAL A 78 1.30 0.69 -8.11
C VAL A 78 2.12 -0.33 -8.88
N GLU A 79 3.07 -0.96 -8.25
CA GLU A 79 3.90 -1.97 -8.96
C GLU A 79 3.38 -3.37 -8.65
N ILE A 80 3.35 -4.23 -9.63
CA ILE A 80 2.84 -5.61 -9.40
C ILE A 80 3.97 -6.62 -9.62
N LYS A 81 4.11 -7.57 -8.74
CA LYS A 81 5.19 -8.59 -8.89
C LYS A 81 5.09 -9.23 -10.27
N LEU A 82 3.90 -9.47 -10.74
CA LEU A 82 3.73 -10.10 -12.09
C LEU A 82 3.21 -9.06 -13.08
N SER A 1 -0.98 -23.00 5.90
CA SER A 1 -2.26 -22.37 6.34
C SER A 1 -2.48 -21.07 5.56
N MET A 2 -3.68 -20.55 5.59
CA MET A 2 -3.96 -19.28 4.85
C MET A 2 -3.04 -18.17 5.38
N GLY A 3 -2.77 -18.18 6.65
CA GLY A 3 -1.87 -17.13 7.23
C GLY A 3 -0.41 -17.56 7.09
N GLY A 4 0.50 -16.77 7.57
CA GLY A 4 1.94 -17.13 7.46
C GLY A 4 2.56 -16.40 6.27
N GLN A 5 1.75 -15.78 5.46
CA GLN A 5 2.30 -15.06 4.27
C GLN A 5 2.00 -13.56 4.40
N LYS A 6 2.79 -12.73 3.79
CA LYS A 6 2.55 -11.26 3.87
C LYS A 6 2.62 -10.64 2.48
N ILE A 7 1.87 -9.60 2.25
CA ILE A 7 1.89 -8.95 0.90
C ILE A 7 2.47 -7.54 1.03
N ARG A 8 3.30 -7.14 0.10
CA ARG A 8 3.89 -5.78 0.17
C ARG A 8 3.52 -4.99 -1.09
N ILE A 9 3.15 -3.75 -0.94
CA ILE A 9 2.78 -2.93 -2.12
C ILE A 9 3.76 -1.78 -2.27
N LYS A 10 4.21 -1.51 -3.46
CA LYS A 10 5.18 -0.40 -3.67
C LYS A 10 4.48 0.75 -4.41
N LEU A 11 4.61 1.95 -3.91
CA LEU A 11 3.96 3.10 -4.59
C LEU A 11 5.03 4.00 -5.22
N LYS A 12 4.77 4.49 -6.41
CA LYS A 12 5.78 5.36 -7.08
C LYS A 12 5.14 6.71 -7.41
N ALA A 13 5.81 7.79 -7.13
CA ALA A 13 5.24 9.13 -7.44
C ALA A 13 6.33 10.19 -7.27
N TYR A 14 6.27 11.23 -8.07
CA TYR A 14 7.31 12.30 -7.97
C TYR A 14 7.21 12.97 -6.59
N ASP A 15 6.02 13.13 -6.08
CA ASP A 15 5.87 13.77 -4.75
C ASP A 15 5.74 12.70 -3.67
N HIS A 16 6.60 12.71 -2.69
CA HIS A 16 6.53 11.69 -1.61
C HIS A 16 5.33 11.98 -0.71
N GLU A 17 4.96 13.22 -0.58
CA GLU A 17 3.79 13.56 0.28
C GLU A 17 2.53 12.93 -0.30
N LEU A 18 2.41 12.90 -1.60
CA LEU A 18 1.21 12.30 -2.23
C LEU A 18 1.17 10.80 -1.93
N LEU A 19 2.30 10.15 -1.93
CA LEU A 19 2.33 8.69 -1.65
C LEU A 19 1.99 8.45 -0.17
N ASP A 20 2.46 9.31 0.70
CA ASP A 20 2.17 9.13 2.15
C ASP A 20 0.65 9.21 2.38
N GLU A 21 0.00 10.14 1.74
CA GLU A 21 -1.48 10.27 1.91
C GLU A 21 -2.18 9.05 1.30
N SER A 22 -1.78 8.66 0.12
CA SER A 22 -2.42 7.49 -0.54
C SER A 22 -2.14 6.23 0.29
N ALA A 23 -0.95 6.11 0.80
CA ALA A 23 -0.60 4.90 1.60
C ALA A 23 -1.42 4.91 2.90
N LYS A 24 -1.56 6.06 3.52
CA LYS A 24 -2.35 6.12 4.78
C LYS A 24 -3.78 5.61 4.52
N LYS A 25 -4.38 6.05 3.46
CA LYS A 25 -5.77 5.59 3.15
C LYS A 25 -5.79 4.07 3.03
N ILE A 26 -4.83 3.51 2.33
CA ILE A 26 -4.78 2.03 2.17
C ILE A 26 -4.54 1.37 3.53
N VAL A 27 -3.64 1.91 4.31
CA VAL A 27 -3.35 1.32 5.64
C VAL A 27 -4.60 1.41 6.52
N GLU A 28 -5.23 2.55 6.55
CA GLU A 28 -6.45 2.71 7.38
C GLU A 28 -7.54 1.76 6.89
N VAL A 29 -7.74 1.69 5.60
CA VAL A 29 -8.79 0.78 5.06
C VAL A 29 -8.39 -0.68 5.31
N ALA A 30 -7.15 -1.02 5.05
CA ALA A 30 -6.70 -2.42 5.29
C ALA A 30 -6.76 -2.73 6.78
N LYS A 31 -6.31 -1.83 7.61
CA LYS A 31 -6.34 -2.09 9.07
C LYS A 31 -7.78 -2.41 9.51
N SER A 32 -8.74 -1.73 8.96
CA SER A 32 -10.16 -2.00 9.33
C SER A 32 -10.49 -3.46 9.02
N THR A 33 -9.80 -4.05 8.08
CA THR A 33 -10.09 -5.47 7.73
C THR A 33 -9.43 -6.40 8.75
N ASN A 34 -9.83 -7.63 8.80
CA ASN A 34 -9.22 -8.58 9.77
C ASN A 34 -7.71 -8.65 9.54
N SER A 35 -7.28 -8.44 8.33
CA SER A 35 -5.81 -8.48 8.04
C SER A 35 -5.15 -7.23 8.62
N LYS A 36 -3.88 -7.31 8.91
CA LYS A 36 -3.17 -6.13 9.48
C LYS A 36 -2.15 -5.60 8.46
N VAL A 37 -1.97 -4.31 8.42
CA VAL A 37 -0.99 -3.73 7.45
C VAL A 37 0.03 -2.88 8.20
N SER A 38 1.28 -2.94 7.79
CA SER A 38 2.32 -2.15 8.48
C SER A 38 2.93 -1.14 7.50
N GLY A 39 3.17 0.06 7.95
CA GLY A 39 3.75 1.09 7.04
C GLY A 39 3.02 2.41 7.23
N PRO A 40 3.10 3.29 6.21
CA PRO A 40 3.85 3.03 4.98
C PRO A 40 5.36 3.04 5.23
N ILE A 41 6.07 2.12 4.62
CA ILE A 41 7.55 2.08 4.82
C ILE A 41 8.23 2.93 3.75
N PRO A 42 9.16 3.80 4.16
CA PRO A 42 9.90 4.69 3.25
C PRO A 42 10.88 3.90 2.38
N LEU A 43 11.01 4.26 1.14
CA LEU A 43 11.97 3.55 0.24
C LEU A 43 12.93 4.55 -0.39
N PRO A 44 13.93 4.03 -1.14
CA PRO A 44 14.92 4.88 -1.81
C PRO A 44 14.32 5.67 -2.98
N THR A 45 14.80 6.85 -3.23
CA THR A 45 14.25 7.66 -4.35
C THR A 45 15.23 7.62 -5.53
N GLU A 46 14.75 7.88 -6.71
CA GLU A 46 15.65 7.85 -7.90
C GLU A 46 15.12 8.81 -8.96
N SER A 47 15.99 9.38 -9.75
CA SER A 47 15.54 10.33 -10.80
C SER A 47 14.49 11.28 -10.22
N ARG A 48 14.70 11.77 -9.04
CA ARG A 48 13.71 12.69 -8.42
C ARG A 48 12.37 11.96 -8.25
N VAL A 49 12.41 10.72 -7.86
CA VAL A 49 11.15 9.95 -7.68
C VAL A 49 11.14 9.29 -6.29
N HIS A 50 10.07 9.43 -5.57
CA HIS A 50 10.00 8.81 -4.22
C HIS A 50 9.19 7.52 -4.29
N LYS A 51 9.48 6.57 -3.43
CA LYS A 51 8.73 5.29 -3.46
C LYS A 51 8.41 4.85 -2.03
N ARG A 52 7.24 4.30 -1.83
CA ARG A 52 6.86 3.85 -0.45
C ARG A 52 6.44 2.38 -0.51
N LEU A 53 6.70 1.63 0.53
CA LEU A 53 6.31 0.20 0.53
C LEU A 53 5.40 -0.09 1.72
N ILE A 54 4.32 -0.79 1.50
CA ILE A 54 3.39 -1.11 2.63
C ILE A 54 3.37 -2.62 2.85
N ASP A 55 3.61 -3.05 4.06
CA ASP A 55 3.61 -4.52 4.33
C ASP A 55 2.21 -4.95 4.77
N ILE A 56 1.79 -6.12 4.34
CA ILE A 56 0.44 -6.60 4.73
C ILE A 56 0.55 -7.95 5.43
N ILE A 57 -0.06 -8.10 6.57
CA ILE A 57 0.03 -9.39 7.31
C ILE A 57 -1.33 -10.08 7.31
N ASP A 58 -1.36 -11.39 7.17
CA ASP A 58 -2.66 -12.12 7.17
C ASP A 58 -3.65 -11.39 6.27
N PRO A 59 -3.34 -11.29 4.96
CA PRO A 59 -4.20 -10.64 3.98
C PRO A 59 -5.48 -11.43 3.71
N SER A 60 -6.58 -10.77 3.55
CA SER A 60 -7.86 -11.50 3.28
C SER A 60 -8.54 -10.89 2.06
N PRO A 61 -9.60 -11.56 1.57
CA PRO A 61 -10.36 -11.09 0.40
C PRO A 61 -11.12 -9.80 0.69
N LYS A 62 -11.49 -9.57 1.92
CA LYS A 62 -12.21 -8.33 2.27
C LYS A 62 -11.29 -7.13 2.01
N THR A 63 -10.01 -7.33 2.03
CA THR A 63 -9.07 -6.21 1.78
C THR A 63 -9.12 -5.84 0.30
N ILE A 64 -9.18 -6.81 -0.56
CA ILE A 64 -9.24 -6.51 -2.02
C ILE A 64 -10.52 -5.74 -2.33
N ASP A 65 -11.62 -6.14 -1.75
CA ASP A 65 -12.90 -5.43 -2.01
C ASP A 65 -12.75 -3.97 -1.61
N ALA A 66 -12.17 -3.70 -0.47
CA ALA A 66 -12.00 -2.30 -0.03
C ALA A 66 -11.11 -1.55 -1.02
N LEU A 67 -10.07 -2.19 -1.50
CA LEU A 67 -9.17 -1.51 -2.47
C LEU A 67 -9.96 -1.15 -3.72
N MET A 68 -10.84 -2.01 -4.16
CA MET A 68 -11.64 -1.72 -5.38
C MET A 68 -12.57 -0.53 -5.10
N ARG A 69 -13.02 -0.39 -3.88
CA ARG A 69 -13.92 0.74 -3.56
C ARG A 69 -13.14 2.06 -3.59
N ILE A 70 -11.87 2.00 -3.28
CA ILE A 70 -11.06 3.26 -3.29
C ILE A 70 -10.02 3.19 -4.43
N ASN A 71 -9.90 4.23 -5.19
CA ASN A 71 -8.92 4.22 -6.31
C ASN A 71 -7.72 5.11 -5.95
N LEU A 72 -6.54 4.71 -6.31
CA LEU A 72 -5.34 5.53 -5.98
C LEU A 72 -5.46 6.89 -6.66
N PRO A 73 -4.89 7.94 -6.03
CA PRO A 73 -4.94 9.30 -6.56
C PRO A 73 -4.06 9.45 -7.80
N ALA A 74 -4.43 10.33 -8.69
CA ALA A 74 -3.62 10.53 -9.93
C ALA A 74 -2.19 10.93 -9.53
N GLY A 75 -1.22 10.53 -10.32
CA GLY A 75 0.20 10.88 -10.00
C GLY A 75 0.80 9.80 -9.10
N VAL A 76 0.10 8.72 -8.90
CA VAL A 76 0.63 7.64 -8.04
C VAL A 76 0.59 6.31 -8.79
N ASP A 77 1.51 5.43 -8.53
CA ASP A 77 1.53 4.12 -9.24
C ASP A 77 1.61 2.99 -8.22
N VAL A 78 1.11 1.83 -8.57
CA VAL A 78 1.16 0.68 -7.61
C VAL A 78 1.84 -0.52 -8.29
N GLU A 79 2.74 -1.16 -7.62
CA GLU A 79 3.42 -2.34 -8.23
C GLU A 79 2.83 -3.63 -7.66
N ILE A 80 2.63 -4.62 -8.48
CA ILE A 80 2.06 -5.89 -7.99
C ILE A 80 3.06 -7.03 -8.20
N LYS A 81 3.26 -7.85 -7.21
CA LYS A 81 4.23 -8.98 -7.35
C LYS A 81 3.86 -9.80 -8.59
N LEU A 82 2.60 -10.01 -8.82
CA LEU A 82 2.18 -10.81 -10.02
C LEU A 82 2.99 -12.11 -10.06
N SER A 1 -0.05 -19.60 13.47
CA SER A 1 -1.05 -20.47 12.79
C SER A 1 -1.58 -19.76 11.55
N MET A 2 -1.69 -18.46 11.59
CA MET A 2 -2.20 -17.71 10.41
C MET A 2 -1.20 -16.62 10.03
N GLY A 3 -1.32 -16.09 8.83
CA GLY A 3 -0.38 -15.03 8.40
C GLY A 3 0.84 -15.67 7.74
N GLY A 4 0.74 -16.91 7.37
CA GLY A 4 1.90 -17.60 6.73
C GLY A 4 2.30 -16.84 5.46
N GLN A 5 1.35 -16.19 4.82
CA GLN A 5 1.67 -15.43 3.58
C GLN A 5 1.51 -13.93 3.84
N LYS A 6 2.35 -13.12 3.25
CA LYS A 6 2.24 -11.66 3.46
C LYS A 6 2.16 -10.94 2.11
N ILE A 7 1.46 -9.85 2.05
CA ILE A 7 1.35 -9.11 0.75
C ILE A 7 2.03 -7.76 0.88
N ARG A 8 2.78 -7.36 -0.12
CA ARG A 8 3.48 -6.04 -0.05
C ARG A 8 3.07 -5.19 -1.25
N ILE A 9 2.80 -3.93 -1.03
CA ILE A 9 2.39 -3.04 -2.14
C ILE A 9 3.46 -1.97 -2.36
N LYS A 10 3.83 -1.73 -3.60
CA LYS A 10 4.88 -0.70 -3.88
C LYS A 10 4.21 0.54 -4.46
N LEU A 11 4.49 1.69 -3.91
CA LEU A 11 3.87 2.94 -4.43
C LEU A 11 4.95 3.82 -5.06
N LYS A 12 4.71 4.34 -6.22
CA LYS A 12 5.72 5.21 -6.89
C LYS A 12 5.07 6.53 -7.31
N ALA A 13 5.75 7.62 -7.12
CA ALA A 13 5.17 8.94 -7.51
C ALA A 13 6.24 10.02 -7.42
N TYR A 14 6.18 11.01 -8.27
CA TYR A 14 7.21 12.09 -8.24
C TYR A 14 7.16 12.80 -6.89
N ASP A 15 5.99 12.99 -6.34
CA ASP A 15 5.88 13.67 -5.03
C ASP A 15 5.75 12.63 -3.92
N HIS A 16 6.62 12.70 -2.94
CA HIS A 16 6.57 11.71 -1.83
C HIS A 16 5.34 11.99 -0.96
N GLU A 17 4.91 13.22 -0.90
CA GLU A 17 3.72 13.56 -0.07
C GLU A 17 2.50 12.83 -0.63
N LEU A 18 2.39 12.72 -1.92
CA LEU A 18 1.22 12.03 -2.53
C LEU A 18 1.26 10.54 -2.13
N LEU A 19 2.42 9.95 -2.12
CA LEU A 19 2.52 8.51 -1.77
C LEU A 19 2.17 8.34 -0.28
N ASP A 20 2.55 9.28 0.54
CA ASP A 20 2.24 9.16 1.99
C ASP A 20 0.72 9.14 2.19
N GLU A 21 0.01 10.00 1.50
CA GLU A 21 -1.46 10.02 1.65
C GLU A 21 -2.06 8.72 1.08
N SER A 22 -1.54 8.26 -0.01
CA SER A 22 -2.07 7.00 -0.61
C SER A 22 -1.80 5.82 0.34
N ALA A 23 -0.64 5.79 0.93
CA ALA A 23 -0.31 4.67 1.86
C ALA A 23 -1.16 4.81 3.12
N LYS A 24 -1.34 6.01 3.61
CA LYS A 24 -2.16 6.19 4.84
C LYS A 24 -3.58 5.67 4.60
N LYS A 25 -4.17 6.03 3.50
CA LYS A 25 -5.55 5.55 3.20
C LYS A 25 -5.56 4.01 3.15
N ILE A 26 -4.59 3.44 2.49
CA ILE A 26 -4.54 1.95 2.41
C ILE A 26 -4.37 1.36 3.80
N VAL A 27 -3.45 1.90 4.58
CA VAL A 27 -3.24 1.38 5.96
C VAL A 27 -4.54 1.52 6.77
N GLU A 28 -5.14 2.68 6.73
CA GLU A 28 -6.40 2.89 7.50
C GLU A 28 -7.46 1.91 7.02
N VAL A 29 -7.64 1.79 5.73
CA VAL A 29 -8.66 0.85 5.19
C VAL A 29 -8.20 -0.59 5.44
N ALA A 30 -6.95 -0.88 5.23
CA ALA A 30 -6.44 -2.26 5.45
C ALA A 30 -6.55 -2.59 6.94
N LYS A 31 -6.11 -1.72 7.79
CA LYS A 31 -6.20 -2.00 9.26
C LYS A 31 -7.64 -2.34 9.63
N SER A 32 -8.59 -1.65 9.08
CA SER A 32 -10.02 -1.94 9.40
C SER A 32 -10.33 -3.40 9.05
N THR A 33 -9.72 -3.91 8.03
CA THR A 33 -9.98 -5.33 7.65
C THR A 33 -9.32 -6.28 8.65
N ASN A 34 -9.84 -7.46 8.81
CA ASN A 34 -9.24 -8.41 9.78
C ASN A 34 -7.73 -8.51 9.53
N SER A 35 -7.32 -8.32 8.31
CA SER A 35 -5.86 -8.41 8.01
C SER A 35 -5.13 -7.22 8.64
N LYS A 36 -3.85 -7.34 8.86
CA LYS A 36 -3.09 -6.22 9.48
C LYS A 36 -2.02 -5.73 8.51
N VAL A 37 -1.84 -4.45 8.40
CA VAL A 37 -0.81 -3.91 7.46
C VAL A 37 0.27 -3.16 8.25
N SER A 38 1.50 -3.27 7.85
CA SER A 38 2.59 -2.56 8.58
C SER A 38 3.22 -1.51 7.66
N GLY A 39 3.57 -0.38 8.20
CA GLY A 39 4.19 0.69 7.36
C GLY A 39 3.45 2.00 7.59
N PRO A 40 3.48 2.89 6.57
CA PRO A 40 4.15 2.63 5.30
C PRO A 40 5.68 2.64 5.46
N ILE A 41 6.36 1.75 4.79
CA ILE A 41 7.84 1.72 4.91
C ILE A 41 8.46 2.60 3.83
N PRO A 42 9.36 3.52 4.22
CA PRO A 42 10.03 4.43 3.30
C PRO A 42 11.04 3.70 2.41
N LEU A 43 11.09 4.04 1.15
CA LEU A 43 12.06 3.38 0.23
C LEU A 43 13.01 4.42 -0.34
N PRO A 44 14.01 3.97 -1.13
CA PRO A 44 14.99 4.88 -1.73
C PRO A 44 14.38 5.74 -2.83
N THR A 45 14.80 6.97 -2.94
CA THR A 45 14.23 7.87 -3.99
C THR A 45 15.29 8.15 -5.05
N GLU A 46 14.90 8.69 -6.17
CA GLU A 46 15.88 9.00 -7.25
C GLU A 46 15.49 10.30 -7.93
N SER A 47 16.41 11.22 -8.04
CA SER A 47 16.09 12.53 -8.69
C SER A 47 14.86 13.14 -8.02
N ARG A 48 13.68 12.82 -8.51
CA ARG A 48 12.45 13.38 -7.91
C ARG A 48 11.38 12.28 -7.82
N VAL A 49 11.79 11.05 -7.79
CA VAL A 49 10.80 9.94 -7.70
C VAL A 49 10.94 9.24 -6.35
N HIS A 50 9.89 9.21 -5.58
CA HIS A 50 9.96 8.54 -4.25
C HIS A 50 9.15 7.24 -4.29
N LYS A 51 9.51 6.28 -3.48
CA LYS A 51 8.75 5.00 -3.48
C LYS A 51 8.46 4.57 -2.04
N ARG A 52 7.35 3.95 -1.81
CA ARG A 52 7.00 3.50 -0.44
C ARG A 52 6.56 2.04 -0.47
N LEU A 53 6.84 1.29 0.56
CA LEU A 53 6.43 -0.14 0.56
C LEU A 53 5.54 -0.42 1.77
N ILE A 54 4.43 -1.08 1.56
CA ILE A 54 3.53 -1.39 2.70
C ILE A 54 3.41 -2.90 2.87
N ASP A 55 3.75 -3.40 4.03
CA ASP A 55 3.66 -4.88 4.24
C ASP A 55 2.28 -5.24 4.78
N ILE A 56 1.77 -6.39 4.41
CA ILE A 56 0.42 -6.80 4.89
C ILE A 56 0.52 -8.20 5.50
N ILE A 57 0.03 -8.37 6.70
CA ILE A 57 0.09 -9.72 7.34
C ILE A 57 -1.31 -10.30 7.43
N ASP A 58 -1.43 -11.59 7.23
CA ASP A 58 -2.78 -12.24 7.30
C ASP A 58 -3.77 -11.44 6.45
N PRO A 59 -3.52 -11.35 5.15
CA PRO A 59 -4.40 -10.63 4.21
C PRO A 59 -5.74 -11.34 4.02
N SER A 60 -6.80 -10.59 3.84
CA SER A 60 -8.13 -11.23 3.65
C SER A 60 -8.80 -10.64 2.41
N PRO A 61 -9.87 -11.29 1.93
CA PRO A 61 -10.61 -10.83 0.73
C PRO A 61 -11.34 -9.51 1.00
N LYS A 62 -11.65 -9.24 2.23
CA LYS A 62 -12.36 -7.97 2.55
C LYS A 62 -11.45 -6.80 2.22
N THR A 63 -10.16 -7.00 2.25
CA THR A 63 -9.21 -5.89 1.93
C THR A 63 -9.30 -5.57 0.43
N ILE A 64 -9.45 -6.58 -0.39
CA ILE A 64 -9.54 -6.33 -1.86
C ILE A 64 -10.83 -5.55 -2.16
N ASP A 65 -11.91 -5.94 -1.55
CA ASP A 65 -13.20 -5.22 -1.79
C ASP A 65 -13.03 -3.75 -1.44
N ALA A 66 -12.36 -3.45 -0.35
CA ALA A 66 -12.16 -2.04 0.03
C ALA A 66 -11.29 -1.33 -1.00
N LEU A 67 -10.28 -2.01 -1.50
CA LEU A 67 -9.39 -1.38 -2.52
C LEU A 67 -10.21 -1.07 -3.78
N MET A 68 -11.05 -1.98 -4.19
CA MET A 68 -11.88 -1.75 -5.41
C MET A 68 -12.82 -0.57 -5.17
N ARG A 69 -13.26 -0.39 -3.95
CA ARG A 69 -14.18 0.74 -3.65
C ARG A 69 -13.42 2.06 -3.73
N ILE A 70 -12.15 2.04 -3.43
CA ILE A 70 -11.35 3.30 -3.49
C ILE A 70 -10.39 3.23 -4.68
N ASN A 71 -10.27 4.30 -5.41
CA ASN A 71 -9.35 4.31 -6.59
C ASN A 71 -8.12 5.17 -6.27
N LEU A 72 -6.96 4.69 -6.59
CA LEU A 72 -5.73 5.49 -6.30
C LEU A 72 -5.77 6.80 -7.10
N PRO A 73 -5.23 7.87 -6.51
CA PRO A 73 -5.20 9.20 -7.16
C PRO A 73 -4.24 9.23 -8.35
N ALA A 74 -4.55 10.00 -9.35
CA ALA A 74 -3.65 10.07 -10.54
C ALA A 74 -2.30 10.67 -10.13
N GLY A 75 -1.26 10.34 -10.82
CA GLY A 75 0.09 10.89 -10.47
C GLY A 75 0.87 9.85 -9.67
N VAL A 76 0.34 8.68 -9.51
CA VAL A 76 1.06 7.62 -8.74
C VAL A 76 1.10 6.33 -9.57
N ASP A 77 2.15 5.57 -9.45
CA ASP A 77 2.25 4.30 -10.22
C ASP A 77 2.22 3.11 -9.25
N VAL A 78 1.65 2.01 -9.68
CA VAL A 78 1.59 0.82 -8.78
C VAL A 78 2.24 -0.38 -9.48
N GLU A 79 3.08 -1.09 -8.80
CA GLU A 79 3.75 -2.27 -9.42
C GLU A 79 3.30 -3.55 -8.73
N ILE A 80 3.14 -4.62 -9.45
CA ILE A 80 2.70 -5.89 -8.83
C ILE A 80 3.78 -6.96 -9.03
N LYS A 81 4.11 -7.68 -8.00
CA LYS A 81 5.15 -8.73 -8.12
C LYS A 81 4.74 -9.73 -9.21
N LEU A 82 3.47 -9.98 -9.34
CA LEU A 82 3.01 -10.94 -10.38
C LEU A 82 2.13 -10.21 -11.40
N SER A 1 -1.60 -22.08 11.36
CA SER A 1 -1.67 -20.67 11.84
C SER A 1 -2.15 -19.77 10.70
N MET A 2 -2.39 -18.52 10.98
CA MET A 2 -2.86 -17.59 9.92
C MET A 2 -1.88 -16.43 9.77
N GLY A 3 -1.77 -15.86 8.59
CA GLY A 3 -0.83 -14.73 8.40
C GLY A 3 0.55 -15.26 8.05
N GLY A 4 0.64 -16.52 7.70
CA GLY A 4 1.96 -17.10 7.35
C GLY A 4 2.52 -16.40 6.11
N GLN A 5 1.66 -15.81 5.31
CA GLN A 5 2.14 -15.12 4.09
C GLN A 5 1.80 -13.62 4.19
N LYS A 6 2.65 -12.78 3.66
CA LYS A 6 2.40 -11.32 3.72
C LYS A 6 2.43 -10.73 2.32
N ILE A 7 1.82 -9.59 2.12
CA ILE A 7 1.83 -8.97 0.76
C ILE A 7 2.55 -7.62 0.83
N ARG A 8 3.31 -7.30 -0.18
CA ARG A 8 4.05 -6.00 -0.17
C ARG A 8 3.58 -5.15 -1.36
N ILE A 9 3.33 -3.89 -1.14
CA ILE A 9 2.87 -3.01 -2.24
C ILE A 9 3.88 -1.87 -2.44
N LYS A 10 4.25 -1.59 -3.66
CA LYS A 10 5.23 -0.51 -3.92
C LYS A 10 4.50 0.70 -4.54
N LEU A 11 4.74 1.87 -4.03
CA LEU A 11 4.07 3.08 -4.58
C LEU A 11 5.09 3.95 -5.30
N LYS A 12 4.74 4.50 -6.43
CA LYS A 12 5.69 5.37 -7.17
C LYS A 12 5.04 6.72 -7.46
N ALA A 13 5.72 7.79 -7.15
CA ALA A 13 5.15 9.14 -7.41
C ALA A 13 6.26 10.19 -7.34
N TYR A 14 6.10 11.27 -8.05
CA TYR A 14 7.15 12.34 -8.03
C TYR A 14 7.12 13.05 -6.69
N ASP A 15 5.98 13.15 -6.08
CA ASP A 15 5.88 13.83 -4.76
C ASP A 15 5.93 12.81 -3.63
N HIS A 16 6.95 12.85 -2.83
CA HIS A 16 7.06 11.87 -1.70
C HIS A 16 5.87 12.04 -0.76
N GLU A 17 5.56 13.26 -0.41
CA GLU A 17 4.39 13.48 0.51
C GLU A 17 3.14 12.87 -0.10
N LEU A 18 2.95 13.03 -1.38
CA LEU A 18 1.74 12.44 -2.03
C LEU A 18 1.71 10.93 -1.79
N LEU A 19 2.85 10.29 -1.84
CA LEU A 19 2.90 8.82 -1.62
C LEU A 19 2.41 8.51 -0.20
N ASP A 20 2.78 9.33 0.76
CA ASP A 20 2.35 9.09 2.16
C ASP A 20 0.82 9.12 2.23
N GLU A 21 0.18 10.00 1.50
CA GLU A 21 -1.29 10.08 1.53
C GLU A 21 -1.87 8.78 0.95
N SER A 22 -1.27 8.26 -0.08
CA SER A 22 -1.78 7.00 -0.70
C SER A 22 -1.66 5.86 0.30
N ALA A 23 -0.65 5.87 1.13
CA ALA A 23 -0.47 4.78 2.12
C ALA A 23 -1.50 4.94 3.24
N LYS A 24 -1.83 6.16 3.59
CA LYS A 24 -2.82 6.38 4.69
C LYS A 24 -4.18 5.82 4.26
N LYS A 25 -4.59 6.06 3.05
CA LYS A 25 -5.90 5.54 2.58
C LYS A 25 -5.86 4.01 2.56
N ILE A 26 -4.82 3.44 2.03
CA ILE A 26 -4.73 1.95 1.98
C ILE A 26 -4.53 1.40 3.39
N VAL A 27 -3.67 2.01 4.16
CA VAL A 27 -3.44 1.51 5.55
C VAL A 27 -4.72 1.67 6.37
N GLU A 28 -5.37 2.80 6.26
CA GLU A 28 -6.63 3.01 7.04
C GLU A 28 -7.68 1.98 6.60
N VAL A 29 -7.83 1.78 5.31
CA VAL A 29 -8.84 0.79 4.83
C VAL A 29 -8.35 -0.62 5.14
N ALA A 30 -7.09 -0.88 4.93
CA ALA A 30 -6.55 -2.24 5.21
C ALA A 30 -6.64 -2.53 6.71
N LYS A 31 -6.23 -1.60 7.52
CA LYS A 31 -6.28 -1.82 9.00
C LYS A 31 -7.73 -2.09 9.43
N SER A 32 -8.66 -1.40 8.84
CA SER A 32 -10.09 -1.60 9.21
C SER A 32 -10.48 -3.06 8.94
N THR A 33 -9.87 -3.67 7.96
CA THR A 33 -10.20 -5.09 7.65
C THR A 33 -9.55 -6.00 8.68
N ASN A 34 -10.01 -7.23 8.77
CA ASN A 34 -9.41 -8.17 9.77
C ASN A 34 -7.90 -8.27 9.55
N SER A 35 -7.46 -8.17 8.33
CA SER A 35 -6.00 -8.25 8.05
C SER A 35 -5.30 -7.02 8.64
N LYS A 36 -4.01 -7.10 8.83
CA LYS A 36 -3.27 -5.94 9.40
C LYS A 36 -2.16 -5.52 8.44
N VAL A 37 -1.98 -4.24 8.24
CA VAL A 37 -0.91 -3.77 7.32
C VAL A 37 0.18 -3.05 8.13
N SER A 38 1.41 -3.25 7.76
CA SER A 38 2.52 -2.58 8.51
C SER A 38 3.23 -1.58 7.58
N GLY A 39 3.70 -0.50 8.12
CA GLY A 39 4.39 0.52 7.27
C GLY A 39 3.71 1.87 7.45
N PRO A 40 3.74 2.70 6.39
CA PRO A 40 4.39 2.36 5.12
C PRO A 40 5.92 2.30 5.26
N ILE A 41 6.56 1.46 4.51
CA ILE A 41 8.05 1.35 4.61
C ILE A 41 8.68 2.32 3.59
N PRO A 42 9.62 3.16 4.07
CA PRO A 42 10.31 4.13 3.22
C PRO A 42 11.28 3.45 2.25
N LEU A 43 11.14 3.68 0.98
CA LEU A 43 12.06 3.03 0.00
C LEU A 43 13.02 4.08 -0.56
N PRO A 44 14.01 3.63 -1.36
CA PRO A 44 15.01 4.51 -1.96
C PRO A 44 14.40 5.43 -3.03
N THR A 45 14.96 6.59 -3.23
CA THR A 45 14.41 7.52 -4.25
C THR A 45 15.48 7.82 -5.30
N GLU A 46 15.10 8.34 -6.44
CA GLU A 46 16.10 8.65 -7.49
C GLU A 46 15.73 9.96 -8.18
N SER A 47 16.71 10.78 -8.47
CA SER A 47 16.41 12.07 -9.14
C SER A 47 15.27 12.78 -8.41
N ARG A 48 14.06 12.58 -8.84
CA ARG A 48 12.90 13.24 -8.17
C ARG A 48 11.74 12.25 -8.04
N VAL A 49 12.04 10.98 -8.00
CA VAL A 49 10.96 9.96 -7.87
C VAL A 49 11.11 9.23 -6.53
N HIS A 50 10.09 9.28 -5.71
CA HIS A 50 10.18 8.59 -4.39
C HIS A 50 9.32 7.33 -4.43
N LYS A 51 9.67 6.32 -3.68
CA LYS A 51 8.88 5.06 -3.69
C LYS A 51 8.64 4.60 -2.24
N ARG A 52 7.51 3.99 -2.00
CA ARG A 52 7.20 3.51 -0.62
C ARG A 52 6.74 2.05 -0.69
N LEU A 53 7.00 1.29 0.34
CA LEU A 53 6.57 -0.13 0.33
C LEU A 53 5.67 -0.40 1.54
N ILE A 54 4.52 -0.97 1.31
CA ILE A 54 3.60 -1.27 2.44
C ILE A 54 3.53 -2.78 2.66
N ASP A 55 3.75 -3.22 3.87
CA ASP A 55 3.70 -4.69 4.14
C ASP A 55 2.32 -5.06 4.70
N ILE A 56 1.78 -6.16 4.25
CA ILE A 56 0.44 -6.58 4.75
C ILE A 56 0.56 -7.93 5.46
N ILE A 57 0.02 -8.04 6.64
CA ILE A 57 0.11 -9.33 7.38
C ILE A 57 -1.26 -9.97 7.48
N ASP A 58 -1.36 -11.26 7.29
CA ASP A 58 -2.67 -11.95 7.37
C ASP A 58 -3.70 -11.20 6.52
N PRO A 59 -3.40 -11.05 5.22
CA PRO A 59 -4.30 -10.35 4.28
C PRO A 59 -5.57 -11.15 4.00
N SER A 60 -6.69 -10.48 3.95
CA SER A 60 -7.97 -11.20 3.68
C SER A 60 -8.58 -10.68 2.39
N PRO A 61 -9.61 -11.39 1.89
CA PRO A 61 -10.30 -11.01 0.64
C PRO A 61 -11.10 -9.72 0.82
N LYS A 62 -11.44 -9.38 2.04
CA LYS A 62 -12.22 -8.13 2.27
C LYS A 62 -11.34 -6.92 1.94
N THR A 63 -10.04 -7.09 2.01
CA THR A 63 -9.13 -5.95 1.70
C THR A 63 -9.20 -5.64 0.20
N ILE A 64 -9.22 -6.66 -0.62
CA ILE A 64 -9.28 -6.42 -2.09
C ILE A 64 -10.64 -5.82 -2.45
N ASP A 65 -11.69 -6.28 -1.83
CA ASP A 65 -13.04 -5.74 -2.14
C ASP A 65 -13.07 -4.24 -1.86
N ALA A 66 -12.46 -3.82 -0.77
CA ALA A 66 -12.44 -2.37 -0.44
C ALA A 66 -11.62 -1.61 -1.48
N LEU A 67 -10.56 -2.21 -1.96
CA LEU A 67 -9.72 -1.52 -2.98
C LEU A 67 -10.55 -1.29 -4.25
N MET A 68 -11.39 -2.23 -4.60
CA MET A 68 -12.23 -2.07 -5.82
C MET A 68 -13.27 -0.97 -5.58
N ARG A 69 -13.76 -0.86 -4.38
CA ARG A 69 -14.77 0.19 -4.08
C ARG A 69 -14.09 1.56 -4.04
N ILE A 70 -12.84 1.59 -3.70
CA ILE A 70 -12.11 2.90 -3.63
C ILE A 70 -11.14 3.00 -4.81
N ASN A 71 -11.06 4.14 -5.43
CA ASN A 71 -10.14 4.30 -6.58
C ASN A 71 -8.80 4.86 -6.09
N LEU A 72 -7.71 4.37 -6.61
CA LEU A 72 -6.38 4.86 -6.17
C LEU A 72 -6.27 6.36 -6.47
N PRO A 73 -5.54 7.10 -5.62
CA PRO A 73 -5.36 8.54 -5.78
C PRO A 73 -4.49 8.87 -6.99
N ALA A 74 -4.81 9.93 -7.69
CA ALA A 74 -4.00 10.31 -8.89
C ALA A 74 -2.61 10.76 -8.44
N GLY A 75 -1.61 10.53 -9.24
CA GLY A 75 -0.23 10.96 -8.86
C GLY A 75 0.51 9.78 -8.21
N VAL A 76 -0.10 8.62 -8.18
CA VAL A 76 0.57 7.45 -7.56
C VAL A 76 0.47 6.25 -8.50
N ASP A 77 1.45 5.38 -8.48
CA ASP A 77 1.40 4.19 -9.38
C ASP A 77 1.77 2.94 -8.58
N VAL A 78 1.20 1.81 -8.93
CA VAL A 78 1.52 0.56 -8.19
C VAL A 78 1.75 -0.57 -9.19
N GLU A 79 2.69 -1.44 -8.92
CA GLU A 79 2.95 -2.56 -9.85
C GLU A 79 2.63 -3.89 -9.16
N ILE A 80 1.99 -4.79 -9.85
CA ILE A 80 1.65 -6.11 -9.23
C ILE A 80 2.93 -6.86 -8.89
N LYS A 81 3.94 -6.75 -9.72
CA LYS A 81 5.22 -7.46 -9.44
C LYS A 81 6.17 -6.52 -8.69
N LEU A 82 6.99 -7.07 -7.83
CA LEU A 82 7.94 -6.21 -7.07
C LEU A 82 8.58 -5.19 -8.01
N SER A 1 -0.89 -24.16 6.90
CA SER A 1 -1.67 -23.12 7.61
C SER A 1 -2.11 -22.03 6.63
N MET A 2 -3.39 -21.77 6.55
CA MET A 2 -3.88 -20.73 5.61
C MET A 2 -3.19 -19.39 5.93
N GLY A 3 -2.93 -19.13 7.18
CA GLY A 3 -2.26 -17.85 7.55
C GLY A 3 -0.76 -17.98 7.35
N GLY A 4 -0.01 -16.98 7.71
CA GLY A 4 1.47 -17.05 7.54
C GLY A 4 1.86 -16.41 6.21
N GLN A 5 0.92 -15.81 5.52
CA GLN A 5 1.24 -15.17 4.23
C GLN A 5 1.31 -13.65 4.41
N LYS A 6 2.10 -12.98 3.62
CA LYS A 6 2.20 -11.50 3.75
C LYS A 6 2.20 -10.86 2.36
N ILE A 7 1.58 -9.73 2.22
CA ILE A 7 1.54 -9.06 0.89
C ILE A 7 2.30 -7.72 0.96
N ARG A 8 3.07 -7.42 -0.04
CA ARG A 8 3.83 -6.13 -0.03
C ARG A 8 3.39 -5.26 -1.20
N ILE A 9 3.12 -4.02 -0.95
CA ILE A 9 2.68 -3.11 -2.06
C ILE A 9 3.60 -1.89 -2.12
N LYS A 10 4.07 -1.55 -3.29
CA LYS A 10 4.97 -0.37 -3.40
C LYS A 10 4.21 0.79 -4.04
N LEU A 11 4.37 1.97 -3.53
CA LEU A 11 3.66 3.15 -4.09
C LEU A 11 4.65 4.06 -4.80
N LYS A 12 4.30 4.58 -5.95
CA LYS A 12 5.23 5.47 -6.68
C LYS A 12 4.52 6.78 -7.02
N ALA A 13 5.19 7.89 -6.87
CA ALA A 13 4.53 9.20 -7.18
C ALA A 13 5.61 10.29 -7.27
N TYR A 14 5.41 11.25 -8.13
CA TYR A 14 6.41 12.34 -8.28
C TYR A 14 6.60 13.04 -6.93
N ASP A 15 5.52 13.46 -6.30
CA ASP A 15 5.64 14.14 -5.00
C ASP A 15 5.57 13.12 -3.86
N HIS A 16 6.51 13.13 -2.97
CA HIS A 16 6.51 12.16 -1.84
C HIS A 16 5.31 12.45 -0.93
N GLU A 17 5.00 13.71 -0.74
CA GLU A 17 3.85 14.06 0.14
C GLU A 17 2.58 13.38 -0.38
N LEU A 18 2.37 13.41 -1.66
CA LEU A 18 1.15 12.77 -2.23
C LEU A 18 1.23 11.26 -2.01
N LEU A 19 2.39 10.69 -2.13
CA LEU A 19 2.53 9.22 -1.92
C LEU A 19 2.22 8.88 -0.46
N ASP A 20 2.65 9.70 0.45
CA ASP A 20 2.38 9.43 1.89
C ASP A 20 0.87 9.37 2.12
N GLU A 21 0.14 10.28 1.53
CA GLU A 21 -1.34 10.28 1.72
C GLU A 21 -1.94 9.04 1.07
N SER A 22 -1.45 8.66 -0.09
CA SER A 22 -1.98 7.45 -0.76
C SER A 22 -1.67 6.22 0.08
N ALA A 23 -0.48 6.12 0.59
CA ALA A 23 -0.11 4.94 1.43
C ALA A 23 -0.90 4.99 2.74
N LYS A 24 -0.99 6.15 3.34
CA LYS A 24 -1.74 6.26 4.63
C LYS A 24 -3.21 5.93 4.39
N LYS A 25 -3.77 6.42 3.31
CA LYS A 25 -5.21 6.14 3.03
C LYS A 25 -5.42 4.63 2.93
N ILE A 26 -4.60 3.95 2.17
CA ILE A 26 -4.76 2.48 2.02
C ILE A 26 -4.49 1.82 3.38
N VAL A 27 -3.49 2.27 4.09
CA VAL A 27 -3.16 1.66 5.41
C VAL A 27 -4.38 1.77 6.32
N GLU A 28 -5.01 2.92 6.37
CA GLU A 28 -6.20 3.07 7.24
C GLU A 28 -7.30 2.10 6.81
N VAL A 29 -7.52 1.97 5.52
CA VAL A 29 -8.57 1.04 5.03
C VAL A 29 -8.10 -0.40 5.22
N ALA A 30 -6.85 -0.68 4.95
CA ALA A 30 -6.34 -2.06 5.12
C ALA A 30 -6.43 -2.47 6.59
N LYS A 31 -6.00 -1.61 7.48
CA LYS A 31 -6.06 -1.96 8.93
C LYS A 31 -7.51 -2.21 9.33
N SER A 32 -8.43 -1.42 8.82
CA SER A 32 -9.86 -1.62 9.17
C SER A 32 -10.26 -3.06 8.88
N THR A 33 -9.67 -3.68 7.90
CA THR A 33 -10.01 -5.09 7.58
C THR A 33 -9.36 -6.02 8.61
N ASN A 34 -9.83 -7.23 8.70
CA ASN A 34 -9.24 -8.19 9.68
C ASN A 34 -7.74 -8.34 9.42
N SER A 35 -7.33 -8.24 8.18
CA SER A 35 -5.88 -8.37 7.86
C SER A 35 -5.10 -7.26 8.57
N LYS A 36 -3.82 -7.45 8.75
CA LYS A 36 -3.00 -6.40 9.44
C LYS A 36 -2.00 -5.81 8.44
N VAL A 37 -1.72 -4.55 8.55
CA VAL A 37 -0.75 -3.91 7.61
C VAL A 37 0.39 -3.26 8.40
N SER A 38 1.59 -3.34 7.91
CA SER A 38 2.74 -2.73 8.64
C SER A 38 3.37 -1.64 7.77
N GLY A 39 3.76 -0.54 8.36
CA GLY A 39 4.38 0.55 7.57
C GLY A 39 3.56 1.84 7.76
N PRO A 40 3.53 2.68 6.71
CA PRO A 40 4.24 2.41 5.45
C PRO A 40 5.76 2.54 5.61
N ILE A 41 6.50 1.72 4.93
CA ILE A 41 7.99 1.78 5.05
C ILE A 41 8.55 2.66 3.92
N PRO A 42 9.23 3.74 4.29
CA PRO A 42 9.82 4.67 3.32
C PRO A 42 11.01 4.06 2.59
N LEU A 43 11.10 4.25 1.30
CA LEU A 43 12.24 3.68 0.54
C LEU A 43 13.05 4.82 -0.10
N PRO A 44 14.18 4.47 -0.74
CA PRO A 44 15.05 5.45 -1.40
C PRO A 44 14.40 6.04 -2.66
N THR A 45 14.45 7.33 -2.80
CA THR A 45 13.83 7.96 -4.01
C THR A 45 14.76 7.77 -5.21
N GLU A 46 14.21 7.74 -6.39
CA GLU A 46 15.05 7.57 -7.61
C GLU A 46 14.92 8.81 -8.50
N SER A 47 16.02 9.42 -8.84
CA SER A 47 15.97 10.63 -9.71
C SER A 47 15.02 11.66 -9.08
N ARG A 48 13.75 11.58 -9.40
CA ARG A 48 12.78 12.55 -8.82
C ARG A 48 11.49 11.82 -8.46
N VAL A 49 11.55 10.54 -8.28
CA VAL A 49 10.31 9.78 -7.92
C VAL A 49 10.50 9.09 -6.57
N HIS A 50 9.55 9.22 -5.69
CA HIS A 50 9.68 8.58 -4.35
C HIS A 50 8.92 7.27 -4.34
N LYS A 51 9.32 6.34 -3.52
CA LYS A 51 8.60 5.03 -3.47
C LYS A 51 8.51 4.54 -2.02
N ARG A 52 7.41 3.94 -1.66
CA ARG A 52 7.26 3.45 -0.26
C ARG A 52 6.87 1.96 -0.30
N LEU A 53 7.11 1.25 0.78
CA LEU A 53 6.76 -0.20 0.79
C LEU A 53 5.82 -0.47 1.98
N ILE A 54 4.71 -1.11 1.72
CA ILE A 54 3.76 -1.42 2.82
C ILE A 54 3.64 -2.94 2.98
N ASP A 55 3.95 -3.45 4.14
CA ASP A 55 3.87 -4.91 4.36
C ASP A 55 2.46 -5.27 4.86
N ILE A 56 1.96 -6.41 4.48
CA ILE A 56 0.60 -6.81 4.93
C ILE A 56 0.66 -8.20 5.58
N ILE A 57 0.17 -8.31 6.78
CA ILE A 57 0.22 -9.63 7.47
C ILE A 57 -1.20 -10.23 7.53
N ASP A 58 -1.32 -11.52 7.35
CA ASP A 58 -2.67 -12.15 7.39
C ASP A 58 -3.61 -11.43 6.44
N PRO A 59 -3.28 -11.43 5.13
CA PRO A 59 -4.09 -10.78 4.11
C PRO A 59 -5.42 -11.51 3.88
N SER A 60 -6.46 -10.79 3.59
CA SER A 60 -7.78 -11.44 3.36
C SER A 60 -8.44 -10.86 2.10
N PRO A 61 -9.49 -11.53 1.60
CA PRO A 61 -10.21 -11.08 0.40
C PRO A 61 -10.96 -9.78 0.64
N LYS A 62 -11.29 -9.49 1.87
CA LYS A 62 -12.02 -8.23 2.17
C LYS A 62 -11.12 -7.04 1.85
N THR A 63 -9.82 -7.23 1.87
CA THR A 63 -8.91 -6.11 1.57
C THR A 63 -8.95 -5.80 0.07
N ILE A 64 -9.00 -6.81 -0.75
CA ILE A 64 -9.05 -6.58 -2.22
C ILE A 64 -10.36 -5.86 -2.57
N ASP A 65 -11.45 -6.24 -1.95
CA ASP A 65 -12.74 -5.57 -2.25
C ASP A 65 -12.65 -4.09 -1.87
N ALA A 66 -12.05 -3.79 -0.74
CA ALA A 66 -11.93 -2.37 -0.32
C ALA A 66 -11.02 -1.63 -1.30
N LEU A 67 -9.98 -2.27 -1.77
CA LEU A 67 -9.06 -1.60 -2.73
C LEU A 67 -9.82 -1.30 -4.03
N MET A 68 -10.66 -2.20 -4.46
CA MET A 68 -11.42 -1.97 -5.72
C MET A 68 -12.43 -0.84 -5.50
N ARG A 69 -12.91 -0.69 -4.29
CA ARG A 69 -13.89 0.40 -4.02
C ARG A 69 -13.18 1.74 -3.98
N ILE A 70 -11.93 1.76 -3.61
CA ILE A 70 -11.17 3.04 -3.56
C ILE A 70 -10.11 3.06 -4.66
N ASN A 71 -9.98 4.15 -5.35
CA ASN A 71 -8.97 4.23 -6.44
C ASN A 71 -7.85 5.21 -6.03
N LEU A 72 -6.63 4.81 -6.16
CA LEU A 72 -5.51 5.72 -5.78
C LEU A 72 -5.63 7.03 -6.56
N PRO A 73 -5.12 8.13 -5.99
CA PRO A 73 -5.17 9.45 -6.63
C PRO A 73 -4.25 9.53 -7.85
N ALA A 74 -4.60 10.35 -8.80
CA ALA A 74 -3.75 10.47 -10.02
C ALA A 74 -2.34 10.90 -9.62
N GLY A 75 -1.35 10.49 -10.36
CA GLY A 75 0.05 10.88 -10.02
C GLY A 75 0.69 9.79 -9.14
N VAL A 76 -0.02 8.73 -8.88
CA VAL A 76 0.54 7.65 -8.03
C VAL A 76 0.39 6.31 -8.77
N ASP A 77 1.33 5.41 -8.57
CA ASP A 77 1.24 4.09 -9.24
C ASP A 77 1.28 2.97 -8.21
N VAL A 78 0.74 1.83 -8.52
CA VAL A 78 0.75 0.70 -7.55
C VAL A 78 1.16 -0.60 -8.26
N GLU A 79 1.81 -1.49 -7.57
CA GLU A 79 2.22 -2.76 -8.21
C GLU A 79 1.44 -3.93 -7.58
N ILE A 80 1.31 -5.01 -8.29
CA ILE A 80 0.57 -6.18 -7.73
C ILE A 80 1.54 -7.32 -7.45
N LYS A 81 1.34 -8.02 -6.35
CA LYS A 81 2.26 -9.14 -6.02
C LYS A 81 2.32 -10.12 -7.20
N LEU A 82 1.22 -10.33 -7.87
CA LEU A 82 1.22 -11.27 -9.02
C LEU A 82 1.60 -12.67 -8.55
N SER A 1 -5.33 -16.80 11.79
CA SER A 1 -4.29 -16.43 12.79
C SER A 1 -2.91 -16.47 12.13
N MET A 2 -2.13 -15.44 12.30
CA MET A 2 -0.77 -15.43 11.68
C MET A 2 -0.87 -15.89 10.22
N GLY A 3 -1.03 -14.98 9.30
CA GLY A 3 -1.13 -15.37 7.87
C GLY A 3 0.14 -16.11 7.45
N GLY A 4 0.01 -17.30 6.94
CA GLY A 4 1.21 -18.07 6.53
C GLY A 4 1.99 -17.27 5.48
N GLN A 5 1.31 -16.55 4.63
CA GLN A 5 2.01 -15.75 3.59
C GLN A 5 1.68 -14.27 3.78
N LYS A 6 2.51 -13.40 3.29
CA LYS A 6 2.25 -11.95 3.44
C LYS A 6 2.27 -11.27 2.06
N ILE A 7 1.71 -10.10 1.95
CA ILE A 7 1.70 -9.41 0.64
C ILE A 7 2.37 -8.04 0.78
N ARG A 8 3.18 -7.67 -0.18
CA ARG A 8 3.87 -6.35 -0.10
C ARG A 8 3.36 -5.45 -1.23
N ILE A 9 3.11 -4.21 -0.93
CA ILE A 9 2.60 -3.28 -1.99
C ILE A 9 3.60 -2.13 -2.18
N LYS A 10 4.06 -1.92 -3.39
CA LYS A 10 5.03 -0.83 -3.64
C LYS A 10 4.30 0.32 -4.37
N LEU A 11 4.49 1.53 -3.91
CA LEU A 11 3.80 2.68 -4.58
C LEU A 11 4.86 3.65 -5.13
N LYS A 12 4.63 4.16 -6.31
CA LYS A 12 5.61 5.11 -6.91
C LYS A 12 4.89 6.37 -7.37
N ALA A 13 5.41 7.52 -7.03
CA ALA A 13 4.74 8.79 -7.44
C ALA A 13 5.77 9.92 -7.45
N TYR A 14 5.68 10.81 -8.41
CA TYR A 14 6.64 11.94 -8.46
C TYR A 14 6.44 12.85 -7.24
N ASP A 15 5.21 13.01 -6.81
CA ASP A 15 4.96 13.88 -5.64
C ASP A 15 4.93 13.01 -4.36
N HIS A 16 5.85 13.26 -3.47
CA HIS A 16 5.88 12.45 -2.20
C HIS A 16 4.61 12.70 -1.41
N GLU A 17 4.08 13.89 -1.45
CA GLU A 17 2.83 14.19 -0.69
C GLU A 17 1.72 13.26 -1.18
N LEU A 18 1.61 13.07 -2.47
CA LEU A 18 0.54 12.19 -3.00
C LEU A 18 0.82 10.73 -2.58
N LEU A 19 2.06 10.35 -2.56
CA LEU A 19 2.40 8.95 -2.15
C LEU A 19 2.15 8.78 -0.66
N ASP A 20 2.44 9.78 0.12
CA ASP A 20 2.21 9.66 1.60
C ASP A 20 0.72 9.46 1.88
N GLU A 21 -0.12 10.15 1.16
CA GLU A 21 -1.58 10.00 1.39
C GLU A 21 -2.04 8.61 0.91
N SER A 22 -1.58 8.20 -0.24
CA SER A 22 -1.99 6.85 -0.76
C SER A 22 -1.53 5.77 0.22
N ALA A 23 -0.38 5.95 0.82
CA ALA A 23 0.12 4.92 1.78
C ALA A 23 -0.68 5.00 3.08
N LYS A 24 -0.80 6.17 3.64
CA LYS A 24 -1.56 6.31 4.91
C LYS A 24 -3.04 5.99 4.67
N LYS A 25 -3.61 6.52 3.63
CA LYS A 25 -5.04 6.24 3.34
C LYS A 25 -5.24 4.74 3.15
N ILE A 26 -4.42 4.11 2.37
CA ILE A 26 -4.57 2.64 2.14
C ILE A 26 -4.26 1.89 3.43
N VAL A 27 -3.25 2.32 4.15
CA VAL A 27 -2.89 1.62 5.41
C VAL A 27 -4.06 1.70 6.40
N GLU A 28 -4.68 2.84 6.51
CA GLU A 28 -5.82 2.98 7.45
C GLU A 28 -6.98 2.08 6.99
N VAL A 29 -7.20 1.98 5.71
CA VAL A 29 -8.30 1.12 5.21
C VAL A 29 -7.91 -0.36 5.33
N ALA A 30 -6.66 -0.66 5.04
CA ALA A 30 -6.21 -2.08 5.13
C ALA A 30 -6.28 -2.55 6.59
N LYS A 31 -5.72 -1.78 7.49
CA LYS A 31 -5.74 -2.19 8.93
C LYS A 31 -7.20 -2.32 9.39
N SER A 32 -8.06 -1.46 8.94
CA SER A 32 -9.49 -1.54 9.36
C SER A 32 -10.05 -2.93 9.03
N THR A 33 -9.54 -3.55 8.00
CA THR A 33 -10.04 -4.90 7.62
C THR A 33 -9.47 -5.94 8.60
N ASN A 34 -10.03 -7.12 8.62
CA ASN A 34 -9.53 -8.17 9.55
C ASN A 34 -8.04 -8.42 9.27
N SER A 35 -7.65 -8.34 8.03
CA SER A 35 -6.21 -8.56 7.70
C SER A 35 -5.34 -7.54 8.43
N LYS A 36 -4.08 -7.82 8.60
CA LYS A 36 -3.18 -6.86 9.30
C LYS A 36 -2.21 -6.24 8.30
N VAL A 37 -1.91 -4.98 8.46
CA VAL A 37 -0.97 -4.31 7.51
C VAL A 37 0.17 -3.66 8.31
N SER A 38 1.37 -3.72 7.79
CA SER A 38 2.51 -3.09 8.52
C SER A 38 3.09 -1.96 7.68
N GLY A 39 3.62 -0.94 8.31
CA GLY A 39 4.19 0.20 7.55
C GLY A 39 3.34 1.44 7.78
N PRO A 40 3.30 2.34 6.78
CA PRO A 40 4.04 2.17 5.53
C PRO A 40 5.55 2.32 5.72
N ILE A 41 6.33 1.61 4.95
CA ILE A 41 7.81 1.72 5.10
C ILE A 41 8.36 2.61 3.99
N PRO A 42 9.02 3.72 4.37
CA PRO A 42 9.61 4.66 3.41
C PRO A 42 10.84 4.08 2.70
N LEU A 43 10.97 4.35 1.43
CA LEU A 43 12.16 3.81 0.69
C LEU A 43 12.99 4.97 0.16
N PRO A 44 14.14 4.67 -0.47
CA PRO A 44 15.04 5.68 -1.03
C PRO A 44 14.43 6.38 -2.24
N THR A 45 14.52 7.68 -2.31
CA THR A 45 13.94 8.41 -3.48
C THR A 45 14.93 8.39 -4.64
N GLU A 46 14.43 8.29 -5.84
CA GLU A 46 15.34 8.26 -7.03
C GLU A 46 15.12 9.53 -7.85
N SER A 47 16.18 10.23 -8.16
CA SER A 47 16.05 11.48 -8.95
C SER A 47 15.03 12.40 -8.29
N ARG A 48 13.77 12.27 -8.65
CA ARG A 48 12.73 13.14 -8.04
C ARG A 48 11.46 12.32 -7.81
N VAL A 49 11.60 11.03 -7.65
CA VAL A 49 10.38 10.18 -7.43
C VAL A 49 10.50 9.48 -6.08
N HIS A 50 9.47 9.53 -5.28
CA HIS A 50 9.52 8.87 -3.95
C HIS A 50 8.77 7.53 -4.02
N LYS A 51 9.19 6.56 -3.27
CA LYS A 51 8.51 5.24 -3.30
C LYS A 51 8.30 4.73 -1.87
N ARG A 52 7.17 4.12 -1.61
CA ARG A 52 6.91 3.60 -0.24
C ARG A 52 6.60 2.10 -0.31
N LEU A 53 6.89 1.37 0.73
CA LEU A 53 6.61 -0.09 0.71
C LEU A 53 5.68 -0.45 1.87
N ILE A 54 4.58 -1.09 1.58
CA ILE A 54 3.63 -1.46 2.67
C ILE A 54 3.55 -2.98 2.77
N ASP A 55 3.85 -3.53 3.92
CA ASP A 55 3.80 -5.01 4.08
C ASP A 55 2.40 -5.42 4.57
N ILE A 56 1.87 -6.50 4.06
CA ILE A 56 0.52 -6.95 4.50
C ILE A 56 0.62 -8.32 5.16
N ILE A 57 0.10 -8.46 6.35
CA ILE A 57 0.17 -9.77 7.05
C ILE A 57 -1.23 -10.38 7.14
N ASP A 58 -1.35 -11.65 6.91
CA ASP A 58 -2.69 -12.31 6.98
C ASP A 58 -3.68 -11.52 6.13
N PRO A 59 -3.45 -11.47 4.81
CA PRO A 59 -4.33 -10.76 3.88
C PRO A 59 -5.67 -11.45 3.72
N SER A 60 -6.73 -10.69 3.57
CA SER A 60 -8.08 -11.31 3.42
C SER A 60 -8.80 -10.66 2.22
N PRO A 61 -9.91 -11.25 1.79
CA PRO A 61 -10.69 -10.74 0.66
C PRO A 61 -11.35 -9.40 0.98
N LYS A 62 -11.57 -9.14 2.24
CA LYS A 62 -12.20 -7.84 2.62
C LYS A 62 -11.25 -6.70 2.27
N THR A 63 -9.97 -6.96 2.25
CA THR A 63 -8.99 -5.90 1.91
C THR A 63 -9.14 -5.53 0.43
N ILE A 64 -9.32 -6.50 -0.41
CA ILE A 64 -9.48 -6.20 -1.87
C ILE A 64 -10.76 -5.39 -2.08
N ASP A 65 -11.80 -5.72 -1.38
CA ASP A 65 -13.08 -4.97 -1.54
C ASP A 65 -12.85 -3.50 -1.21
N ALA A 66 -12.11 -3.23 -0.16
CA ALA A 66 -11.84 -1.81 0.22
C ALA A 66 -11.01 -1.14 -0.87
N LEU A 67 -10.08 -1.85 -1.45
CA LEU A 67 -9.23 -1.25 -2.51
C LEU A 67 -10.12 -0.88 -3.71
N MET A 68 -11.01 -1.76 -4.08
CA MET A 68 -11.90 -1.46 -5.25
C MET A 68 -12.81 -0.28 -4.91
N ARG A 69 -13.14 -0.11 -3.66
CA ARG A 69 -14.02 1.02 -3.27
C ARG A 69 -13.23 2.33 -3.34
N ILE A 70 -11.95 2.28 -3.12
CA ILE A 70 -11.13 3.52 -3.18
C ILE A 70 -10.22 3.47 -4.41
N ASN A 71 -10.12 4.56 -5.13
CA ASN A 71 -9.24 4.57 -6.34
C ASN A 71 -7.98 5.39 -6.04
N LEU A 72 -6.83 4.82 -6.28
CA LEU A 72 -5.56 5.57 -6.02
C LEU A 72 -5.55 6.86 -6.84
N PRO A 73 -5.00 7.94 -6.26
CA PRO A 73 -4.91 9.24 -6.93
C PRO A 73 -3.92 9.22 -8.09
N ALA A 74 -4.15 10.03 -9.09
CA ALA A 74 -3.22 10.06 -10.25
C ALA A 74 -1.81 10.40 -9.76
N GLY A 75 -0.80 9.94 -10.45
CA GLY A 75 0.59 10.24 -10.03
C GLY A 75 1.13 9.10 -9.16
N VAL A 76 0.38 8.05 -9.04
CA VAL A 76 0.86 6.90 -8.20
C VAL A 76 0.92 5.63 -9.07
N ASP A 77 1.85 4.76 -8.79
CA ASP A 77 1.96 3.51 -9.59
C ASP A 77 2.14 2.31 -8.65
N VAL A 78 1.79 1.14 -9.10
CA VAL A 78 1.93 -0.06 -8.24
C VAL A 78 2.52 -1.21 -9.06
N GLU A 79 3.33 -2.04 -8.45
CA GLU A 79 3.94 -3.17 -9.20
C GLU A 79 3.06 -4.42 -9.04
N ILE A 80 2.59 -4.95 -10.13
CA ILE A 80 1.72 -6.17 -10.05
C ILE A 80 2.57 -7.36 -9.60
N LYS A 81 3.82 -7.38 -9.96
CA LYS A 81 4.69 -8.52 -9.54
C LYS A 81 5.28 -8.23 -8.16
N LEU A 82 5.50 -9.26 -7.38
CA LEU A 82 6.08 -9.04 -6.02
C LEU A 82 7.60 -9.19 -6.08
N SER A 1 -3.79 -21.35 3.64
CA SER A 1 -3.67 -21.60 5.10
C SER A 1 -4.47 -20.53 5.86
N MET A 2 -4.75 -20.77 7.12
CA MET A 2 -5.52 -19.77 7.91
C MET A 2 -4.78 -18.44 7.90
N GLY A 3 -3.48 -18.46 7.90
CA GLY A 3 -2.70 -17.19 7.88
C GLY A 3 -1.21 -17.49 7.74
N GLY A 4 -0.37 -16.53 7.96
CA GLY A 4 1.10 -16.77 7.83
C GLY A 4 1.59 -16.21 6.48
N GLN A 5 0.71 -15.63 5.72
CA GLN A 5 1.13 -15.07 4.40
C GLN A 5 1.19 -13.54 4.49
N LYS A 6 2.06 -12.92 3.75
CA LYS A 6 2.17 -11.44 3.79
C LYS A 6 2.32 -10.90 2.37
N ILE A 7 1.72 -9.78 2.09
CA ILE A 7 1.84 -9.19 0.72
C ILE A 7 2.52 -7.82 0.80
N ARG A 8 3.32 -7.48 -0.17
CA ARG A 8 4.00 -6.17 -0.15
C ARG A 8 3.53 -5.32 -1.34
N ILE A 9 3.25 -4.07 -1.12
CA ILE A 9 2.79 -3.21 -2.24
C ILE A 9 3.74 -2.02 -2.40
N LYS A 10 4.18 -1.75 -3.61
CA LYS A 10 5.11 -0.62 -3.82
C LYS A 10 4.33 0.60 -4.29
N LEU A 11 4.66 1.76 -3.80
CA LEU A 11 3.94 2.99 -4.21
C LEU A 11 4.89 3.92 -4.97
N LYS A 12 4.49 4.40 -6.11
CA LYS A 12 5.39 5.30 -6.89
C LYS A 12 4.70 6.65 -7.10
N ALA A 13 5.41 7.73 -6.94
CA ALA A 13 4.79 9.07 -7.13
C ALA A 13 5.89 10.13 -7.19
N TYR A 14 5.70 11.16 -7.96
CA TYR A 14 6.73 12.23 -8.06
C TYR A 14 6.82 12.99 -6.73
N ASP A 15 5.70 13.23 -6.10
CA ASP A 15 5.72 13.96 -4.80
C ASP A 15 5.55 12.96 -3.65
N HIS A 16 6.53 12.86 -2.79
CA HIS A 16 6.42 11.92 -1.65
C HIS A 16 5.15 12.21 -0.85
N GLU A 17 4.88 13.47 -0.60
CA GLU A 17 3.66 13.82 0.17
C GLU A 17 2.44 13.14 -0.45
N LEU A 18 2.23 13.33 -1.73
CA LEU A 18 1.07 12.69 -2.40
C LEU A 18 1.11 11.18 -2.15
N LEU A 19 2.28 10.60 -2.22
CA LEU A 19 2.39 9.14 -1.98
C LEU A 19 2.08 8.83 -0.52
N ASP A 20 2.43 9.73 0.37
CA ASP A 20 2.15 9.50 1.81
C ASP A 20 0.64 9.41 2.03
N GLU A 21 -0.12 10.23 1.35
CA GLU A 21 -1.59 10.20 1.53
C GLU A 21 -2.14 8.88 0.97
N SER A 22 -1.65 8.45 -0.16
CA SER A 22 -2.15 7.16 -0.74
C SER A 22 -1.85 6.02 0.23
N ALA A 23 -0.72 6.04 0.86
CA ALA A 23 -0.37 4.95 1.81
C ALA A 23 -1.27 5.05 3.05
N LYS A 24 -1.55 6.24 3.48
CA LYS A 24 -2.41 6.42 4.69
C LYS A 24 -3.80 5.81 4.42
N LYS A 25 -4.35 6.04 3.27
CA LYS A 25 -5.69 5.47 2.95
C LYS A 25 -5.59 3.95 2.92
N ILE A 26 -4.53 3.41 2.36
CA ILE A 26 -4.39 1.94 2.31
C ILE A 26 -4.16 1.40 3.72
N VAL A 27 -3.34 2.06 4.49
CA VAL A 27 -3.08 1.59 5.88
C VAL A 27 -4.37 1.66 6.70
N GLU A 28 -5.05 2.78 6.66
CA GLU A 28 -6.31 2.91 7.43
C GLU A 28 -7.32 1.88 6.94
N VAL A 29 -7.44 1.72 5.64
CA VAL A 29 -8.41 0.73 5.11
C VAL A 29 -7.92 -0.69 5.40
N ALA A 30 -6.65 -0.93 5.23
CA ALA A 30 -6.10 -2.29 5.49
C ALA A 30 -6.24 -2.62 6.98
N LYS A 31 -5.85 -1.71 7.83
CA LYS A 31 -5.96 -1.97 9.29
C LYS A 31 -7.42 -2.22 9.66
N SER A 32 -8.33 -1.52 9.04
CA SER A 32 -9.78 -1.72 9.35
C SER A 32 -10.17 -3.16 9.04
N THR A 33 -9.53 -3.77 8.07
CA THR A 33 -9.86 -5.18 7.73
C THR A 33 -9.25 -6.12 8.77
N ASN A 34 -9.75 -7.33 8.86
CA ASN A 34 -9.19 -8.29 9.85
C ASN A 34 -7.69 -8.42 9.65
N SER A 35 -7.24 -8.36 8.43
CA SER A 35 -5.78 -8.49 8.16
C SER A 35 -5.04 -7.29 8.76
N LYS A 36 -3.77 -7.43 9.02
CA LYS A 36 -3.00 -6.30 9.60
C LYS A 36 -1.96 -5.80 8.59
N VAL A 37 -1.80 -4.52 8.48
CA VAL A 37 -0.80 -3.98 7.51
C VAL A 37 0.35 -3.32 8.27
N SER A 38 1.54 -3.38 7.73
CA SER A 38 2.70 -2.76 8.42
C SER A 38 3.32 -1.70 7.51
N GLY A 39 3.77 -0.61 8.06
CA GLY A 39 4.39 0.46 7.23
C GLY A 39 3.60 1.76 7.41
N PRO A 40 3.58 2.60 6.36
CA PRO A 40 4.26 2.31 5.10
C PRO A 40 5.78 2.38 5.24
N ILE A 41 6.50 1.54 4.54
CA ILE A 41 7.99 1.56 4.65
C ILE A 41 8.55 2.52 3.58
N PRO A 42 9.17 3.62 4.04
CA PRO A 42 9.75 4.63 3.14
C PRO A 42 11.04 4.13 2.49
N LEU A 43 11.23 4.41 1.23
CA LEU A 43 12.48 3.96 0.55
C LEU A 43 13.22 5.18 0.00
N PRO A 44 14.41 4.95 -0.57
CA PRO A 44 15.24 6.03 -1.13
C PRO A 44 14.61 6.63 -2.39
N THR A 45 14.54 7.93 -2.48
CA THR A 45 13.94 8.57 -3.68
C THR A 45 14.89 8.43 -4.87
N GLU A 46 14.37 8.15 -6.03
CA GLU A 46 15.25 8.00 -7.23
C GLU A 46 15.03 9.19 -8.16
N SER A 47 16.10 9.79 -8.63
CA SER A 47 15.96 10.96 -9.55
C SER A 47 14.97 11.96 -8.95
N ARG A 48 13.71 11.85 -9.30
CA ARG A 48 12.69 12.79 -8.75
C ARG A 48 11.41 12.03 -8.43
N VAL A 49 11.52 10.76 -8.15
CA VAL A 49 10.30 9.96 -7.82
C VAL A 49 10.50 9.24 -6.49
N HIS A 50 9.55 9.35 -5.60
CA HIS A 50 9.68 8.68 -4.28
C HIS A 50 9.06 7.28 -4.36
N LYS A 51 9.52 6.37 -3.54
CA LYS A 51 8.96 4.99 -3.57
C LYS A 51 8.60 4.56 -2.14
N ARG A 52 7.42 4.02 -1.96
CA ARG A 52 7.00 3.58 -0.60
C ARG A 52 6.47 2.14 -0.68
N LEU A 53 6.78 1.32 0.28
CA LEU A 53 6.29 -0.09 0.24
C LEU A 53 5.47 -0.37 1.51
N ILE A 54 4.37 -1.07 1.36
CA ILE A 54 3.53 -1.38 2.55
C ILE A 54 3.46 -2.90 2.72
N ASP A 55 3.75 -3.39 3.90
CA ASP A 55 3.70 -4.86 4.13
C ASP A 55 2.31 -5.25 4.62
N ILE A 56 1.82 -6.40 4.23
CA ILE A 56 0.48 -6.84 4.68
C ILE A 56 0.60 -8.16 5.45
N ILE A 57 -0.09 -8.29 6.55
CA ILE A 57 -0.01 -9.56 7.33
C ILE A 57 -1.37 -10.26 7.31
N ASP A 58 -1.37 -11.55 7.12
CA ASP A 58 -2.66 -12.29 7.09
C ASP A 58 -3.66 -11.55 6.21
N PRO A 59 -3.34 -11.39 4.92
CA PRO A 59 -4.21 -10.69 3.96
C PRO A 59 -5.48 -11.48 3.66
N SER A 60 -6.59 -10.81 3.53
CA SER A 60 -7.86 -11.54 3.23
C SER A 60 -8.54 -10.91 2.02
N PRO A 61 -9.63 -11.53 1.54
CA PRO A 61 -10.37 -11.04 0.37
C PRO A 61 -11.09 -9.71 0.67
N LYS A 62 -11.41 -9.48 1.92
CA LYS A 62 -12.10 -8.21 2.26
C LYS A 62 -11.16 -7.03 1.99
N THR A 63 -9.88 -7.28 2.01
CA THR A 63 -8.91 -6.18 1.74
C THR A 63 -8.98 -5.78 0.26
N ILE A 64 -9.05 -6.76 -0.61
CA ILE A 64 -9.11 -6.45 -2.06
C ILE A 64 -10.38 -5.65 -2.35
N ASP A 65 -11.49 -6.05 -1.79
CA ASP A 65 -12.76 -5.32 -2.03
C ASP A 65 -12.57 -3.85 -1.64
N ALA A 66 -12.03 -3.60 -0.47
CA ALA A 66 -11.82 -2.19 -0.04
C ALA A 66 -11.01 -1.44 -1.10
N LEU A 67 -10.03 -2.09 -1.67
CA LEU A 67 -9.20 -1.42 -2.71
C LEU A 67 -10.08 -1.06 -3.91
N MET A 68 -11.05 -1.88 -4.21
CA MET A 68 -11.94 -1.59 -5.37
C MET A 68 -12.80 -0.36 -5.05
N ARG A 69 -13.12 -0.16 -3.80
CA ARG A 69 -13.95 1.02 -3.43
C ARG A 69 -13.11 2.29 -3.52
N ILE A 70 -11.84 2.18 -3.27
CA ILE A 70 -10.96 3.38 -3.34
C ILE A 70 -9.96 3.23 -4.50
N ASN A 71 -9.84 4.23 -5.32
CA ASN A 71 -8.90 4.14 -6.47
C ASN A 71 -7.67 5.01 -6.20
N LEU A 72 -6.51 4.55 -6.57
CA LEU A 72 -5.27 5.35 -6.33
C LEU A 72 -5.42 6.72 -7.01
N PRO A 73 -4.93 7.77 -6.34
CA PRO A 73 -4.99 9.14 -6.87
C PRO A 73 -4.05 9.33 -8.06
N ALA A 74 -4.39 10.21 -8.97
CA ALA A 74 -3.51 10.43 -10.15
C ALA A 74 -2.11 10.82 -9.68
N GLY A 75 -1.11 10.48 -10.43
CA GLY A 75 0.29 10.83 -10.03
C GLY A 75 0.90 9.66 -9.24
N VAL A 76 0.14 8.63 -9.00
CA VAL A 76 0.70 7.47 -8.23
C VAL A 76 0.62 6.21 -9.09
N ASP A 77 1.54 5.31 -8.92
CA ASP A 77 1.51 4.05 -9.72
C ASP A 77 1.65 2.85 -8.79
N VAL A 78 1.23 1.69 -9.22
CA VAL A 78 1.34 0.49 -8.36
C VAL A 78 1.78 -0.72 -9.20
N GLU A 79 2.65 -1.53 -8.67
CA GLU A 79 3.11 -2.73 -9.45
C GLU A 79 2.25 -3.94 -9.08
N ILE A 80 1.78 -4.66 -10.05
CA ILE A 80 0.94 -5.85 -9.76
C ILE A 80 1.75 -6.86 -8.94
N LYS A 81 3.00 -7.02 -9.24
CA LYS A 81 3.85 -7.98 -8.49
C LYS A 81 4.77 -7.21 -7.53
N LEU A 82 5.02 -7.74 -6.37
CA LEU A 82 5.92 -7.05 -5.40
C LEU A 82 5.28 -5.72 -4.99
N SER A 1 -6.55 -18.91 6.23
CA SER A 1 -6.35 -17.60 6.94
C SER A 1 -5.16 -17.72 7.90
N MET A 2 -4.30 -18.68 7.68
CA MET A 2 -3.12 -18.84 8.58
C MET A 2 -2.29 -17.55 8.56
N GLY A 3 -2.20 -16.90 7.44
CA GLY A 3 -1.41 -15.65 7.36
C GLY A 3 0.05 -15.98 7.06
N GLY A 4 0.33 -17.21 6.71
CA GLY A 4 1.73 -17.60 6.40
C GLY A 4 2.25 -16.76 5.23
N GLN A 5 1.36 -16.28 4.40
CA GLN A 5 1.79 -15.46 3.23
C GLN A 5 1.49 -13.99 3.51
N LYS A 6 2.29 -13.10 2.97
CA LYS A 6 2.04 -11.65 3.20
C LYS A 6 1.96 -10.93 1.85
N ILE A 7 1.36 -9.77 1.81
CA ILE A 7 1.25 -9.02 0.54
C ILE A 7 2.03 -7.71 0.65
N ARG A 8 2.77 -7.35 -0.37
CA ARG A 8 3.54 -6.09 -0.32
C ARG A 8 3.09 -5.16 -1.44
N ILE A 9 2.93 -3.90 -1.16
CA ILE A 9 2.49 -2.95 -2.22
C ILE A 9 3.54 -1.85 -2.39
N LYS A 10 3.87 -1.52 -3.62
CA LYS A 10 4.90 -0.47 -3.85
C LYS A 10 4.21 0.80 -4.36
N LEU A 11 4.36 1.90 -3.66
CA LEU A 11 3.72 3.16 -4.10
C LEU A 11 4.77 4.05 -4.77
N LYS A 12 4.50 4.50 -5.96
CA LYS A 12 5.49 5.38 -6.66
C LYS A 12 4.82 6.73 -7.00
N ALA A 13 5.53 7.81 -6.80
CA ALA A 13 4.94 9.14 -7.11
C ALA A 13 6.04 10.20 -7.09
N TYR A 14 5.95 11.17 -7.96
CA TYR A 14 7.00 12.23 -7.99
C TYR A 14 6.99 13.00 -6.67
N ASP A 15 5.83 13.29 -6.15
CA ASP A 15 5.75 14.04 -4.86
C ASP A 15 5.75 13.04 -3.70
N HIS A 16 6.78 13.05 -2.90
CA HIS A 16 6.83 12.11 -1.74
C HIS A 16 5.65 12.38 -0.80
N GLU A 17 5.27 13.62 -0.66
CA GLU A 17 4.12 13.95 0.23
C GLU A 17 2.84 13.34 -0.34
N LEU A 18 2.67 13.38 -1.63
CA LEU A 18 1.45 12.80 -2.24
C LEU A 18 1.47 11.27 -2.08
N LEU A 19 2.62 10.67 -2.24
CA LEU A 19 2.72 9.19 -2.09
C LEU A 19 2.28 8.79 -0.69
N ASP A 20 2.62 9.57 0.29
CA ASP A 20 2.22 9.23 1.69
C ASP A 20 0.70 9.31 1.82
N GLU A 21 0.09 10.24 1.13
CA GLU A 21 -1.40 10.36 1.21
C GLU A 21 -2.05 9.10 0.66
N SER A 22 -1.52 8.55 -0.39
CA SER A 22 -2.10 7.32 -0.99
C SER A 22 -1.89 6.15 -0.03
N ALA A 23 -0.75 6.10 0.62
CA ALA A 23 -0.48 4.97 1.57
C ALA A 23 -1.33 5.16 2.82
N LYS A 24 -1.51 6.37 3.25
CA LYS A 24 -2.33 6.61 4.48
C LYS A 24 -3.76 6.12 4.25
N LYS A 25 -4.32 6.43 3.12
CA LYS A 25 -5.71 5.98 2.82
C LYS A 25 -5.75 4.45 2.76
N ILE A 26 -4.77 3.85 2.14
CA ILE A 26 -4.74 2.37 2.05
C ILE A 26 -4.46 1.77 3.43
N VAL A 27 -3.54 2.33 4.15
CA VAL A 27 -3.22 1.79 5.50
C VAL A 27 -4.45 1.91 6.40
N GLU A 28 -5.12 3.04 6.38
CA GLU A 28 -6.32 3.21 7.23
C GLU A 28 -7.39 2.20 6.83
N VAL A 29 -7.58 2.00 5.56
CA VAL A 29 -8.62 1.03 5.11
C VAL A 29 -8.11 -0.40 5.35
N ALA A 30 -6.84 -0.63 5.16
CA ALA A 30 -6.29 -1.99 5.39
C ALA A 30 -6.37 -2.34 6.88
N LYS A 31 -5.90 -1.46 7.72
CA LYS A 31 -5.95 -1.74 9.19
C LYS A 31 -7.40 -1.98 9.61
N SER A 32 -8.32 -1.26 9.04
CA SER A 32 -9.75 -1.44 9.42
C SER A 32 -10.15 -2.91 9.20
N THR A 33 -9.60 -3.52 8.18
CA THR A 33 -9.95 -4.95 7.91
C THR A 33 -9.28 -5.85 8.95
N ASN A 34 -9.85 -7.01 9.20
CA ASN A 34 -9.24 -7.92 10.21
C ASN A 34 -7.75 -8.10 9.90
N SER A 35 -7.39 -8.12 8.64
CA SER A 35 -5.96 -8.30 8.28
C SER A 35 -5.14 -7.15 8.87
N LYS A 36 -3.86 -7.36 9.06
CA LYS A 36 -3.01 -6.27 9.63
C LYS A 36 -2.03 -5.79 8.57
N VAL A 37 -1.72 -4.52 8.57
CA VAL A 37 -0.75 -3.99 7.56
C VAL A 37 0.42 -3.33 8.27
N SER A 38 1.61 -3.48 7.74
CA SER A 38 2.80 -2.86 8.38
C SER A 38 3.37 -1.77 7.48
N GLY A 39 3.71 -0.64 8.03
CA GLY A 39 4.27 0.45 7.19
C GLY A 39 3.55 1.76 7.52
N PRO A 40 3.55 2.71 6.56
CA PRO A 40 4.20 2.51 5.26
C PRO A 40 5.73 2.51 5.37
N ILE A 41 6.38 1.62 4.68
CA ILE A 41 7.87 1.56 4.76
C ILE A 41 8.47 2.49 3.70
N PRO A 42 9.17 3.55 4.14
CA PRO A 42 9.79 4.51 3.23
C PRO A 42 11.02 3.92 2.52
N LEU A 43 11.19 4.21 1.26
CA LEU A 43 12.34 3.65 0.51
C LEU A 43 13.22 4.81 0.01
N PRO A 44 14.36 4.48 -0.62
CA PRO A 44 15.29 5.49 -1.14
C PRO A 44 14.71 6.20 -2.37
N THR A 45 14.81 7.51 -2.41
CA THR A 45 14.26 8.25 -3.57
C THR A 45 15.25 8.16 -4.74
N GLU A 46 14.74 8.05 -5.95
CA GLU A 46 15.66 7.96 -7.13
C GLU A 46 15.51 9.23 -7.97
N SER A 47 16.60 9.89 -8.26
CA SER A 47 16.53 11.13 -9.08
C SER A 47 15.51 12.09 -8.46
N ARG A 48 14.27 11.99 -8.85
CA ARG A 48 13.24 12.91 -8.28
C ARG A 48 11.95 12.12 -8.03
N VAL A 49 12.04 10.83 -7.90
CA VAL A 49 10.83 10.01 -7.65
C VAL A 49 10.96 9.28 -6.32
N HIS A 50 9.94 9.35 -5.49
CA HIS A 50 10.01 8.66 -4.18
C HIS A 50 9.21 7.36 -4.25
N LYS A 51 9.59 6.37 -3.48
CA LYS A 51 8.85 5.08 -3.51
C LYS A 51 8.58 4.60 -2.08
N ARG A 52 7.42 4.05 -1.85
CA ARG A 52 7.08 3.56 -0.48
C ARG A 52 6.68 2.09 -0.55
N LEU A 53 6.93 1.34 0.48
CA LEU A 53 6.57 -0.10 0.47
C LEU A 53 5.63 -0.41 1.64
N ILE A 54 4.56 -1.10 1.38
CA ILE A 54 3.60 -1.44 2.47
C ILE A 54 3.49 -2.96 2.59
N ASP A 55 3.74 -3.50 3.74
CA ASP A 55 3.66 -4.98 3.91
C ASP A 55 2.32 -5.34 4.57
N ILE A 56 1.71 -6.40 4.13
CA ILE A 56 0.41 -6.82 4.72
C ILE A 56 0.55 -8.23 5.30
N ILE A 57 0.13 -8.42 6.53
CA ILE A 57 0.24 -9.78 7.14
C ILE A 57 -1.16 -10.37 7.34
N ASP A 58 -1.31 -11.65 7.09
CA ASP A 58 -2.64 -12.29 7.25
C ASP A 58 -3.70 -11.48 6.50
N PRO A 59 -3.53 -11.36 5.18
CA PRO A 59 -4.47 -10.61 4.33
C PRO A 59 -5.80 -11.35 4.17
N SER A 60 -6.89 -10.63 4.18
CA SER A 60 -8.22 -11.30 4.02
C SER A 60 -8.91 -10.79 2.77
N PRO A 61 -9.96 -11.49 2.32
CA PRO A 61 -10.71 -11.10 1.12
C PRO A 61 -11.48 -9.79 1.34
N LYS A 62 -11.71 -9.42 2.57
CA LYS A 62 -12.44 -8.15 2.84
C LYS A 62 -11.54 -6.97 2.48
N THR A 63 -10.24 -7.14 2.56
CA THR A 63 -9.32 -6.03 2.22
C THR A 63 -9.32 -5.81 0.71
N ILE A 64 -9.37 -6.88 -0.05
CA ILE A 64 -9.38 -6.73 -1.54
C ILE A 64 -10.68 -6.04 -1.97
N ASP A 65 -11.78 -6.40 -1.37
CA ASP A 65 -13.06 -5.76 -1.75
C ASP A 65 -12.97 -4.24 -1.51
N ALA A 66 -12.48 -3.84 -0.37
CA ALA A 66 -12.36 -2.38 -0.09
C ALA A 66 -11.44 -1.74 -1.15
N LEU A 67 -10.43 -2.44 -1.57
CA LEU A 67 -9.51 -1.87 -2.59
C LEU A 67 -10.26 -1.67 -3.92
N MET A 68 -11.08 -2.62 -4.28
CA MET A 68 -11.85 -2.49 -5.56
C MET A 68 -12.83 -1.33 -5.44
N ARG A 69 -13.29 -1.05 -4.25
CA ARG A 69 -14.25 0.08 -4.07
C ARG A 69 -13.49 1.41 -4.12
N ILE A 70 -12.25 1.41 -3.74
CA ILE A 70 -11.46 2.67 -3.77
C ILE A 70 -10.40 2.58 -4.86
N ASN A 71 -10.24 3.62 -5.64
CA ASN A 71 -9.22 3.59 -6.72
C ASN A 71 -8.05 4.50 -6.34
N LEU A 72 -6.84 4.01 -6.46
CA LEU A 72 -5.67 4.84 -6.10
C LEU A 72 -5.81 6.23 -6.72
N PRO A 73 -5.35 7.27 -6.02
CA PRO A 73 -5.42 8.66 -6.49
C PRO A 73 -4.47 8.91 -7.68
N ALA A 74 -4.83 9.78 -8.57
CA ALA A 74 -3.95 10.06 -9.74
C ALA A 74 -2.64 10.68 -9.25
N GLY A 75 -1.58 10.48 -9.98
CA GLY A 75 -0.27 11.05 -9.56
C GLY A 75 0.58 9.96 -8.90
N VAL A 76 0.03 8.78 -8.74
CA VAL A 76 0.81 7.68 -8.11
C VAL A 76 0.83 6.47 -9.05
N ASP A 77 1.89 5.70 -9.00
CA ASP A 77 1.96 4.50 -9.89
C ASP A 77 2.07 3.24 -9.04
N VAL A 78 1.70 2.11 -9.58
CA VAL A 78 1.77 0.85 -8.80
C VAL A 78 2.46 -0.24 -9.64
N GLU A 79 3.16 -1.14 -9.00
CA GLU A 79 3.85 -2.21 -9.75
C GLU A 79 3.14 -3.54 -9.52
N ILE A 80 2.97 -4.32 -10.56
CA ILE A 80 2.28 -5.64 -10.39
C ILE A 80 3.13 -6.74 -11.01
N LYS A 81 2.93 -7.96 -10.61
CA LYS A 81 3.74 -9.08 -11.18
C LYS A 81 3.07 -9.58 -12.46
N LEU A 82 3.85 -9.77 -13.50
CA LEU A 82 3.26 -10.26 -14.77
C LEU A 82 3.42 -11.79 -14.86
N SER A 1 -5.98 -15.79 10.15
CA SER A 1 -5.21 -17.06 9.95
C SER A 1 -3.80 -16.91 10.54
N MET A 2 -2.95 -17.86 10.29
CA MET A 2 -1.57 -17.76 10.83
C MET A 2 -0.89 -16.49 10.29
N GLY A 3 -1.17 -16.13 9.07
CA GLY A 3 -0.55 -14.91 8.51
C GLY A 3 0.84 -15.25 7.97
N GLY A 4 1.11 -16.51 7.76
CA GLY A 4 2.45 -16.91 7.23
C GLY A 4 2.73 -16.16 5.93
N GLN A 5 1.71 -15.82 5.19
CA GLN A 5 1.92 -15.09 3.92
C GLN A 5 1.63 -13.60 4.12
N LYS A 6 2.35 -12.75 3.45
CA LYS A 6 2.12 -11.29 3.59
C LYS A 6 2.06 -10.63 2.21
N ILE A 7 1.51 -9.45 2.13
CA ILE A 7 1.42 -8.76 0.81
C ILE A 7 2.21 -7.45 0.88
N ARG A 8 2.88 -7.10 -0.18
CA ARG A 8 3.67 -5.83 -0.18
C ARG A 8 3.26 -4.98 -1.39
N ILE A 9 2.90 -3.75 -1.15
CA ILE A 9 2.48 -2.86 -2.27
C ILE A 9 3.49 -1.71 -2.41
N LYS A 10 3.88 -1.40 -3.60
CA LYS A 10 4.86 -0.29 -3.80
C LYS A 10 4.14 0.94 -4.34
N LEU A 11 4.32 2.08 -3.70
CA LEU A 11 3.64 3.31 -4.19
C LEU A 11 4.65 4.17 -4.96
N LYS A 12 4.26 4.68 -6.09
CA LYS A 12 5.19 5.53 -6.88
C LYS A 12 4.58 6.91 -7.09
N ALA A 13 5.35 7.94 -6.92
CA ALA A 13 4.82 9.32 -7.11
C ALA A 13 5.97 10.32 -7.11
N TYR A 14 5.83 11.40 -7.83
CA TYR A 14 6.92 12.42 -7.85
C TYR A 14 6.96 13.17 -6.52
N ASP A 15 5.83 13.47 -5.97
CA ASP A 15 5.81 14.20 -4.66
C ASP A 15 5.72 13.19 -3.52
N HIS A 16 6.69 13.17 -2.65
CA HIS A 16 6.67 12.21 -1.52
C HIS A 16 5.48 12.54 -0.59
N GLU A 17 5.22 13.82 -0.40
CA GLU A 17 4.08 14.20 0.48
C GLU A 17 2.78 13.62 -0.08
N LEU A 18 2.63 13.61 -1.37
CA LEU A 18 1.39 13.06 -1.98
C LEU A 18 1.42 11.54 -1.91
N LEU A 19 2.57 10.94 -2.07
CA LEU A 19 2.67 9.47 -2.01
C LEU A 19 2.38 9.00 -0.58
N ASP A 20 2.80 9.76 0.40
CA ASP A 20 2.55 9.36 1.81
C ASP A 20 1.04 9.32 2.07
N GLU A 21 0.32 10.29 1.58
CA GLU A 21 -1.15 10.30 1.80
C GLU A 21 -1.78 9.06 1.14
N SER A 22 -1.32 8.71 -0.03
CA SER A 22 -1.89 7.52 -0.72
C SER A 22 -1.60 6.27 0.12
N ALA A 23 -0.45 6.20 0.72
CA ALA A 23 -0.11 5.00 1.55
C ALA A 23 -0.93 5.03 2.84
N LYS A 24 -1.01 6.17 3.49
CA LYS A 24 -1.79 6.26 4.75
C LYS A 24 -3.24 5.87 4.48
N LYS A 25 -3.80 6.35 3.41
CA LYS A 25 -5.22 6.02 3.09
C LYS A 25 -5.36 4.50 2.91
N ILE A 26 -4.46 3.90 2.17
CA ILE A 26 -4.53 2.43 1.96
C ILE A 26 -4.33 1.71 3.29
N VAL A 27 -3.43 2.18 4.10
CA VAL A 27 -3.18 1.52 5.42
C VAL A 27 -4.45 1.60 6.27
N GLU A 28 -5.09 2.74 6.31
CA GLU A 28 -6.33 2.87 7.12
C GLU A 28 -7.39 1.93 6.58
N VAL A 29 -7.51 1.82 5.29
CA VAL A 29 -8.54 0.91 4.71
C VAL A 29 -8.11 -0.54 4.92
N ALA A 30 -6.87 -0.84 4.70
CA ALA A 30 -6.39 -2.24 4.89
C ALA A 30 -6.49 -2.62 6.37
N LYS A 31 -5.99 -1.77 7.24
CA LYS A 31 -6.06 -2.09 8.69
C LYS A 31 -7.52 -2.30 9.11
N SER A 32 -8.42 -1.54 8.55
CA SER A 32 -9.86 -1.69 8.92
C SER A 32 -10.30 -3.12 8.62
N THR A 33 -9.70 -3.75 7.65
CA THR A 33 -10.09 -5.15 7.31
C THR A 33 -9.57 -6.10 8.40
N ASN A 34 -10.08 -7.30 8.45
CA ASN A 34 -9.62 -8.27 9.48
C ASN A 34 -8.10 -8.47 9.35
N SER A 35 -7.59 -8.40 8.16
CA SER A 35 -6.13 -8.58 7.96
C SER A 35 -5.37 -7.38 8.55
N LYS A 36 -4.12 -7.55 8.86
CA LYS A 36 -3.34 -6.43 9.44
C LYS A 36 -2.34 -5.90 8.40
N VAL A 37 -2.01 -4.65 8.46
CA VAL A 37 -1.04 -4.08 7.48
C VAL A 37 0.09 -3.36 8.23
N SER A 38 1.28 -3.41 7.70
CA SER A 38 2.42 -2.73 8.38
C SER A 38 2.99 -1.65 7.47
N GLY A 39 3.48 -0.57 8.02
CA GLY A 39 4.05 0.51 7.18
C GLY A 39 3.36 1.83 7.52
N PRO A 40 3.38 2.79 6.57
CA PRO A 40 4.02 2.59 5.26
C PRO A 40 5.54 2.55 5.39
N ILE A 41 6.20 1.72 4.61
CA ILE A 41 7.68 1.64 4.68
C ILE A 41 8.28 2.53 3.60
N PRO A 42 9.11 3.50 4.01
CA PRO A 42 9.77 4.43 3.07
C PRO A 42 10.84 3.73 2.23
N LEU A 43 10.84 3.96 0.95
CA LEU A 43 11.86 3.32 0.07
C LEU A 43 12.85 4.38 -0.43
N PRO A 44 13.91 3.93 -1.11
CA PRO A 44 14.94 4.84 -1.65
C PRO A 44 14.39 5.69 -2.81
N THR A 45 14.78 6.93 -2.88
CA THR A 45 14.27 7.81 -3.97
C THR A 45 15.08 7.53 -5.25
N GLU A 46 14.42 7.54 -6.38
CA GLU A 46 15.14 7.28 -7.67
C GLU A 46 14.79 8.38 -8.66
N SER A 47 15.79 8.97 -9.27
CA SER A 47 15.51 10.05 -10.27
C SER A 47 14.51 11.05 -9.67
N ARG A 48 14.75 11.50 -8.48
CA ARG A 48 13.81 12.47 -7.84
C ARG A 48 12.44 11.81 -7.68
N VAL A 49 12.40 10.51 -7.55
CA VAL A 49 11.10 9.81 -7.39
C VAL A 49 11.04 9.16 -6.01
N HIS A 50 9.90 9.20 -5.37
CA HIS A 50 9.79 8.59 -4.01
C HIS A 50 8.98 7.30 -4.11
N LYS A 51 9.30 6.32 -3.32
CA LYS A 51 8.55 5.02 -3.36
C LYS A 51 8.21 4.59 -1.94
N ARG A 52 7.07 3.97 -1.77
CA ARG A 52 6.65 3.52 -0.41
C ARG A 52 6.25 2.04 -0.48
N LEU A 53 6.52 1.29 0.55
CA LEU A 53 6.13 -0.16 0.54
C LEU A 53 5.20 -0.45 1.71
N ILE A 54 4.10 -1.11 1.45
CA ILE A 54 3.16 -1.45 2.55
C ILE A 54 3.07 -2.96 2.70
N ASP A 55 3.44 -3.48 3.84
CA ASP A 55 3.38 -4.96 4.04
C ASP A 55 2.01 -5.35 4.60
N ILE A 56 1.55 -6.52 4.28
CA ILE A 56 0.22 -6.96 4.79
C ILE A 56 0.38 -8.30 5.53
N ILE A 57 -0.14 -8.40 6.71
CA ILE A 57 -0.02 -9.68 7.47
C ILE A 57 -1.38 -10.37 7.53
N ASP A 58 -1.41 -11.65 7.31
CA ASP A 58 -2.71 -12.39 7.36
C ASP A 58 -3.74 -11.63 6.52
N PRO A 59 -3.47 -11.48 5.21
CA PRO A 59 -4.37 -10.78 4.29
C PRO A 59 -5.66 -11.57 4.04
N SER A 60 -6.77 -10.89 3.92
CA SER A 60 -8.05 -11.61 3.68
C SER A 60 -8.72 -11.03 2.43
N PRO A 61 -9.83 -11.64 2.00
CA PRO A 61 -10.57 -11.19 0.81
C PRO A 61 -11.24 -9.83 1.04
N LYS A 62 -11.48 -9.48 2.27
CA LYS A 62 -12.12 -8.16 2.56
C LYS A 62 -11.15 -7.04 2.17
N THR A 63 -9.88 -7.31 2.16
CA THR A 63 -8.89 -6.27 1.80
C THR A 63 -8.95 -6.01 0.30
N ILE A 64 -9.10 -7.04 -0.48
CA ILE A 64 -9.16 -6.87 -1.97
C ILE A 64 -10.43 -6.09 -2.32
N ASP A 65 -11.52 -6.38 -1.66
CA ASP A 65 -12.79 -5.65 -1.97
C ASP A 65 -12.62 -4.17 -1.62
N ALA A 66 -11.95 -3.87 -0.54
CA ALA A 66 -11.75 -2.45 -0.15
C ALA A 66 -10.86 -1.76 -1.19
N LEU A 67 -9.83 -2.43 -1.62
CA LEU A 67 -8.92 -1.80 -2.62
C LEU A 67 -9.68 -1.57 -3.93
N MET A 68 -10.54 -2.47 -4.30
CA MET A 68 -11.32 -2.30 -5.55
C MET A 68 -12.32 -1.15 -5.38
N ARG A 69 -12.80 -0.95 -4.18
CA ARG A 69 -13.78 0.15 -3.95
C ARG A 69 -13.05 1.49 -3.95
N ILE A 70 -11.80 1.51 -3.57
CA ILE A 70 -11.04 2.79 -3.55
C ILE A 70 -9.96 2.76 -4.63
N ASN A 71 -9.81 3.83 -5.37
CA ASN A 71 -8.78 3.85 -6.44
C ASN A 71 -7.69 4.86 -6.07
N LEU A 72 -6.45 4.49 -6.24
CA LEU A 72 -5.34 5.43 -5.89
C LEU A 72 -5.57 6.78 -6.59
N PRO A 73 -5.16 7.88 -5.94
CA PRO A 73 -5.32 9.22 -6.49
C PRO A 73 -4.41 9.46 -7.70
N ALA A 74 -4.80 10.32 -8.59
CA ALA A 74 -3.94 10.59 -9.78
C ALA A 74 -2.57 11.08 -9.33
N GLY A 75 -1.54 10.79 -10.08
CA GLY A 75 -0.18 11.24 -9.70
C GLY A 75 0.56 10.10 -8.99
N VAL A 76 -0.13 9.01 -8.73
CA VAL A 76 0.53 7.87 -8.04
C VAL A 76 0.36 6.60 -8.86
N ASP A 77 1.31 5.71 -8.81
CA ASP A 77 1.19 4.45 -9.60
C ASP A 77 1.32 3.25 -8.66
N VAL A 78 0.63 2.17 -8.95
CA VAL A 78 0.71 0.97 -8.07
C VAL A 78 0.93 -0.27 -8.93
N GLU A 79 1.82 -1.12 -8.53
CA GLU A 79 2.08 -2.36 -9.32
C GLU A 79 1.25 -3.52 -8.76
N ILE A 80 0.46 -4.15 -9.59
CA ILE A 80 -0.38 -5.28 -9.09
C ILE A 80 0.53 -6.43 -8.66
N LYS A 81 1.61 -6.64 -9.35
CA LYS A 81 2.53 -7.75 -8.97
C LYS A 81 3.93 -7.19 -8.72
N LEU A 82 4.67 -7.79 -7.83
CA LEU A 82 6.04 -7.29 -7.53
C LEU A 82 6.99 -7.69 -8.65
N SER A 1 -6.81 -18.95 5.37
CA SER A 1 -5.59 -19.76 5.67
C SER A 1 -4.95 -19.26 6.96
N MET A 2 -3.84 -19.84 7.34
CA MET A 2 -3.17 -19.41 8.59
C MET A 2 -2.83 -17.92 8.50
N GLY A 3 -2.52 -17.45 7.33
CA GLY A 3 -2.17 -16.00 7.17
C GLY A 3 -0.65 -15.83 7.27
N GLY A 4 0.08 -16.90 7.34
CA GLY A 4 1.56 -16.78 7.44
C GLY A 4 2.09 -16.02 6.23
N GLN A 5 1.44 -16.14 5.11
CA GLN A 5 1.91 -15.41 3.89
C GLN A 5 1.65 -13.92 4.06
N LYS A 6 2.47 -13.10 3.46
CA LYS A 6 2.28 -11.62 3.59
C LYS A 6 2.32 -10.98 2.21
N ILE A 7 1.67 -9.86 2.05
CA ILE A 7 1.68 -9.18 0.71
C ILE A 7 2.33 -7.80 0.85
N ARG A 8 3.09 -7.40 -0.13
CA ARG A 8 3.77 -6.07 -0.06
C ARG A 8 3.33 -5.22 -1.25
N ILE A 9 3.01 -3.97 -1.02
CA ILE A 9 2.57 -3.09 -2.13
C ILE A 9 3.57 -1.93 -2.27
N LYS A 10 3.97 -1.61 -3.47
CA LYS A 10 4.93 -0.50 -3.67
C LYS A 10 4.20 0.73 -4.23
N LEU A 11 4.40 1.87 -3.64
CA LEU A 11 3.72 3.10 -4.14
C LEU A 11 4.74 4.01 -4.84
N LYS A 12 4.45 4.42 -6.04
CA LYS A 12 5.40 5.31 -6.77
C LYS A 12 4.70 6.60 -7.17
N ALA A 13 5.35 7.72 -6.99
CA ALA A 13 4.71 9.01 -7.36
C ALA A 13 5.76 10.12 -7.36
N TYR A 14 5.68 11.03 -8.30
CA TYR A 14 6.67 12.14 -8.36
C TYR A 14 6.72 12.87 -7.02
N ASP A 15 5.58 13.26 -6.51
CA ASP A 15 5.57 13.98 -5.21
C ASP A 15 5.59 12.98 -4.06
N HIS A 16 6.46 13.19 -3.10
CA HIS A 16 6.52 12.25 -1.94
C HIS A 16 5.29 12.41 -1.07
N GLU A 17 4.80 13.62 -0.95
CA GLU A 17 3.58 13.85 -0.12
C GLU A 17 2.43 12.98 -0.63
N LEU A 18 2.36 12.79 -1.92
CA LEU A 18 1.27 11.94 -2.49
C LEU A 18 1.43 10.51 -2.00
N LEU A 19 2.64 10.05 -1.83
CA LEU A 19 2.86 8.66 -1.35
C LEU A 19 2.53 8.58 0.15
N ASP A 20 2.89 9.60 0.89
CA ASP A 20 2.60 9.58 2.35
C ASP A 20 1.09 9.59 2.57
N GLU A 21 0.38 10.42 1.86
CA GLU A 21 -1.10 10.47 2.03
C GLU A 21 -1.73 9.21 1.47
N SER A 22 -1.25 8.76 0.33
CA SER A 22 -1.82 7.51 -0.27
C SER A 22 -1.53 6.32 0.63
N ALA A 23 -0.35 6.27 1.21
CA ALA A 23 -0.01 5.14 2.11
C ALA A 23 -0.91 5.17 3.34
N LYS A 24 -1.21 6.34 3.83
CA LYS A 24 -2.08 6.44 5.04
C LYS A 24 -3.48 5.90 4.70
N LYS A 25 -3.96 6.19 3.53
CA LYS A 25 -5.32 5.70 3.14
C LYS A 25 -5.30 4.17 3.06
N ILE A 26 -4.27 3.62 2.48
CA ILE A 26 -4.19 2.13 2.36
C ILE A 26 -4.07 1.51 3.76
N VAL A 27 -3.21 2.06 4.59
CA VAL A 27 -3.05 1.51 5.96
C VAL A 27 -4.36 1.65 6.73
N GLU A 28 -4.99 2.79 6.65
CA GLU A 28 -6.27 2.99 7.38
C GLU A 28 -7.32 2.02 6.84
N VAL A 29 -7.47 1.95 5.55
CA VAL A 29 -8.48 1.03 4.96
C VAL A 29 -8.03 -0.42 5.17
N ALA A 30 -6.80 -0.72 4.89
CA ALA A 30 -6.30 -2.11 5.06
C ALA A 30 -6.40 -2.50 6.55
N LYS A 31 -5.91 -1.67 7.42
CA LYS A 31 -5.99 -1.99 8.88
C LYS A 31 -7.45 -2.20 9.28
N SER A 32 -8.34 -1.41 8.73
CA SER A 32 -9.78 -1.56 9.08
C SER A 32 -10.24 -2.99 8.78
N THR A 33 -9.65 -3.61 7.79
CA THR A 33 -10.04 -5.00 7.44
C THR A 33 -9.47 -5.96 8.48
N ASN A 34 -9.99 -7.17 8.53
CA ASN A 34 -9.47 -8.15 9.52
C ASN A 34 -7.96 -8.33 9.33
N SER A 35 -7.49 -8.25 8.11
CA SER A 35 -6.04 -8.42 7.85
C SER A 35 -5.28 -7.27 8.52
N LYS A 36 -4.02 -7.47 8.81
CA LYS A 36 -3.22 -6.39 9.46
C LYS A 36 -2.23 -5.81 8.45
N VAL A 37 -1.77 -4.61 8.68
CA VAL A 37 -0.80 -3.99 7.74
C VAL A 37 0.38 -3.40 8.51
N SER A 38 1.56 -3.45 7.97
CA SER A 38 2.74 -2.90 8.69
C SER A 38 3.41 -1.83 7.83
N GLY A 39 4.07 -0.89 8.45
CA GLY A 39 4.74 0.18 7.67
C GLY A 39 4.02 1.51 7.90
N PRO A 40 3.94 2.34 6.84
CA PRO A 40 4.52 2.03 5.53
C PRO A 40 6.04 2.08 5.55
N ILE A 41 6.68 1.24 4.78
CA ILE A 41 8.18 1.25 4.76
C ILE A 41 8.66 2.24 3.70
N PRO A 42 9.34 3.31 4.13
CA PRO A 42 9.85 4.34 3.23
C PRO A 42 11.07 3.84 2.43
N LEU A 43 11.15 4.19 1.18
CA LEU A 43 12.30 3.74 0.35
C LEU A 43 13.07 4.97 -0.15
N PRO A 44 14.29 4.74 -0.68
CA PRO A 44 15.14 5.83 -1.19
C PRO A 44 14.56 6.44 -2.48
N THR A 45 14.42 7.74 -2.52
CA THR A 45 13.87 8.38 -3.73
C THR A 45 14.89 8.26 -4.88
N GLU A 46 14.42 8.30 -6.10
CA GLU A 46 15.36 8.18 -7.25
C GLU A 46 15.20 9.41 -8.15
N SER A 47 16.25 10.17 -8.34
CA SER A 47 16.16 11.37 -9.21
C SER A 47 15.11 12.32 -8.65
N ARG A 48 13.87 12.12 -9.00
CA ARG A 48 12.79 13.02 -8.49
C ARG A 48 11.52 12.20 -8.24
N VAL A 49 11.66 10.91 -8.05
CA VAL A 49 10.46 10.06 -7.81
C VAL A 49 10.62 9.34 -6.47
N HIS A 50 9.63 9.43 -5.62
CA HIS A 50 9.72 8.74 -4.29
C HIS A 50 9.00 7.40 -4.36
N LYS A 51 9.33 6.48 -3.49
CA LYS A 51 8.65 5.16 -3.51
C LYS A 51 8.43 4.67 -2.07
N ARG A 52 7.28 4.12 -1.80
CA ARG A 52 7.00 3.62 -0.43
C ARG A 52 6.41 2.21 -0.52
N LEU A 53 6.64 1.41 0.47
CA LEU A 53 6.09 0.02 0.44
C LEU A 53 5.30 -0.26 1.72
N ILE A 54 4.26 -1.03 1.62
CA ILE A 54 3.45 -1.35 2.82
C ILE A 54 3.36 -2.86 3.00
N ASP A 55 3.88 -3.38 4.08
CA ASP A 55 3.83 -4.85 4.29
C ASP A 55 2.42 -5.25 4.78
N ILE A 56 1.92 -6.37 4.31
CA ILE A 56 0.56 -6.81 4.74
C ILE A 56 0.67 -8.18 5.39
N ILE A 57 0.18 -8.32 6.59
CA ILE A 57 0.26 -9.64 7.29
C ILE A 57 -1.14 -10.26 7.35
N ASP A 58 -1.24 -11.54 7.13
CA ASP A 58 -2.58 -12.20 7.18
C ASP A 58 -3.57 -11.44 6.31
N PRO A 59 -3.30 -11.39 4.99
CA PRO A 59 -4.17 -10.70 4.03
C PRO A 59 -5.51 -11.42 3.85
N SER A 60 -6.56 -10.69 3.65
CA SER A 60 -7.90 -11.35 3.46
C SER A 60 -8.59 -10.75 2.23
N PRO A 61 -9.72 -11.35 1.83
CA PRO A 61 -10.49 -10.89 0.67
C PRO A 61 -11.14 -9.52 0.92
N LYS A 62 -11.41 -9.20 2.16
CA LYS A 62 -12.03 -7.88 2.47
C LYS A 62 -11.09 -6.76 2.04
N THR A 63 -9.83 -7.06 1.91
CA THR A 63 -8.85 -6.01 1.49
C THR A 63 -9.03 -5.72 0.00
N ILE A 64 -9.27 -6.72 -0.79
CA ILE A 64 -9.45 -6.50 -2.25
C ILE A 64 -10.75 -5.73 -2.50
N ASP A 65 -11.79 -6.06 -1.76
CA ASP A 65 -13.07 -5.35 -1.95
C ASP A 65 -12.89 -3.87 -1.60
N ALA A 66 -12.17 -3.58 -0.55
CA ALA A 66 -11.95 -2.16 -0.17
C ALA A 66 -11.16 -1.45 -1.27
N LEU A 67 -10.18 -2.12 -1.83
CA LEU A 67 -9.38 -1.48 -2.91
C LEU A 67 -10.28 -1.20 -4.11
N MET A 68 -11.21 -2.06 -4.38
CA MET A 68 -12.12 -1.85 -5.55
C MET A 68 -13.06 -0.70 -5.23
N ARG A 69 -13.35 -0.47 -3.98
CA ARG A 69 -14.26 0.64 -3.61
C ARG A 69 -13.50 1.97 -3.68
N ILE A 70 -12.22 1.94 -3.45
CA ILE A 70 -11.42 3.20 -3.50
C ILE A 70 -10.47 3.15 -4.70
N ASN A 71 -10.38 4.22 -5.43
CA ASN A 71 -9.47 4.24 -6.61
C ASN A 71 -8.25 5.12 -6.32
N LEU A 72 -7.07 4.64 -6.62
CA LEU A 72 -5.85 5.45 -6.35
C LEU A 72 -5.88 6.71 -7.21
N PRO A 73 -5.35 7.82 -6.67
CA PRO A 73 -5.31 9.11 -7.39
C PRO A 73 -4.31 9.09 -8.55
N ALA A 74 -4.57 9.86 -9.57
CA ALA A 74 -3.63 9.87 -10.73
C ALA A 74 -2.26 10.36 -10.27
N GLY A 75 -1.21 9.92 -10.91
CA GLY A 75 0.16 10.36 -10.51
C GLY A 75 0.75 9.34 -9.54
N VAL A 76 0.05 8.28 -9.27
CA VAL A 76 0.58 7.25 -8.33
C VAL A 76 0.47 5.86 -8.97
N ASP A 77 1.39 4.98 -8.67
CA ASP A 77 1.34 3.62 -9.27
C ASP A 77 1.48 2.57 -8.15
N VAL A 78 1.03 1.37 -8.40
CA VAL A 78 1.14 0.31 -7.36
C VAL A 78 1.80 -0.92 -7.96
N GLU A 79 2.83 -1.43 -7.32
CA GLU A 79 3.52 -2.64 -7.86
C GLU A 79 3.47 -3.76 -6.82
N ILE A 80 3.24 -4.97 -7.25
CA ILE A 80 3.18 -6.11 -6.28
C ILE A 80 4.36 -7.05 -6.53
N LYS A 81 5.06 -7.42 -5.49
CA LYS A 81 6.22 -8.33 -5.65
C LYS A 81 5.80 -9.76 -5.29
N LEU A 82 6.35 -10.74 -5.95
CA LEU A 82 5.98 -12.15 -5.64
C LEU A 82 7.02 -13.10 -6.24
N SER A 1 1.23 -13.81 12.24
CA SER A 1 1.12 -14.29 10.84
C SER A 1 0.94 -15.82 10.83
N MET A 2 -0.08 -16.30 11.48
CA MET A 2 -0.31 -17.77 11.52
C MET A 2 -0.43 -18.29 10.08
N GLY A 3 -1.05 -17.55 9.21
CA GLY A 3 -1.19 -18.02 7.80
C GLY A 3 0.20 -18.26 7.20
N GLY A 4 1.14 -17.42 7.51
CA GLY A 4 2.51 -17.60 6.96
C GLY A 4 2.61 -16.91 5.60
N GLN A 5 1.61 -16.17 5.23
CA GLN A 5 1.66 -15.46 3.91
C GLN A 5 1.62 -13.95 4.13
N LYS A 6 2.54 -13.23 3.57
CA LYS A 6 2.57 -11.76 3.76
C LYS A 6 2.61 -11.07 2.39
N ILE A 7 1.91 -9.98 2.24
CA ILE A 7 1.93 -9.26 0.93
C ILE A 7 2.48 -7.85 1.13
N ARG A 8 3.27 -7.38 0.21
CA ARG A 8 3.85 -6.01 0.34
C ARG A 8 3.34 -5.14 -0.80
N ILE A 9 2.98 -3.92 -0.52
CA ILE A 9 2.48 -3.02 -1.59
C ILE A 9 3.48 -1.88 -1.81
N LYS A 10 3.80 -1.59 -3.04
CA LYS A 10 4.78 -0.49 -3.32
C LYS A 10 4.04 0.70 -3.94
N LEU A 11 4.31 1.88 -3.46
CA LEU A 11 3.62 3.08 -4.03
C LEU A 11 4.64 3.96 -4.75
N LYS A 12 4.32 4.40 -5.94
CA LYS A 12 5.26 5.26 -6.70
C LYS A 12 4.59 6.59 -7.05
N ALA A 13 5.24 7.68 -6.79
CA ALA A 13 4.63 9.00 -7.11
C ALA A 13 5.72 10.07 -7.15
N TYR A 14 5.59 11.04 -8.02
CA TYR A 14 6.63 12.11 -8.11
C TYR A 14 6.63 12.92 -6.81
N ASP A 15 5.49 13.14 -6.23
CA ASP A 15 5.43 13.92 -4.96
C ASP A 15 5.35 12.96 -3.77
N HIS A 16 6.32 12.97 -2.92
CA HIS A 16 6.30 12.06 -1.74
C HIS A 16 5.08 12.38 -0.88
N GLU A 17 4.83 13.63 -0.63
CA GLU A 17 3.65 14.01 0.20
C GLU A 17 2.40 13.38 -0.41
N LEU A 18 2.23 13.50 -1.69
CA LEU A 18 1.03 12.90 -2.34
C LEU A 18 1.06 11.40 -2.14
N LEU A 19 2.21 10.79 -2.25
CA LEU A 19 2.31 9.32 -2.05
C LEU A 19 2.02 9.00 -0.58
N ASP A 20 2.39 9.88 0.30
CA ASP A 20 2.14 9.63 1.75
C ASP A 20 0.64 9.57 2.00
N GLU A 21 -0.12 10.42 1.35
CA GLU A 21 -1.59 10.40 1.56
C GLU A 21 -2.15 9.07 1.05
N SER A 22 -1.80 8.68 -0.14
CA SER A 22 -2.32 7.39 -0.69
C SER A 22 -1.92 6.25 0.24
N ALA A 23 -0.68 6.22 0.66
CA ALA A 23 -0.23 5.13 1.57
C ALA A 23 -1.02 5.20 2.87
N LYS A 24 -1.06 6.35 3.50
CA LYS A 24 -1.81 6.47 4.78
C LYS A 24 -3.27 6.07 4.54
N LYS A 25 -3.87 6.54 3.49
CA LYS A 25 -5.30 6.18 3.22
C LYS A 25 -5.41 4.66 3.07
N ILE A 26 -4.53 4.06 2.32
CA ILE A 26 -4.60 2.58 2.14
C ILE A 26 -4.35 1.88 3.49
N VAL A 27 -3.41 2.38 4.26
CA VAL A 27 -3.13 1.75 5.57
C VAL A 27 -4.38 1.82 6.45
N GLU A 28 -5.02 2.96 6.51
CA GLU A 28 -6.24 3.09 7.35
C GLU A 28 -7.31 2.12 6.84
N VAL A 29 -7.46 2.01 5.55
CA VAL A 29 -8.50 1.09 5.00
C VAL A 29 -8.04 -0.37 5.19
N ALA A 30 -6.78 -0.64 5.00
CA ALA A 30 -6.28 -2.03 5.18
C ALA A 30 -6.41 -2.44 6.65
N LYS A 31 -6.00 -1.59 7.55
CA LYS A 31 -6.10 -1.93 8.99
C LYS A 31 -7.56 -2.18 9.36
N SER A 32 -8.47 -1.44 8.79
CA SER A 32 -9.90 -1.64 9.10
C SER A 32 -10.30 -3.09 8.79
N THR A 33 -9.67 -3.69 7.82
CA THR A 33 -10.01 -5.09 7.46
C THR A 33 -9.40 -6.04 8.49
N ASN A 34 -9.86 -7.26 8.54
CA ASN A 34 -9.31 -8.23 9.52
C ASN A 34 -7.80 -8.38 9.30
N SER A 35 -7.36 -8.30 8.07
CA SER A 35 -5.89 -8.43 7.80
C SER A 35 -5.14 -7.29 8.49
N LYS A 36 -3.87 -7.48 8.74
CA LYS A 36 -3.08 -6.40 9.41
C LYS A 36 -2.06 -5.83 8.42
N VAL A 37 -1.77 -4.56 8.52
CA VAL A 37 -0.78 -3.95 7.59
C VAL A 37 0.34 -3.30 8.38
N SER A 38 1.55 -3.41 7.92
CA SER A 38 2.70 -2.80 8.65
C SER A 38 3.35 -1.71 7.79
N GLY A 39 3.71 -0.61 8.38
CA GLY A 39 4.33 0.49 7.59
C GLY A 39 3.54 1.79 7.78
N PRO A 40 3.54 2.65 6.76
CA PRO A 40 4.26 2.41 5.50
C PRO A 40 5.77 2.48 5.69
N ILE A 41 6.50 1.65 4.99
CA ILE A 41 7.98 1.66 5.13
C ILE A 41 8.58 2.53 4.01
N PRO A 42 9.42 3.52 4.39
CA PRO A 42 10.06 4.43 3.44
C PRO A 42 11.12 3.72 2.60
N LEU A 43 11.16 3.97 1.32
CA LEU A 43 12.16 3.31 0.44
C LEU A 43 13.03 4.37 -0.23
N PRO A 44 14.04 3.94 -0.99
CA PRO A 44 14.96 4.84 -1.69
C PRO A 44 14.27 5.53 -2.88
N THR A 45 14.51 6.80 -3.07
CA THR A 45 13.87 7.52 -4.20
C THR A 45 14.77 7.45 -5.43
N GLU A 46 14.25 7.71 -6.59
CA GLU A 46 15.09 7.66 -7.83
C GLU A 46 14.96 8.97 -8.58
N SER A 47 16.06 9.60 -8.89
CA SER A 47 16.01 10.89 -9.64
C SER A 47 15.10 11.87 -8.89
N ARG A 48 13.83 11.85 -9.18
CA ARG A 48 12.89 12.79 -8.49
C ARG A 48 11.59 12.06 -8.16
N VAL A 49 11.66 10.79 -7.85
CA VAL A 49 10.42 10.03 -7.52
C VAL A 49 10.60 9.31 -6.19
N HIS A 50 9.63 9.38 -5.33
CA HIS A 50 9.74 8.69 -4.01
C HIS A 50 8.92 7.40 -4.04
N LYS A 51 9.33 6.40 -3.31
CA LYS A 51 8.57 5.12 -3.29
C LYS A 51 8.45 4.62 -1.86
N ARG A 52 7.32 4.07 -1.52
CA ARG A 52 7.13 3.55 -0.13
C ARG A 52 6.73 2.08 -0.18
N LEU A 53 7.06 1.32 0.82
CA LEU A 53 6.69 -0.13 0.82
C LEU A 53 5.82 -0.44 2.04
N ILE A 54 4.71 -1.11 1.83
CA ILE A 54 3.82 -1.44 2.98
C ILE A 54 3.71 -2.96 3.10
N ASP A 55 4.00 -3.50 4.26
CA ASP A 55 3.91 -4.98 4.44
C ASP A 55 2.49 -5.35 4.89
N ILE A 56 1.99 -6.46 4.42
CA ILE A 56 0.62 -6.88 4.82
C ILE A 56 0.70 -8.24 5.52
N ILE A 57 0.07 -8.36 6.66
CA ILE A 57 0.11 -9.67 7.40
C ILE A 57 -1.28 -10.32 7.34
N ASP A 58 -1.32 -11.61 7.15
CA ASP A 58 -2.63 -12.31 7.09
C ASP A 58 -3.58 -11.53 6.17
N PRO A 59 -3.23 -11.45 4.88
CA PRO A 59 -4.05 -10.74 3.88
C PRO A 59 -5.36 -11.47 3.60
N SER A 60 -6.42 -10.74 3.35
CA SER A 60 -7.73 -11.38 3.07
C SER A 60 -8.36 -10.75 1.84
N PRO A 61 -9.40 -11.39 1.29
CA PRO A 61 -10.10 -10.89 0.09
C PRO A 61 -10.87 -9.60 0.39
N LYS A 62 -11.24 -9.40 1.62
CA LYS A 62 -11.99 -8.15 1.98
C LYS A 62 -11.09 -6.94 1.72
N THR A 63 -9.80 -7.13 1.76
CA THR A 63 -8.87 -5.99 1.52
C THR A 63 -8.99 -5.55 0.05
N ILE A 64 -9.03 -6.49 -0.85
CA ILE A 64 -9.15 -6.14 -2.28
C ILE A 64 -10.47 -5.41 -2.51
N ASP A 65 -11.53 -5.89 -1.93
CA ASP A 65 -12.86 -5.23 -2.11
C ASP A 65 -12.73 -3.74 -1.73
N ALA A 66 -12.06 -3.46 -0.65
CA ALA A 66 -11.91 -2.04 -0.24
C ALA A 66 -11.11 -1.27 -1.30
N LEU A 67 -10.10 -1.89 -1.85
CA LEU A 67 -9.29 -1.21 -2.89
C LEU A 67 -10.20 -0.82 -4.07
N MET A 68 -11.09 -1.69 -4.45
CA MET A 68 -12.00 -1.38 -5.58
C MET A 68 -12.89 -0.20 -5.21
N ARG A 69 -13.28 -0.10 -3.96
CA ARG A 69 -14.15 1.02 -3.54
C ARG A 69 -13.34 2.32 -3.55
N ILE A 70 -12.05 2.23 -3.37
CA ILE A 70 -11.21 3.46 -3.36
C ILE A 70 -10.39 3.51 -4.65
N ASN A 71 -10.37 4.64 -5.30
CA ASN A 71 -9.59 4.76 -6.57
C ASN A 71 -8.35 5.62 -6.32
N LEU A 72 -7.18 5.08 -6.54
CA LEU A 72 -5.94 5.87 -6.32
C LEU A 72 -5.91 7.07 -7.28
N PRO A 73 -5.44 8.22 -6.79
CA PRO A 73 -5.36 9.44 -7.59
C PRO A 73 -4.28 9.34 -8.68
N ALA A 74 -4.46 10.04 -9.77
CA ALA A 74 -3.45 9.98 -10.86
C ALA A 74 -2.10 10.43 -10.33
N GLY A 75 -1.02 9.88 -10.85
CA GLY A 75 0.32 10.28 -10.37
C GLY A 75 0.84 9.25 -9.37
N VAL A 76 0.04 8.26 -9.05
CA VAL A 76 0.49 7.23 -8.07
C VAL A 76 0.35 5.85 -8.69
N ASP A 77 1.22 4.93 -8.33
CA ASP A 77 1.13 3.56 -8.90
C ASP A 77 1.28 2.53 -7.79
N VAL A 78 0.77 1.35 -7.98
CA VAL A 78 0.88 0.30 -6.92
C VAL A 78 1.35 -1.02 -7.56
N GLU A 79 2.08 -1.81 -6.82
CA GLU A 79 2.56 -3.11 -7.37
C GLU A 79 1.77 -4.26 -6.76
N ILE A 80 1.53 -5.30 -7.52
CA ILE A 80 0.76 -6.45 -6.97
C ILE A 80 1.60 -7.72 -7.08
N LYS A 81 1.65 -8.50 -6.03
CA LYS A 81 2.44 -9.75 -6.06
C LYS A 81 3.92 -9.41 -6.31
N LEU A 82 4.42 -8.42 -5.63
CA LEU A 82 5.86 -8.03 -5.83
C LEU A 82 6.16 -7.95 -7.33
N SER A 1 -7.31 -18.91 6.65
CA SER A 1 -5.93 -18.71 6.13
C SER A 1 -4.95 -18.62 7.29
N MET A 2 -3.87 -19.36 7.24
CA MET A 2 -2.88 -19.32 8.35
C MET A 2 -2.38 -17.87 8.53
N GLY A 3 -2.24 -17.15 7.45
CA GLY A 3 -1.75 -15.75 7.56
C GLY A 3 -0.24 -15.71 7.30
N GLY A 4 0.38 -16.84 7.18
CA GLY A 4 1.85 -16.86 6.93
C GLY A 4 2.16 -16.07 5.66
N GLN A 5 1.25 -16.05 4.73
CA GLN A 5 1.50 -15.29 3.48
C GLN A 5 1.37 -13.78 3.75
N LYS A 6 2.20 -12.98 3.15
CA LYS A 6 2.12 -11.52 3.37
C LYS A 6 2.07 -10.80 2.02
N ILE A 7 1.35 -9.71 1.95
CA ILE A 7 1.26 -8.95 0.67
C ILE A 7 1.98 -7.61 0.81
N ARG A 8 2.73 -7.22 -0.17
CA ARG A 8 3.45 -5.91 -0.09
C ARG A 8 3.06 -5.03 -1.27
N ILE A 9 2.79 -3.78 -1.02
CA ILE A 9 2.40 -2.87 -2.14
C ILE A 9 3.45 -1.77 -2.30
N LYS A 10 3.81 -1.45 -3.51
CA LYS A 10 4.84 -0.39 -3.73
C LYS A 10 4.18 0.85 -4.34
N LEU A 11 4.41 1.99 -3.75
CA LEU A 11 3.80 3.23 -4.30
C LEU A 11 4.90 4.14 -4.86
N LYS A 12 4.83 4.45 -6.12
CA LYS A 12 5.88 5.33 -6.72
C LYS A 12 5.24 6.63 -7.20
N ALA A 13 5.90 7.74 -6.98
CA ALA A 13 5.33 9.04 -7.42
C ALA A 13 6.39 10.14 -7.27
N TYR A 14 6.31 11.17 -8.06
CA TYR A 14 7.31 12.27 -7.96
C TYR A 14 7.09 13.04 -6.66
N ASP A 15 5.85 13.20 -6.26
CA ASP A 15 5.56 13.96 -5.00
C ASP A 15 5.48 12.97 -3.83
N HIS A 16 6.39 13.06 -2.91
CA HIS A 16 6.35 12.13 -1.73
C HIS A 16 5.12 12.44 -0.88
N GLU A 17 4.68 13.66 -0.89
CA GLU A 17 3.48 14.02 -0.07
C GLU A 17 2.25 13.27 -0.61
N LEU A 18 2.14 13.16 -1.90
CA LEU A 18 0.97 12.44 -2.49
C LEU A 18 1.02 10.97 -2.07
N LEU A 19 2.19 10.39 -2.03
CA LEU A 19 2.30 8.96 -1.64
C LEU A 19 1.99 8.81 -0.14
N ASP A 20 2.36 9.79 0.64
CA ASP A 20 2.10 9.72 2.11
C ASP A 20 0.58 9.70 2.35
N GLU A 21 -0.15 10.54 1.65
CA GLU A 21 -1.62 10.57 1.83
C GLU A 21 -2.24 9.29 1.28
N SER A 22 -1.78 8.84 0.14
CA SER A 22 -2.35 7.59 -0.45
C SER A 22 -2.01 6.40 0.46
N ALA A 23 -0.84 6.39 1.01
CA ALA A 23 -0.44 5.27 1.91
C ALA A 23 -1.27 5.33 3.20
N LYS A 24 -1.47 6.50 3.73
CA LYS A 24 -2.27 6.62 4.98
C LYS A 24 -3.69 6.09 4.74
N LYS A 25 -4.30 6.49 3.66
CA LYS A 25 -5.68 6.01 3.37
C LYS A 25 -5.68 4.49 3.22
N ILE A 26 -4.73 3.95 2.51
CA ILE A 26 -4.67 2.48 2.32
C ILE A 26 -4.39 1.81 3.69
N VAL A 27 -3.45 2.34 4.42
CA VAL A 27 -3.12 1.73 5.75
C VAL A 27 -4.37 1.76 6.64
N GLU A 28 -5.04 2.88 6.72
CA GLU A 28 -6.26 2.96 7.56
C GLU A 28 -7.31 1.97 7.05
N VAL A 29 -7.50 1.90 5.76
CA VAL A 29 -8.51 0.96 5.21
C VAL A 29 -8.04 -0.47 5.41
N ALA A 30 -6.77 -0.72 5.22
CA ALA A 30 -6.25 -2.10 5.41
C ALA A 30 -6.42 -2.52 6.87
N LYS A 31 -6.03 -1.68 7.79
CA LYS A 31 -6.17 -2.02 9.23
C LYS A 31 -7.63 -2.37 9.53
N SER A 32 -8.56 -1.66 8.94
CA SER A 32 -10.00 -1.95 9.19
C SER A 32 -10.30 -3.42 8.83
N THR A 33 -9.63 -3.95 7.86
CA THR A 33 -9.88 -5.36 7.46
C THR A 33 -9.27 -6.30 8.50
N ASN A 34 -9.81 -7.47 8.64
CA ASN A 34 -9.27 -8.43 9.65
C ASN A 34 -7.75 -8.56 9.45
N SER A 35 -7.29 -8.41 8.24
CA SER A 35 -5.83 -8.53 7.98
C SER A 35 -5.11 -7.35 8.61
N LYS A 36 -3.85 -7.48 8.90
CA LYS A 36 -3.08 -6.37 9.51
C LYS A 36 -2.12 -5.77 8.47
N VAL A 37 -1.87 -4.50 8.55
CA VAL A 37 -0.95 -3.86 7.57
C VAL A 37 0.22 -3.21 8.31
N SER A 38 1.38 -3.19 7.69
CA SER A 38 2.56 -2.58 8.36
C SER A 38 3.15 -1.48 7.47
N GLY A 39 3.64 -0.42 8.04
CA GLY A 39 4.23 0.67 7.22
C GLY A 39 3.48 1.97 7.51
N PRO A 40 3.50 2.90 6.54
CA PRO A 40 4.20 2.70 5.26
C PRO A 40 5.72 2.71 5.45
N ILE A 41 6.42 1.86 4.74
CA ILE A 41 7.90 1.83 4.87
C ILE A 41 8.52 2.76 3.82
N PRO A 42 9.45 3.63 4.26
CA PRO A 42 10.12 4.58 3.37
C PRO A 42 11.10 3.89 2.42
N LEU A 43 10.87 4.00 1.14
CA LEU A 43 11.78 3.35 0.17
C LEU A 43 12.84 4.35 -0.29
N PRO A 44 13.89 3.86 -0.97
CA PRO A 44 14.98 4.71 -1.47
C PRO A 44 14.50 5.62 -2.60
N THR A 45 15.01 6.82 -2.67
CA THR A 45 14.57 7.75 -3.76
C THR A 45 15.43 7.50 -5.01
N GLU A 46 14.83 7.60 -6.17
CA GLU A 46 15.61 7.37 -7.42
C GLU A 46 15.19 8.40 -8.47
N SER A 47 16.14 8.94 -9.19
CA SER A 47 15.79 9.96 -10.22
C SER A 47 14.80 10.96 -9.64
N ARG A 48 15.09 11.50 -8.48
CA ARG A 48 14.17 12.49 -7.86
C ARG A 48 12.78 11.88 -7.74
N VAL A 49 12.70 10.60 -7.45
CA VAL A 49 11.36 9.96 -7.33
C VAL A 49 11.23 9.31 -5.94
N HIS A 50 10.14 9.55 -5.27
CA HIS A 50 9.96 8.94 -3.92
C HIS A 50 9.10 7.69 -4.03
N LYS A 51 9.36 6.70 -3.23
CA LYS A 51 8.55 5.45 -3.29
C LYS A 51 8.20 4.99 -1.87
N ARG A 52 7.09 4.32 -1.71
CA ARG A 52 6.70 3.84 -0.36
C ARG A 52 6.40 2.34 -0.41
N LEU A 53 6.67 1.64 0.65
CA LEU A 53 6.41 0.18 0.66
C LEU A 53 5.44 -0.17 1.80
N ILE A 54 4.41 -0.92 1.51
CA ILE A 54 3.44 -1.28 2.58
C ILE A 54 3.38 -2.80 2.73
N ASP A 55 3.75 -3.33 3.86
CA ASP A 55 3.71 -4.80 4.06
C ASP A 55 2.33 -5.21 4.58
N ILE A 56 1.85 -6.35 4.20
CA ILE A 56 0.52 -6.80 4.67
C ILE A 56 0.65 -8.17 5.34
N ILE A 57 0.24 -8.29 6.58
CA ILE A 57 0.36 -9.59 7.28
C ILE A 57 -1.04 -10.24 7.37
N ASP A 58 -1.11 -11.54 7.26
CA ASP A 58 -2.42 -12.22 7.33
C ASP A 58 -3.43 -11.51 6.42
N PRO A 59 -3.14 -11.49 5.11
CA PRO A 59 -4.01 -10.84 4.12
C PRO A 59 -5.33 -11.61 3.93
N SER A 60 -6.40 -10.91 3.63
CA SER A 60 -7.70 -11.60 3.43
C SER A 60 -8.41 -11.02 2.21
N PRO A 61 -9.48 -11.70 1.75
CA PRO A 61 -10.25 -11.26 0.58
C PRO A 61 -11.00 -9.95 0.86
N LYS A 62 -11.30 -9.69 2.10
CA LYS A 62 -12.02 -8.43 2.43
C LYS A 62 -11.14 -7.23 2.09
N THR A 63 -9.84 -7.42 2.09
CA THR A 63 -8.93 -6.30 1.75
C THR A 63 -9.07 -5.95 0.26
N ILE A 64 -9.15 -6.95 -0.58
CA ILE A 64 -9.29 -6.67 -2.03
C ILE A 64 -10.60 -5.93 -2.28
N ASP A 65 -11.67 -6.37 -1.66
CA ASP A 65 -12.98 -5.69 -1.86
C ASP A 65 -12.83 -4.21 -1.51
N ALA A 66 -12.14 -3.90 -0.45
CA ALA A 66 -11.96 -2.47 -0.07
C ALA A 66 -11.11 -1.76 -1.12
N LEU A 67 -10.12 -2.43 -1.65
CA LEU A 67 -9.26 -1.80 -2.68
C LEU A 67 -10.10 -1.41 -3.90
N MET A 68 -11.02 -2.26 -4.28
CA MET A 68 -11.89 -1.95 -5.45
C MET A 68 -12.80 -0.77 -5.12
N ARG A 69 -13.23 -0.67 -3.89
CA ARG A 69 -14.12 0.46 -3.50
C ARG A 69 -13.32 1.76 -3.49
N ILE A 70 -12.05 1.68 -3.20
CA ILE A 70 -11.21 2.91 -3.16
C ILE A 70 -10.26 2.93 -4.36
N ASN A 71 -10.17 4.04 -5.04
CA ASN A 71 -9.27 4.11 -6.22
C ASN A 71 -8.16 5.13 -5.95
N LEU A 72 -6.92 4.72 -6.04
CA LEU A 72 -5.80 5.67 -5.79
C LEU A 72 -5.94 6.89 -6.72
N PRO A 73 -5.45 8.04 -6.27
CA PRO A 73 -5.51 9.29 -7.05
C PRO A 73 -4.57 9.24 -8.26
N ALA A 74 -4.94 9.91 -9.33
CA ALA A 74 -4.07 9.90 -10.53
C ALA A 74 -2.72 10.55 -10.20
N GLY A 75 -1.68 10.18 -10.89
CA GLY A 75 -0.35 10.77 -10.61
C GLY A 75 0.45 9.82 -9.72
N VAL A 76 -0.04 8.63 -9.51
CA VAL A 76 0.69 7.66 -8.65
C VAL A 76 0.84 6.33 -9.39
N ASP A 77 1.91 5.62 -9.15
CA ASP A 77 2.10 4.32 -9.85
C ASP A 77 2.04 3.18 -8.83
N VAL A 78 1.60 2.03 -9.24
CA VAL A 78 1.51 0.88 -8.28
C VAL A 78 2.12 -0.36 -8.93
N GLU A 79 2.79 -1.17 -8.15
CA GLU A 79 3.41 -2.41 -8.72
C GLU A 79 2.51 -3.61 -8.43
N ILE A 80 2.33 -4.47 -9.41
CA ILE A 80 1.46 -5.66 -9.19
C ILE A 80 2.30 -6.93 -9.33
N LYS A 81 2.23 -7.80 -8.37
CA LYS A 81 3.02 -9.07 -8.45
C LYS A 81 2.62 -9.84 -9.70
N LEU A 82 1.36 -9.83 -10.04
CA LEU A 82 0.90 -10.56 -11.25
C LEU A 82 0.09 -9.63 -12.14
N SER A 1 3.20 -20.92 12.32
CA SER A 1 2.11 -21.80 12.83
C SER A 1 0.86 -21.60 11.96
N MET A 2 0.31 -20.42 11.96
CA MET A 2 -0.90 -20.17 11.15
C MET A 2 -0.66 -18.98 10.21
N GLY A 3 -1.41 -18.87 9.15
CA GLY A 3 -1.22 -17.73 8.20
C GLY A 3 0.15 -17.86 7.53
N GLY A 4 0.97 -16.86 7.64
CA GLY A 4 2.31 -16.91 7.01
C GLY A 4 2.26 -16.23 5.64
N GLN A 5 1.11 -15.78 5.23
CA GLN A 5 1.01 -15.10 3.90
C GLN A 5 0.99 -13.59 4.11
N LYS A 6 1.86 -12.88 3.44
CA LYS A 6 1.90 -11.40 3.59
C LYS A 6 1.95 -10.74 2.20
N ILE A 7 1.29 -9.63 2.04
CA ILE A 7 1.30 -8.95 0.72
C ILE A 7 1.96 -7.57 0.86
N ARG A 8 2.78 -7.19 -0.08
CA ARG A 8 3.45 -5.87 0.01
C ARG A 8 3.06 -5.01 -1.19
N ILE A 9 2.76 -3.76 -0.97
CA ILE A 9 2.38 -2.87 -2.10
C ILE A 9 3.44 -1.79 -2.29
N LYS A 10 3.88 -1.58 -3.50
CA LYS A 10 4.93 -0.54 -3.74
C LYS A 10 4.25 0.76 -4.22
N LEU A 11 4.51 1.85 -3.54
CA LEU A 11 3.90 3.14 -3.95
C LEU A 11 4.97 4.03 -4.60
N LYS A 12 4.68 4.57 -5.75
CA LYS A 12 5.68 5.45 -6.43
C LYS A 12 5.01 6.75 -6.86
N ALA A 13 5.65 7.86 -6.60
CA ALA A 13 5.05 9.18 -6.99
C ALA A 13 6.12 10.26 -6.97
N TYR A 14 6.07 11.19 -7.87
CA TYR A 14 7.08 12.28 -7.89
C TYR A 14 7.04 13.06 -6.59
N ASP A 15 5.86 13.35 -6.10
CA ASP A 15 5.74 14.11 -4.82
C ASP A 15 5.57 13.13 -3.66
N HIS A 16 6.47 13.14 -2.73
CA HIS A 16 6.35 12.21 -1.56
C HIS A 16 5.07 12.51 -0.80
N GLU A 17 4.75 13.76 -0.63
CA GLU A 17 3.50 14.12 0.11
C GLU A 17 2.31 13.34 -0.48
N LEU A 18 2.13 13.41 -1.76
CA LEU A 18 0.99 12.68 -2.39
C LEU A 18 1.14 11.18 -2.10
N LEU A 19 2.33 10.65 -2.23
CA LEU A 19 2.54 9.21 -1.95
C LEU A 19 2.30 8.93 -0.46
N ASP A 20 2.55 9.90 0.38
CA ASP A 20 2.33 9.70 1.83
C ASP A 20 0.83 9.55 2.11
N GLU A 21 0.02 10.33 1.47
CA GLU A 21 -1.45 10.24 1.70
C GLU A 21 -1.97 8.93 1.11
N SER A 22 -1.42 8.50 0.01
CA SER A 22 -1.89 7.23 -0.62
C SER A 22 -1.62 6.07 0.33
N ALA A 23 -0.49 6.07 0.99
CA ALA A 23 -0.17 4.96 1.93
C ALA A 23 -1.07 5.05 3.16
N LYS A 24 -1.37 6.24 3.61
CA LYS A 24 -2.24 6.39 4.81
C LYS A 24 -3.65 5.90 4.48
N LYS A 25 -4.14 6.19 3.30
CA LYS A 25 -5.50 5.75 2.92
C LYS A 25 -5.55 4.21 2.86
N ILE A 26 -4.56 3.60 2.27
CA ILE A 26 -4.55 2.12 2.17
C ILE A 26 -4.32 1.53 3.57
N VAL A 27 -3.46 2.12 4.34
CA VAL A 27 -3.19 1.58 5.71
C VAL A 27 -4.48 1.62 6.53
N GLU A 28 -5.21 2.70 6.46
CA GLU A 28 -6.48 2.80 7.24
C GLU A 28 -7.48 1.76 6.74
N VAL A 29 -7.52 1.53 5.46
CA VAL A 29 -8.48 0.53 4.91
C VAL A 29 -8.01 -0.88 5.28
N ALA A 30 -6.73 -1.13 5.21
CA ALA A 30 -6.21 -2.47 5.54
C ALA A 30 -6.43 -2.75 7.03
N LYS A 31 -6.10 -1.80 7.87
CA LYS A 31 -6.29 -2.01 9.34
C LYS A 31 -7.77 -2.26 9.63
N SER A 32 -8.65 -1.58 8.96
CA SER A 32 -10.11 -1.78 9.19
C SER A 32 -10.47 -3.24 8.89
N THR A 33 -9.81 -3.85 7.94
CA THR A 33 -10.12 -5.26 7.61
C THR A 33 -9.50 -6.19 8.66
N ASN A 34 -9.93 -7.42 8.71
CA ASN A 34 -9.35 -8.37 9.71
C ASN A 34 -7.84 -8.44 9.53
N SER A 35 -7.37 -8.36 8.31
CA SER A 35 -5.90 -8.42 8.08
C SER A 35 -5.24 -7.18 8.67
N LYS A 36 -3.97 -7.26 8.96
CA LYS A 36 -3.26 -6.08 9.53
C LYS A 36 -2.26 -5.52 8.52
N VAL A 37 -2.04 -4.25 8.52
CA VAL A 37 -1.07 -3.65 7.55
C VAL A 37 0.10 -3.03 8.30
N SER A 38 1.27 -3.06 7.72
CA SER A 38 2.46 -2.47 8.41
C SER A 38 3.10 -1.43 7.49
N GLY A 39 3.61 -0.37 8.06
CA GLY A 39 4.25 0.69 7.22
C GLY A 39 3.52 2.01 7.41
N PRO A 40 3.59 2.89 6.41
CA PRO A 40 4.33 2.62 5.17
C PRO A 40 5.84 2.62 5.41
N ILE A 41 6.56 1.76 4.73
CA ILE A 41 8.04 1.72 4.93
C ILE A 41 8.71 2.59 3.87
N PRO A 42 9.58 3.52 4.31
CA PRO A 42 10.30 4.43 3.40
C PRO A 42 11.36 3.69 2.59
N LEU A 43 11.47 4.00 1.33
CA LEU A 43 12.49 3.32 0.48
C LEU A 43 13.32 4.38 -0.24
N PRO A 44 14.34 3.94 -0.99
CA PRO A 44 15.23 4.84 -1.75
C PRO A 44 14.49 5.50 -2.91
N THR A 45 14.76 6.76 -3.17
CA THR A 45 14.08 7.45 -4.30
C THR A 45 14.97 7.40 -5.54
N GLU A 46 14.39 7.63 -6.69
CA GLU A 46 15.20 7.61 -7.95
C GLU A 46 15.07 8.95 -8.67
N SER A 47 16.17 9.55 -9.03
CA SER A 47 16.10 10.86 -9.75
C SER A 47 15.21 11.82 -8.96
N ARG A 48 13.94 11.84 -9.24
CA ARG A 48 13.02 12.76 -8.51
C ARG A 48 11.72 12.02 -8.17
N VAL A 49 11.79 10.75 -7.94
CA VAL A 49 10.55 9.97 -7.62
C VAL A 49 10.73 9.28 -6.27
N HIS A 50 9.77 9.42 -5.39
CA HIS A 50 9.88 8.78 -4.06
C HIS A 50 9.29 7.36 -4.12
N LYS A 51 9.81 6.45 -3.34
CA LYS A 51 9.27 5.06 -3.37
C LYS A 51 8.88 4.63 -1.96
N ARG A 52 7.69 4.14 -1.79
CA ARG A 52 7.25 3.69 -0.44
C ARG A 52 6.74 2.25 -0.52
N LEU A 53 6.97 1.47 0.49
CA LEU A 53 6.51 0.05 0.47
C LEU A 53 5.57 -0.20 1.65
N ILE A 54 4.52 -0.94 1.43
CA ILE A 54 3.57 -1.23 2.54
C ILE A 54 3.45 -2.75 2.73
N ASP A 55 3.74 -3.24 3.89
CA ASP A 55 3.65 -4.71 4.13
C ASP A 55 2.27 -5.07 4.69
N ILE A 56 1.75 -6.21 4.32
CA ILE A 56 0.41 -6.61 4.83
C ILE A 56 0.53 -7.97 5.52
N ILE A 57 0.02 -8.09 6.72
CA ILE A 57 0.11 -9.39 7.44
C ILE A 57 -1.27 -10.06 7.48
N ASP A 58 -1.32 -11.35 7.33
CA ASP A 58 -2.63 -12.05 7.38
C ASP A 58 -3.64 -11.32 6.48
N PRO A 59 -3.34 -11.23 5.17
CA PRO A 59 -4.21 -10.56 4.21
C PRO A 59 -5.51 -11.34 3.97
N SER A 60 -6.60 -10.66 3.80
CA SER A 60 -7.89 -11.37 3.56
C SER A 60 -8.55 -10.83 2.29
N PRO A 61 -9.59 -11.52 1.80
CA PRO A 61 -10.31 -11.11 0.59
C PRO A 61 -11.08 -9.81 0.81
N LYS A 62 -11.48 -9.53 2.01
CA LYS A 62 -12.21 -8.28 2.29
C LYS A 62 -11.32 -7.08 1.96
N THR A 63 -10.03 -7.27 2.03
CA THR A 63 -9.11 -6.14 1.71
C THR A 63 -9.19 -5.81 0.22
N ILE A 64 -9.22 -6.82 -0.61
CA ILE A 64 -9.32 -6.56 -2.08
C ILE A 64 -10.64 -5.85 -2.39
N ASP A 65 -11.71 -6.27 -1.76
CA ASP A 65 -13.01 -5.61 -2.02
C ASP A 65 -12.89 -4.11 -1.73
N ALA A 66 -12.25 -3.76 -0.65
CA ALA A 66 -12.10 -2.31 -0.31
C ALA A 66 -11.20 -1.65 -1.35
N LEU A 67 -10.22 -2.35 -1.84
CA LEU A 67 -9.31 -1.77 -2.86
C LEU A 67 -10.11 -1.45 -4.14
N MET A 68 -11.17 -2.18 -4.37
CA MET A 68 -12.00 -1.93 -5.57
C MET A 68 -12.95 -0.76 -5.30
N ARG A 69 -13.34 -0.58 -4.06
CA ARG A 69 -14.26 0.53 -3.72
C ARG A 69 -13.48 1.85 -3.70
N ILE A 70 -12.20 1.77 -3.51
CA ILE A 70 -11.37 3.01 -3.47
C ILE A 70 -10.33 2.96 -4.59
N ASN A 71 -10.20 4.02 -5.35
CA ASN A 71 -9.21 4.03 -6.46
C ASN A 71 -8.03 4.92 -6.09
N LEU A 72 -6.83 4.50 -6.38
CA LEU A 72 -5.64 5.32 -6.05
C LEU A 72 -5.76 6.70 -6.72
N PRO A 73 -5.22 7.74 -6.08
CA PRO A 73 -5.26 9.11 -6.61
C PRO A 73 -4.37 9.26 -7.85
N ALA A 74 -4.78 10.08 -8.78
CA ALA A 74 -3.95 10.27 -10.01
C ALA A 74 -2.58 10.82 -9.63
N GLY A 75 -1.57 10.51 -10.39
CA GLY A 75 -0.20 11.01 -10.06
C GLY A 75 0.55 9.96 -9.25
N VAL A 76 0.01 8.78 -9.15
CA VAL A 76 0.70 7.71 -8.36
C VAL A 76 0.89 6.48 -9.25
N ASP A 77 1.95 5.74 -9.02
CA ASP A 77 2.20 4.53 -9.85
C ASP A 77 2.28 3.29 -8.95
N VAL A 78 1.85 2.16 -9.43
CA VAL A 78 1.89 0.93 -8.60
C VAL A 78 2.64 -0.17 -9.36
N GLU A 79 3.57 -0.83 -8.72
CA GLU A 79 4.33 -1.91 -9.40
C GLU A 79 4.00 -3.25 -8.77
N ILE A 80 3.67 -4.24 -9.57
CA ILE A 80 3.33 -5.57 -9.00
C ILE A 80 4.23 -6.63 -9.64
N LYS A 81 4.81 -7.49 -8.84
CA LYS A 81 5.69 -8.55 -9.42
C LYS A 81 4.89 -9.40 -10.41
N LEU A 82 3.64 -9.61 -10.14
CA LEU A 82 2.80 -10.42 -11.06
C LEU A 82 2.62 -9.68 -12.39
N SER A 1 -5.83 -20.69 6.16
CA SER A 1 -4.63 -19.85 5.86
C SER A 1 -3.76 -19.73 7.12
N MET A 2 -2.58 -20.31 7.10
CA MET A 2 -1.70 -20.23 8.29
C MET A 2 -1.43 -18.76 8.63
N GLY A 3 -1.33 -17.91 7.63
CA GLY A 3 -1.07 -16.47 7.90
C GLY A 3 0.43 -16.22 7.88
N GLY A 4 1.20 -17.19 7.46
CA GLY A 4 2.68 -17.00 7.42
C GLY A 4 3.07 -16.28 6.12
N GLN A 5 2.10 -15.82 5.38
CA GLN A 5 2.41 -15.12 4.10
C GLN A 5 2.08 -13.64 4.23
N LYS A 6 2.84 -12.79 3.61
CA LYS A 6 2.55 -11.32 3.69
C LYS A 6 2.64 -10.70 2.31
N ILE A 7 1.91 -9.64 2.07
CA ILE A 7 1.96 -8.99 0.74
C ILE A 7 2.50 -7.56 0.88
N ARG A 8 3.34 -7.14 -0.01
CA ARG A 8 3.90 -5.76 0.08
C ARG A 8 3.55 -4.98 -1.19
N ILE A 9 3.13 -3.75 -1.06
CA ILE A 9 2.79 -2.95 -2.25
C ILE A 9 3.70 -1.73 -2.33
N LYS A 10 4.21 -1.41 -3.49
CA LYS A 10 5.11 -0.24 -3.63
C LYS A 10 4.35 0.91 -4.29
N LEU A 11 4.52 2.10 -3.80
CA LEU A 11 3.80 3.27 -4.40
C LEU A 11 4.79 4.11 -5.19
N LYS A 12 4.41 4.54 -6.36
CA LYS A 12 5.34 5.38 -7.18
C LYS A 12 4.72 6.76 -7.41
N ALA A 13 5.46 7.80 -7.14
CA ALA A 13 4.91 9.17 -7.35
C ALA A 13 6.06 10.19 -7.29
N TYR A 14 6.00 11.21 -8.09
CA TYR A 14 7.08 12.24 -8.07
C TYR A 14 7.12 12.91 -6.70
N ASP A 15 5.98 13.18 -6.12
CA ASP A 15 5.96 13.84 -4.79
C ASP A 15 5.85 12.77 -3.70
N HIS A 16 6.80 12.71 -2.81
CA HIS A 16 6.75 11.70 -1.72
C HIS A 16 5.57 11.99 -0.81
N GLU A 17 5.27 13.24 -0.59
CA GLU A 17 4.13 13.59 0.29
C GLU A 17 2.85 12.93 -0.23
N LEU A 18 2.67 12.90 -1.52
CA LEU A 18 1.45 12.26 -2.10
C LEU A 18 1.45 10.77 -1.74
N LEU A 19 2.59 10.13 -1.83
CA LEU A 19 2.66 8.68 -1.51
C LEU A 19 2.27 8.46 -0.04
N ASP A 20 2.70 9.33 0.83
CA ASP A 20 2.35 9.17 2.27
C ASP A 20 0.84 9.25 2.45
N GLU A 21 0.20 10.21 1.82
CA GLU A 21 -1.28 10.34 1.95
C GLU A 21 -1.93 9.09 1.36
N SER A 22 -1.58 8.72 0.17
CA SER A 22 -2.19 7.52 -0.46
C SER A 22 -1.95 6.30 0.45
N ALA A 23 -0.75 6.15 0.95
CA ALA A 23 -0.46 5.00 1.84
C ALA A 23 -1.33 5.08 3.10
N LYS A 24 -1.35 6.21 3.74
CA LYS A 24 -2.18 6.35 4.97
C LYS A 24 -3.64 6.02 4.65
N LYS A 25 -4.11 6.46 3.51
CA LYS A 25 -5.53 6.16 3.14
C LYS A 25 -5.73 4.64 3.03
N ILE A 26 -4.86 3.97 2.33
CA ILE A 26 -5.00 2.48 2.20
C ILE A 26 -4.76 1.83 3.56
N VAL A 27 -3.79 2.31 4.30
CA VAL A 27 -3.51 1.71 5.63
C VAL A 27 -4.77 1.75 6.50
N GLU A 28 -5.43 2.88 6.54
CA GLU A 28 -6.66 2.99 7.37
C GLU A 28 -7.70 1.97 6.87
N VAL A 29 -7.83 1.83 5.58
CA VAL A 29 -8.82 0.87 5.03
C VAL A 29 -8.33 -0.57 5.28
N ALA A 30 -7.05 -0.79 5.12
CA ALA A 30 -6.52 -2.17 5.34
C ALA A 30 -6.64 -2.53 6.83
N LYS A 31 -6.24 -1.64 7.69
CA LYS A 31 -6.34 -1.93 9.16
C LYS A 31 -7.80 -2.20 9.52
N SER A 32 -8.71 -1.46 8.97
CA SER A 32 -10.15 -1.66 9.29
C SER A 32 -10.55 -3.08 8.89
N THR A 33 -9.88 -3.66 7.92
CA THR A 33 -10.23 -5.03 7.49
C THR A 33 -9.56 -6.04 8.43
N ASN A 34 -10.03 -7.27 8.42
CA ASN A 34 -9.43 -8.29 9.31
C ASN A 34 -7.93 -8.38 9.04
N SER A 35 -7.51 -8.16 7.82
CA SER A 35 -6.06 -8.22 7.51
C SER A 35 -5.32 -7.09 8.21
N LYS A 36 -4.10 -7.31 8.60
CA LYS A 36 -3.33 -6.23 9.29
C LYS A 36 -2.34 -5.62 8.30
N VAL A 37 -2.07 -4.34 8.43
CA VAL A 37 -1.11 -3.69 7.50
C VAL A 37 0.05 -3.09 8.29
N SER A 38 1.21 -3.01 7.70
CA SER A 38 2.38 -2.42 8.42
C SER A 38 3.03 -1.36 7.54
N GLY A 39 3.49 -0.29 8.14
CA GLY A 39 4.13 0.79 7.33
C GLY A 39 3.42 2.11 7.60
N PRO A 40 3.43 3.01 6.60
CA PRO A 40 4.08 2.76 5.31
C PRO A 40 5.61 2.78 5.43
N ILE A 41 6.27 1.90 4.73
CA ILE A 41 7.76 1.86 4.82
C ILE A 41 8.35 2.73 3.70
N PRO A 42 9.30 3.61 4.06
CA PRO A 42 9.95 4.51 3.10
C PRO A 42 10.86 3.76 2.14
N LEU A 43 10.59 3.84 0.86
CA LEU A 43 11.44 3.13 -0.13
C LEU A 43 12.54 4.08 -0.64
N PRO A 44 13.54 3.51 -1.33
CA PRO A 44 14.66 4.30 -1.88
C PRO A 44 14.19 5.24 -2.99
N THR A 45 14.58 6.48 -2.94
CA THR A 45 14.16 7.45 -4.00
C THR A 45 15.10 7.33 -5.20
N GLU A 46 14.60 7.63 -6.38
CA GLU A 46 15.45 7.55 -7.60
C GLU A 46 15.42 8.89 -8.32
N SER A 47 16.59 9.44 -8.60
CA SER A 47 16.64 10.75 -9.30
C SER A 47 15.71 11.74 -8.59
N ARG A 48 14.49 11.83 -9.02
CA ARG A 48 13.54 12.79 -8.36
C ARG A 48 12.19 12.09 -8.13
N VAL A 49 12.19 10.78 -8.11
CA VAL A 49 10.91 10.06 -7.89
C VAL A 49 10.94 9.37 -6.51
N HIS A 50 9.91 9.53 -5.74
CA HIS A 50 9.88 8.90 -4.39
C HIS A 50 8.93 7.71 -4.41
N LYS A 51 9.21 6.68 -3.66
CA LYS A 51 8.31 5.50 -3.65
C LYS A 51 8.08 5.04 -2.21
N ARG A 52 6.99 4.37 -1.95
CA ARG A 52 6.70 3.90 -0.57
C ARG A 52 6.36 2.41 -0.60
N LEU A 53 6.62 1.71 0.46
CA LEU A 53 6.30 0.25 0.49
C LEU A 53 5.40 -0.07 1.69
N ILE A 54 4.34 -0.77 1.47
CA ILE A 54 3.43 -1.11 2.60
C ILE A 54 3.39 -2.62 2.80
N ASP A 55 3.70 -3.09 3.98
CA ASP A 55 3.70 -4.56 4.22
C ASP A 55 2.31 -4.99 4.70
N ILE A 56 1.81 -6.09 4.21
CA ILE A 56 0.47 -6.56 4.63
C ILE A 56 0.61 -7.92 5.33
N ILE A 57 0.03 -8.07 6.48
CA ILE A 57 0.12 -9.37 7.21
C ILE A 57 -1.24 -10.05 7.25
N ASP A 58 -1.28 -11.34 7.04
CA ASP A 58 -2.58 -12.06 7.06
C ASP A 58 -3.57 -11.37 6.12
N PRO A 59 -3.24 -11.32 4.82
CA PRO A 59 -4.09 -10.69 3.81
C PRO A 59 -5.36 -11.51 3.55
N SER A 60 -6.49 -10.85 3.45
CA SER A 60 -7.76 -11.59 3.19
C SER A 60 -8.48 -10.97 2.00
N PRO A 61 -9.58 -11.60 1.54
CA PRO A 61 -10.37 -11.11 0.41
C PRO A 61 -11.09 -9.81 0.75
N LYS A 62 -11.35 -9.57 2.01
CA LYS A 62 -12.04 -8.32 2.40
C LYS A 62 -11.19 -7.12 1.99
N THR A 63 -9.90 -7.32 1.89
CA THR A 63 -9.00 -6.19 1.49
C THR A 63 -9.20 -5.89 0.01
N ILE A 64 -9.36 -6.92 -0.80
CA ILE A 64 -9.55 -6.68 -2.26
C ILE A 64 -10.85 -5.89 -2.48
N ASP A 65 -11.89 -6.24 -1.77
CA ASP A 65 -13.17 -5.51 -1.94
C ASP A 65 -12.97 -4.04 -1.56
N ALA A 66 -12.27 -3.78 -0.49
CA ALA A 66 -12.05 -2.36 -0.08
C ALA A 66 -11.16 -1.67 -1.12
N LEU A 67 -10.21 -2.37 -1.66
CA LEU A 67 -9.31 -1.76 -2.68
C LEU A 67 -10.13 -1.37 -3.91
N MET A 68 -11.07 -2.20 -4.29
CA MET A 68 -11.91 -1.87 -5.48
C MET A 68 -12.80 -0.68 -5.16
N ARG A 69 -13.22 -0.55 -3.92
CA ARG A 69 -14.09 0.59 -3.55
C ARG A 69 -13.27 1.88 -3.51
N ILE A 70 -12.00 1.78 -3.21
CA ILE A 70 -11.15 3.00 -3.16
C ILE A 70 -10.18 2.99 -4.35
N ASN A 71 -10.02 4.11 -5.00
CA ASN A 71 -9.10 4.17 -6.16
C ASN A 71 -7.87 5.01 -5.80
N LEU A 72 -6.71 4.58 -6.20
CA LEU A 72 -5.48 5.37 -5.88
C LEU A 72 -5.57 6.75 -6.53
N PRO A 73 -4.93 7.75 -5.91
CA PRO A 73 -4.93 9.13 -6.42
C PRO A 73 -4.12 9.26 -7.71
N ALA A 74 -4.51 10.14 -8.58
CA ALA A 74 -3.76 10.32 -9.86
C ALA A 74 -2.32 10.69 -9.55
N GLY A 75 -1.39 10.26 -10.38
CA GLY A 75 0.04 10.58 -10.12
C GLY A 75 0.67 9.50 -9.25
N VAL A 76 -0.05 8.44 -8.97
CA VAL A 76 0.51 7.36 -8.13
C VAL A 76 0.34 6.02 -8.85
N ASP A 77 1.25 5.10 -8.64
CA ASP A 77 1.13 3.77 -9.31
C ASP A 77 1.49 2.67 -8.31
N VAL A 78 0.97 1.49 -8.51
CA VAL A 78 1.27 0.37 -7.57
C VAL A 78 1.38 -0.94 -8.35
N GLU A 79 2.22 -1.83 -7.93
CA GLU A 79 2.37 -3.12 -8.65
C GLU A 79 1.89 -4.27 -7.75
N ILE A 80 1.00 -5.09 -8.25
CA ILE A 80 0.49 -6.22 -7.43
C ILE A 80 1.63 -7.21 -7.16
N LYS A 81 2.46 -7.44 -8.13
CA LYS A 81 3.60 -8.40 -7.92
C LYS A 81 4.49 -7.89 -6.80
N LEU A 82 4.64 -6.59 -6.68
CA LEU A 82 5.50 -6.04 -5.59
C LEU A 82 5.46 -4.51 -5.64
N SER A 1 1.59 -19.12 13.87
CA SER A 1 1.89 -18.19 12.75
C SER A 1 0.84 -17.08 12.69
N MET A 2 1.26 -15.85 12.76
CA MET A 2 0.29 -14.73 12.72
C MET A 2 -0.52 -14.79 11.42
N GLY A 3 0.10 -15.21 10.35
CA GLY A 3 -0.62 -15.29 9.06
C GLY A 3 0.09 -16.30 8.14
N GLY A 4 -0.40 -16.47 6.94
CA GLY A 4 0.24 -17.44 6.00
C GLY A 4 1.26 -16.69 5.14
N GLN A 5 0.81 -15.90 4.21
CA GLN A 5 1.74 -15.15 3.32
C GLN A 5 1.57 -13.65 3.57
N LYS A 6 2.59 -12.87 3.30
CA LYS A 6 2.48 -11.40 3.51
C LYS A 6 2.45 -10.70 2.16
N ILE A 7 1.71 -9.63 2.05
CA ILE A 7 1.63 -8.89 0.75
C ILE A 7 2.24 -7.50 0.92
N ARG A 8 3.02 -7.07 -0.01
CA ARG A 8 3.65 -5.71 0.10
C ARG A 8 3.27 -4.87 -1.12
N ILE A 9 2.92 -3.63 -0.92
CA ILE A 9 2.54 -2.77 -2.07
C ILE A 9 3.58 -1.66 -2.24
N LYS A 10 4.03 -1.44 -3.45
CA LYS A 10 5.04 -0.36 -3.69
C LYS A 10 4.35 0.86 -4.28
N LEU A 11 4.46 1.98 -3.64
CA LEU A 11 3.81 3.22 -4.17
C LEU A 11 4.88 4.12 -4.78
N LYS A 12 4.71 4.51 -6.02
CA LYS A 12 5.71 5.41 -6.66
C LYS A 12 5.04 6.70 -7.12
N ALA A 13 5.67 7.83 -6.91
CA ALA A 13 5.07 9.12 -7.34
C ALA A 13 6.11 10.23 -7.24
N TYR A 14 6.05 11.19 -8.13
CA TYR A 14 7.03 12.31 -8.08
C TYR A 14 7.08 12.90 -6.68
N ASP A 15 5.95 13.26 -6.14
CA ASP A 15 5.94 13.85 -4.77
C ASP A 15 5.82 12.74 -3.73
N HIS A 16 6.68 12.75 -2.74
CA HIS A 16 6.62 11.68 -1.70
C HIS A 16 5.42 11.94 -0.77
N GLU A 17 5.04 13.17 -0.61
CA GLU A 17 3.88 13.49 0.28
C GLU A 17 2.62 12.80 -0.28
N LEU A 18 2.48 12.78 -1.57
CA LEU A 18 1.27 12.13 -2.16
C LEU A 18 1.29 10.63 -1.84
N LEU A 19 2.44 10.04 -1.82
CA LEU A 19 2.52 8.58 -1.51
C LEU A 19 2.19 8.35 -0.03
N ASP A 20 2.59 9.25 0.82
CA ASP A 20 2.29 9.10 2.27
C ASP A 20 0.79 9.22 2.50
N GLU A 21 0.15 10.14 1.83
CA GLU A 21 -1.32 10.31 2.00
C GLU A 21 -2.04 9.08 1.44
N SER A 22 -1.62 8.61 0.30
CA SER A 22 -2.29 7.42 -0.30
C SER A 22 -2.03 6.20 0.57
N ALA A 23 -0.86 6.12 1.16
CA ALA A 23 -0.55 4.96 2.04
C ALA A 23 -1.40 5.03 3.30
N LYS A 24 -1.60 6.20 3.83
CA LYS A 24 -2.43 6.33 5.06
C LYS A 24 -3.85 5.83 4.79
N LYS A 25 -4.41 6.21 3.67
CA LYS A 25 -5.79 5.75 3.34
C LYS A 25 -5.81 4.22 3.25
N ILE A 26 -4.86 3.64 2.57
CA ILE A 26 -4.83 2.16 2.44
C ILE A 26 -4.57 1.53 3.81
N VAL A 27 -3.70 2.11 4.59
CA VAL A 27 -3.42 1.54 5.94
C VAL A 27 -4.69 1.59 6.79
N GLU A 28 -5.40 2.69 6.76
CA GLU A 28 -6.64 2.80 7.57
C GLU A 28 -7.67 1.79 7.04
N VAL A 29 -7.87 1.74 5.76
CA VAL A 29 -8.86 0.79 5.19
C VAL A 29 -8.37 -0.65 5.40
N ALA A 30 -7.11 -0.89 5.16
CA ALA A 30 -6.57 -2.27 5.35
C ALA A 30 -6.69 -2.67 6.82
N LYS A 31 -6.28 -1.81 7.71
CA LYS A 31 -6.38 -2.14 9.17
C LYS A 31 -7.82 -2.51 9.51
N SER A 32 -8.77 -1.81 8.96
CA SER A 32 -10.19 -2.13 9.26
C SER A 32 -10.48 -3.60 8.93
N THR A 33 -9.80 -4.14 7.96
CA THR A 33 -10.01 -5.57 7.59
C THR A 33 -9.29 -6.47 8.59
N ASN A 34 -9.65 -7.72 8.65
CA ASN A 34 -8.97 -8.64 9.61
C ASN A 34 -7.47 -8.66 9.33
N SER A 35 -7.09 -8.42 8.11
CA SER A 35 -5.63 -8.43 7.77
C SER A 35 -4.97 -7.20 8.40
N LYS A 36 -3.73 -7.32 8.78
CA LYS A 36 -3.01 -6.17 9.40
C LYS A 36 -2.00 -5.59 8.40
N VAL A 37 -1.73 -4.32 8.48
CA VAL A 37 -0.75 -3.71 7.55
C VAL A 37 0.38 -3.05 8.34
N SER A 38 1.59 -3.16 7.87
CA SER A 38 2.73 -2.56 8.60
C SER A 38 3.40 -1.49 7.72
N GLY A 39 3.82 -0.40 8.29
CA GLY A 39 4.47 0.67 7.49
C GLY A 39 3.74 2.00 7.72
N PRO A 40 3.73 2.87 6.70
CA PRO A 40 4.38 2.59 5.42
C PRO A 40 5.91 2.60 5.54
N ILE A 41 6.58 1.77 4.79
CA ILE A 41 8.07 1.73 4.85
C ILE A 41 8.65 2.64 3.77
N PRO A 42 9.50 3.59 4.17
CA PRO A 42 10.13 4.53 3.23
C PRO A 42 11.18 3.85 2.34
N LEU A 43 10.97 3.86 1.05
CA LEU A 43 11.94 3.22 0.14
C LEU A 43 12.87 4.29 -0.45
N PRO A 44 13.96 3.85 -1.10
CA PRO A 44 14.94 4.76 -1.72
C PRO A 44 14.34 5.50 -2.92
N THR A 45 14.77 6.71 -3.15
CA THR A 45 14.23 7.49 -4.30
C THR A 45 15.24 7.47 -5.45
N GLU A 46 14.81 7.79 -6.64
CA GLU A 46 15.74 7.80 -7.80
C GLU A 46 15.64 9.12 -8.54
N SER A 47 16.74 9.79 -8.77
CA SER A 47 16.68 11.10 -9.49
C SER A 47 15.72 12.04 -8.77
N ARG A 48 14.47 11.98 -9.11
CA ARG A 48 13.47 12.88 -8.43
C ARG A 48 12.16 12.12 -8.24
N VAL A 49 12.22 10.84 -7.99
CA VAL A 49 10.98 10.05 -7.78
C VAL A 49 11.03 9.37 -6.42
N HIS A 50 9.99 9.49 -5.64
CA HIS A 50 9.98 8.85 -4.30
C HIS A 50 9.09 7.60 -4.35
N LYS A 51 9.41 6.60 -3.56
CA LYS A 51 8.58 5.36 -3.57
C LYS A 51 8.36 4.88 -2.14
N ARG A 52 7.21 4.34 -1.85
CA ARG A 52 6.93 3.86 -0.48
C ARG A 52 6.51 2.38 -0.52
N LEU A 53 6.76 1.66 0.53
CA LEU A 53 6.39 0.21 0.54
C LEU A 53 5.52 -0.08 1.76
N ILE A 54 4.46 -0.81 1.58
CA ILE A 54 3.57 -1.14 2.74
C ILE A 54 3.48 -2.66 2.89
N ASP A 55 3.80 -3.16 4.06
CA ASP A 55 3.74 -4.64 4.27
C ASP A 55 2.35 -5.02 4.78
N ILE A 56 1.87 -6.17 4.40
CA ILE A 56 0.52 -6.60 4.86
C ILE A 56 0.63 -8.00 5.48
N ILE A 57 0.17 -8.16 6.69
CA ILE A 57 0.25 -9.50 7.34
C ILE A 57 -1.14 -10.13 7.41
N ASP A 58 -1.24 -11.40 7.16
CA ASP A 58 -2.57 -12.07 7.22
C ASP A 58 -3.55 -11.33 6.32
N PRO A 59 -3.27 -11.28 5.01
CA PRO A 59 -4.12 -10.60 4.03
C PRO A 59 -5.45 -11.35 3.82
N SER A 60 -6.52 -10.63 3.66
CA SER A 60 -7.84 -11.31 3.45
C SER A 60 -8.51 -10.73 2.20
N PRO A 61 -9.56 -11.41 1.72
CA PRO A 61 -10.31 -10.97 0.53
C PRO A 61 -11.08 -9.69 0.79
N LYS A 62 -11.36 -9.39 2.03
CA LYS A 62 -12.10 -8.14 2.35
C LYS A 62 -11.22 -6.93 2.02
N THR A 63 -9.93 -7.10 2.03
CA THR A 63 -9.01 -5.97 1.72
C THR A 63 -9.11 -5.64 0.23
N ILE A 64 -9.15 -6.64 -0.61
CA ILE A 64 -9.23 -6.39 -2.07
C ILE A 64 -10.57 -5.70 -2.39
N ASP A 65 -11.64 -6.14 -1.76
CA ASP A 65 -12.96 -5.51 -2.02
C ASP A 65 -12.88 -4.01 -1.71
N ALA A 66 -12.30 -3.66 -0.60
CA ALA A 66 -12.19 -2.22 -0.24
C ALA A 66 -11.37 -1.48 -1.30
N LEU A 67 -10.36 -2.12 -1.81
CA LEU A 67 -9.52 -1.45 -2.86
C LEU A 67 -10.36 -1.19 -4.10
N MET A 68 -11.21 -2.13 -4.46
CA MET A 68 -12.06 -1.93 -5.67
C MET A 68 -13.06 -0.80 -5.40
N ARG A 69 -13.45 -0.63 -4.16
CA ARG A 69 -14.43 0.45 -3.84
C ARG A 69 -13.72 1.80 -3.90
N ILE A 70 -12.45 1.83 -3.61
CA ILE A 70 -11.71 3.12 -3.65
C ILE A 70 -10.74 3.12 -4.83
N ASN A 71 -10.66 4.22 -5.55
CA ASN A 71 -9.75 4.28 -6.72
C ASN A 71 -8.48 5.03 -6.32
N LEU A 72 -7.33 4.51 -6.69
CA LEU A 72 -6.05 5.20 -6.33
C LEU A 72 -6.02 6.59 -6.98
N PRO A 73 -5.35 7.54 -6.33
CA PRO A 73 -5.24 8.92 -6.83
C PRO A 73 -4.35 8.99 -8.08
N ALA A 74 -4.71 9.81 -9.03
CA ALA A 74 -3.89 9.92 -10.27
C ALA A 74 -2.53 10.53 -9.92
N GLY A 75 -1.51 10.18 -10.65
CA GLY A 75 -0.16 10.74 -10.37
C GLY A 75 0.64 9.75 -9.51
N VAL A 76 0.12 8.56 -9.32
CA VAL A 76 0.84 7.56 -8.49
C VAL A 76 0.85 6.21 -9.23
N ASP A 77 1.94 5.49 -9.14
CA ASP A 77 2.01 4.17 -9.82
C ASP A 77 2.02 3.05 -8.78
N VAL A 78 1.52 1.89 -9.12
CA VAL A 78 1.50 0.77 -8.16
C VAL A 78 1.97 -0.51 -8.86
N GLU A 79 2.71 -1.34 -8.18
CA GLU A 79 3.19 -2.61 -8.81
C GLU A 79 2.34 -3.78 -8.32
N ILE A 80 2.11 -4.75 -9.16
CA ILE A 80 1.28 -5.92 -8.74
C ILE A 80 2.19 -7.14 -8.61
N LYS A 81 2.09 -7.85 -7.51
CA LYS A 81 2.94 -9.06 -7.33
C LYS A 81 2.63 -10.07 -8.44
N LEU A 82 1.40 -10.15 -8.87
CA LEU A 82 1.05 -11.12 -9.94
C LEU A 82 0.34 -10.39 -11.07
#